data_7F82
#
_entry.id   7F82
#
_cell.length_a   89.280
_cell.length_b   92.860
_cell.length_c   90.500
_cell.angle_alpha   90.000
_cell.angle_beta   98.410
_cell.angle_gamma   90.000
#
_symmetry.space_group_name_H-M   'P 1 21 1'
#
loop_
_entity.id
_entity.type
_entity.pdbx_description
1 polymer Glucanase
2 branched beta-D-glucopyranose-(1-4)-beta-D-glucopyranose
3 branched beta-D-glucopyranose-(1-4)-beta-D-glucopyranose-(1-4)-beta-D-glucopyranose
4 branched beta-D-glucopyranose-(1-4)-beta-D-glucopyranose-(1-4)-beta-D-glucopyranose-(1-4)-beta-D-glucopyranose
5 non-polymer 'S,R MESO-TARTARIC ACID'
6 water water
#
_entity_poly.entity_id   1
_entity_poly.type   'polypeptide(L)'
_entity_poly.pdbx_seq_one_letter_code
;GSHMACTWPAWEHFKRAYISDGGRVIDPSDARKITTSEGQSYALFFALAADDRPMFDNVLEWTKDNLAQGDPGEHLPAWL
WGKKDENNWTVLDSNSASDADIWIAWSLLEAGRLWKEARYTTLGNALLNRIAKEEVVTVPGLGPMLLPGKVGFAEETVWR
LNPSYLPPQIARYLTRFGEPWTTLQETNHRLLLETAPKGFSPDWVRYEKSKGWQLAPDKTLISGYAAIRVYLWVGMMNDH
DAQKASLLERLKPMAALTAKKGVVPEKVDVATAQPRGDGPVGFAAALLPFLQDRDAQAVQRQKVADHFPGDDAYFSYVLT
LFGQGWDEHRFRFTPRGELQPDWGQACASSQ
;
_entity_poly.pdbx_strand_id   A,B,C,D
#
# COMPACT_ATOMS: atom_id res chain seq x y z
N CYS A 6 -39.95 -29.76 -7.73
CA CYS A 6 -39.53 -28.84 -6.68
C CYS A 6 -38.31 -29.37 -5.91
N THR A 7 -38.49 -30.14 -4.83
CA THR A 7 -37.35 -30.48 -4.01
C THR A 7 -36.84 -31.90 -4.27
N TRP A 8 -35.55 -32.09 -3.93
CA TRP A 8 -34.93 -33.41 -3.97
C TRP A 8 -34.70 -33.85 -2.52
N PRO A 9 -35.55 -34.74 -1.97
CA PRO A 9 -35.49 -34.99 -0.52
C PRO A 9 -34.13 -35.42 0.00
N ALA A 10 -33.45 -36.31 -0.70
CA ALA A 10 -32.14 -36.76 -0.20
C ALA A 10 -31.14 -35.63 -0.16
N TRP A 11 -31.24 -34.67 -1.09
CA TRP A 11 -30.35 -33.51 -1.08
C TRP A 11 -30.73 -32.58 0.05
N GLU A 12 -32.04 -32.37 0.24
CA GLU A 12 -32.47 -31.53 1.37
C GLU A 12 -31.93 -32.09 2.68
N HIS A 13 -32.00 -33.41 2.85
CA HIS A 13 -31.47 -33.99 4.08
C HIS A 13 -29.95 -33.84 4.16
N PHE A 14 -29.26 -34.04 3.04
CA PHE A 14 -27.81 -33.86 3.03
C PHE A 14 -27.42 -32.46 3.48
N LYS A 15 -28.11 -31.44 2.96
CA LYS A 15 -27.83 -30.07 3.41
C LYS A 15 -27.96 -29.96 4.92
N ARG A 16 -29.04 -30.49 5.46
CA ARG A 16 -29.28 -30.35 6.90
C ARG A 16 -28.24 -31.12 7.73
N ALA A 17 -27.87 -32.34 7.30
CA ALA A 17 -27.09 -33.21 8.16
C ALA A 17 -25.58 -33.07 7.94
N TYR A 18 -25.14 -32.59 6.75
CA TYR A 18 -23.72 -32.57 6.42
C TYR A 18 -23.16 -31.22 6.07
N ILE A 19 -23.95 -30.19 5.83
CA ILE A 19 -23.39 -28.91 5.39
C ILE A 19 -23.55 -27.91 6.52
N SER A 20 -22.44 -27.25 6.88
CA SER A 20 -22.52 -26.27 7.95
C SER A 20 -23.31 -25.06 7.48
N ASP A 21 -23.75 -24.25 8.44
CA ASP A 21 -24.45 -23.01 8.11
C ASP A 21 -23.61 -22.14 7.16
N GLY A 22 -22.27 -22.15 7.36
CA GLY A 22 -21.35 -21.37 6.55
C GLY A 22 -21.01 -21.93 5.17
N GLY A 23 -21.49 -23.14 4.85
CA GLY A 23 -21.34 -23.69 3.52
C GLY A 23 -20.27 -24.75 3.32
N ARG A 24 -19.79 -25.40 4.39
CA ARG A 24 -18.78 -26.43 4.27
C ARG A 24 -19.40 -27.80 4.49
N VAL A 25 -19.04 -28.71 3.61
CA VAL A 25 -19.46 -30.12 3.75
C VAL A 25 -18.55 -30.80 4.75
N ILE A 26 -19.11 -31.36 5.82
CA ILE A 26 -18.30 -31.94 6.89
C ILE A 26 -18.38 -33.45 6.86
N ASP A 27 -17.24 -34.13 6.82
CA ASP A 27 -17.21 -35.58 6.99
C ASP A 27 -17.14 -35.86 8.48
N PRO A 28 -18.20 -36.35 9.10
CA PRO A 28 -18.19 -36.49 10.55
C PRO A 28 -17.33 -37.62 11.02
N SER A 29 -16.92 -38.52 10.15
CA SER A 29 -16.19 -39.69 10.60
C SER A 29 -14.72 -39.42 10.85
N ASP A 30 -14.27 -38.19 10.65
CA ASP A 30 -12.88 -37.85 10.90
C ASP A 30 -12.88 -36.99 12.16
N ALA A 31 -11.97 -37.29 13.08
CA ALA A 31 -11.94 -36.56 14.33
C ALA A 31 -11.61 -35.08 14.13
N ARG A 32 -11.03 -34.72 13.00
CA ARG A 32 -10.74 -33.34 12.65
C ARG A 32 -11.91 -32.68 11.96
N LYS A 33 -13.04 -33.41 11.80
CA LYS A 33 -14.29 -32.86 11.21
C LYS A 33 -13.99 -32.10 9.92
N ILE A 34 -13.46 -32.85 8.98
CA ILE A 34 -12.82 -32.28 7.79
C ILE A 34 -13.83 -31.84 6.75
N THR A 35 -13.39 -30.88 5.93
CA THR A 35 -13.96 -30.60 4.61
C THR A 35 -12.91 -30.93 3.57
N THR A 36 -13.31 -31.56 2.48
CA THR A 36 -12.45 -31.77 1.34
C THR A 36 -12.92 -30.95 0.16
N SER A 37 -11.97 -30.64 -0.74
CA SER A 37 -12.42 -30.01 -1.98
C SER A 37 -13.38 -30.91 -2.74
N GLU A 38 -13.21 -32.23 -2.65
CA GLU A 38 -14.16 -33.16 -3.27
C GLU A 38 -15.58 -32.91 -2.75
N GLY A 39 -15.74 -32.88 -1.43
CA GLY A 39 -17.05 -32.67 -0.85
C GLY A 39 -17.67 -31.37 -1.31
N GLN A 40 -16.88 -30.29 -1.32
CA GLN A 40 -17.37 -29.05 -1.86
C GLN A 40 -17.81 -29.20 -3.30
N SER A 41 -16.99 -29.87 -4.13
CA SER A 41 -17.27 -29.96 -5.56
C SER A 41 -18.57 -30.76 -5.78
N TYR A 42 -18.78 -31.83 -5.01
CA TYR A 42 -20.00 -32.63 -5.17
C TYR A 42 -21.21 -31.82 -4.71
N ALA A 43 -21.07 -31.06 -3.62
CA ALA A 43 -22.19 -30.20 -3.22
C ALA A 43 -22.52 -29.16 -4.27
N LEU A 44 -21.53 -28.58 -4.95
CA LEU A 44 -21.86 -27.68 -6.05
C LEU A 44 -22.67 -28.41 -7.13
N PHE A 45 -22.19 -29.60 -7.50
CA PHE A 45 -22.91 -30.35 -8.52
C PHE A 45 -24.35 -30.61 -8.10
N PHE A 46 -24.53 -31.13 -6.88
CA PHE A 46 -25.89 -31.46 -6.45
C PHE A 46 -26.75 -30.21 -6.33
N ALA A 47 -26.20 -29.10 -5.84
CA ALA A 47 -26.98 -27.88 -5.73
C ALA A 47 -27.41 -27.41 -7.11
N LEU A 48 -26.52 -27.51 -8.09
CA LEU A 48 -26.91 -27.15 -9.45
C LEU A 48 -28.00 -28.10 -9.95
N ALA A 49 -27.82 -29.40 -9.76
CA ALA A 49 -28.82 -30.34 -10.24
C ALA A 49 -30.17 -30.05 -9.62
N ALA A 50 -30.18 -29.68 -8.34
CA ALA A 50 -31.41 -29.40 -7.61
C ALA A 50 -31.96 -27.99 -7.89
N ASP A 51 -31.33 -27.20 -8.75
CA ASP A 51 -31.76 -25.82 -8.99
C ASP A 51 -31.78 -25.05 -7.67
N ASP A 52 -30.72 -25.20 -6.89
CA ASP A 52 -30.60 -24.64 -5.52
C ASP A 52 -29.47 -23.61 -5.53
N ARG A 53 -29.74 -22.45 -6.12
CA ARG A 53 -28.71 -21.41 -6.19
C ARG A 53 -28.28 -20.91 -4.82
N PRO A 54 -29.16 -20.76 -3.80
CA PRO A 54 -28.64 -20.33 -2.49
C PRO A 54 -27.58 -21.24 -1.89
N MET A 55 -27.79 -22.56 -1.92
CA MET A 55 -26.76 -23.44 -1.39
C MET A 55 -25.54 -23.49 -2.30
N PHE A 56 -25.75 -23.47 -3.64
CA PHE A 56 -24.61 -23.38 -4.57
C PHE A 56 -23.71 -22.22 -4.17
N ASP A 57 -24.31 -21.04 -3.95
CA ASP A 57 -23.48 -19.87 -3.60
C ASP A 57 -22.85 -20.03 -2.23
N ASN A 58 -23.58 -20.56 -1.25
CA ASN A 58 -23.04 -20.75 0.10
C ASN A 58 -21.81 -21.64 0.08
N VAL A 59 -21.91 -22.77 -0.62
CA VAL A 59 -20.78 -23.70 -0.78
C VAL A 59 -19.64 -23.06 -1.57
N LEU A 60 -19.98 -22.34 -2.67
CA LEU A 60 -18.94 -21.70 -3.48
C LEU A 60 -18.14 -20.70 -2.68
N GLU A 61 -18.84 -19.85 -1.93
CA GLU A 61 -18.14 -18.82 -1.17
C GLU A 61 -17.26 -19.45 -0.10
N TRP A 62 -17.76 -20.50 0.58
CA TRP A 62 -16.89 -21.15 1.56
C TRP A 62 -15.62 -21.70 0.91
N THR A 63 -15.80 -22.35 -0.23
CA THR A 63 -14.69 -22.94 -0.97
C THR A 63 -13.67 -21.88 -1.35
N LYS A 64 -14.16 -20.78 -1.94
CA LYS A 64 -13.27 -19.70 -2.35
C LYS A 64 -12.45 -19.24 -1.15
N ASP A 65 -13.14 -18.91 -0.05
CA ASP A 65 -12.47 -18.20 1.03
C ASP A 65 -11.56 -19.09 1.85
N ASN A 66 -11.94 -20.37 2.01
CA ASN A 66 -11.24 -21.23 2.94
C ASN A 66 -10.28 -22.19 2.27
N LEU A 67 -10.51 -22.55 1.00
CA LEU A 67 -9.60 -23.44 0.28
C LEU A 67 -8.76 -22.73 -0.76
N ALA A 68 -9.22 -21.58 -1.27
CA ALA A 68 -8.56 -21.02 -2.45
C ALA A 68 -8.08 -19.59 -2.24
N GLN A 69 -7.86 -19.20 -0.99
CA GLN A 69 -7.29 -17.87 -0.70
C GLN A 69 -8.13 -16.75 -1.32
N GLY A 70 -9.42 -16.99 -1.43
CA GLY A 70 -10.38 -16.07 -2.01
C GLY A 70 -10.70 -16.25 -3.48
N ASP A 71 -9.91 -17.04 -4.23
CA ASP A 71 -10.13 -17.00 -5.69
C ASP A 71 -9.56 -18.26 -6.34
N PRO A 72 -10.42 -19.26 -6.61
CA PRO A 72 -9.95 -20.48 -7.29
C PRO A 72 -9.35 -20.25 -8.65
N GLY A 73 -9.61 -19.11 -9.30
CA GLY A 73 -8.93 -18.80 -10.53
C GLY A 73 -7.46 -18.48 -10.35
N GLU A 74 -7.07 -18.04 -9.16
CA GLU A 74 -5.69 -17.70 -8.84
C GLU A 74 -4.98 -18.77 -8.01
N HIS A 75 -5.73 -19.65 -7.33
CA HIS A 75 -5.14 -20.65 -6.42
C HIS A 75 -6.01 -21.88 -6.51
N LEU A 76 -5.45 -23.00 -6.94
CA LEU A 76 -6.26 -24.21 -6.92
C LEU A 76 -6.67 -24.52 -5.48
N PRO A 77 -7.90 -24.98 -5.25
CA PRO A 77 -8.33 -25.24 -3.87
C PRO A 77 -7.46 -26.26 -3.16
N ALA A 78 -7.06 -25.94 -1.94
CA ALA A 78 -6.47 -26.94 -1.06
C ALA A 78 -7.47 -28.06 -0.87
N TRP A 79 -6.98 -29.29 -0.78
CA TRP A 79 -7.91 -30.41 -0.78
C TRP A 79 -8.49 -30.74 0.59
N LEU A 80 -7.81 -30.36 1.67
CA LEU A 80 -8.17 -30.83 3.00
C LEU A 80 -8.12 -29.69 4.01
N TRP A 81 -9.21 -29.56 4.76
CA TRP A 81 -9.40 -28.49 5.75
C TRP A 81 -10.07 -29.05 7.00
N GLY A 82 -9.69 -28.56 8.18
CA GLY A 82 -10.33 -29.07 9.39
C GLY A 82 -9.59 -28.63 10.64
N LYS A 83 -9.78 -29.40 11.72
CA LYS A 83 -9.19 -29.03 13.00
C LYS A 83 -7.72 -29.46 13.00
N LYS A 84 -6.83 -28.49 12.97
CA LYS A 84 -5.41 -28.81 13.03
C LYS A 84 -4.94 -28.92 14.46
N ASP A 85 -5.42 -28.03 15.33
CA ASP A 85 -5.21 -28.16 16.77
C ASP A 85 -6.44 -27.58 17.45
N GLU A 86 -6.49 -27.69 18.79
CA GLU A 86 -7.72 -27.29 19.48
C GLU A 86 -8.11 -25.83 19.27
N ASN A 87 -7.17 -24.98 18.87
CA ASN A 87 -7.50 -23.58 18.65
C ASN A 87 -7.30 -23.15 17.20
N ASN A 88 -7.28 -24.09 16.26
CA ASN A 88 -6.90 -23.76 14.89
C ASN A 88 -7.63 -24.65 13.88
N TRP A 89 -8.67 -24.13 13.24
CA TRP A 89 -9.35 -24.79 12.12
C TRP A 89 -8.86 -24.12 10.84
N THR A 90 -8.24 -24.88 9.95
CA THR A 90 -7.49 -24.27 8.85
C THR A 90 -7.19 -25.35 7.80
N VAL A 91 -6.50 -24.93 6.74
CA VAL A 91 -6.03 -25.86 5.71
C VAL A 91 -5.11 -26.90 6.34
N LEU A 92 -5.40 -28.18 6.10
CA LEU A 92 -4.55 -29.25 6.59
C LEU A 92 -3.55 -29.74 5.55
N ASP A 93 -3.86 -29.57 4.27
CA ASP A 93 -2.91 -29.91 3.20
C ASP A 93 -3.23 -28.96 2.06
N SER A 94 -2.26 -28.12 1.67
CA SER A 94 -2.46 -27.10 0.66
C SER A 94 -2.47 -27.66 -0.76
N ASN A 95 -2.10 -28.91 -0.95
CA ASN A 95 -2.07 -29.50 -2.28
C ASN A 95 -3.50 -29.65 -2.81
N SER A 96 -3.63 -29.64 -4.13
CA SER A 96 -4.92 -29.79 -4.79
C SER A 96 -5.24 -31.25 -5.05
N ALA A 97 -6.54 -31.52 -5.24
CA ALA A 97 -7.04 -32.79 -5.78
C ALA A 97 -7.75 -32.48 -7.09
N SER A 98 -7.23 -32.98 -8.21
CA SER A 98 -7.73 -32.46 -9.47
C SER A 98 -9.12 -32.95 -9.81
N ASP A 99 -9.58 -34.08 -9.23
CA ASP A 99 -10.97 -34.46 -9.47
C ASP A 99 -11.93 -33.40 -8.95
N ALA A 100 -11.63 -32.85 -7.77
CA ALA A 100 -12.45 -31.79 -7.22
C ALA A 100 -12.33 -30.55 -8.07
N ASP A 101 -11.09 -30.21 -8.47
CA ASP A 101 -10.89 -29.00 -9.27
C ASP A 101 -11.73 -29.07 -10.54
N ILE A 102 -11.71 -30.23 -11.18
CA ILE A 102 -12.49 -30.45 -12.41
C ILE A 102 -13.99 -30.31 -12.14
N TRP A 103 -14.50 -30.99 -11.09
CA TRP A 103 -15.94 -30.88 -10.78
C TRP A 103 -16.36 -29.45 -10.43
N ILE A 104 -15.48 -28.70 -9.74
CA ILE A 104 -15.78 -27.30 -9.46
C ILE A 104 -15.84 -26.51 -10.77
N ALA A 105 -14.84 -26.71 -11.65
CA ALA A 105 -14.82 -25.96 -12.91
C ALA A 105 -16.05 -26.25 -13.75
N TRP A 106 -16.41 -27.55 -13.89
CA TRP A 106 -17.56 -27.92 -14.68
C TRP A 106 -18.84 -27.36 -14.08
N SER A 107 -18.95 -27.42 -12.76
CA SER A 107 -20.17 -26.94 -12.13
C SER A 107 -20.31 -25.44 -12.28
N LEU A 108 -19.19 -24.70 -12.21
CA LEU A 108 -19.24 -23.25 -12.40
C LEU A 108 -19.64 -22.91 -13.84
N LEU A 109 -19.06 -23.63 -14.79
CA LEU A 109 -19.35 -23.34 -16.18
C LEU A 109 -20.82 -23.65 -16.50
N GLU A 110 -21.34 -24.77 -16.01
CA GLU A 110 -22.73 -25.11 -16.25
C GLU A 110 -23.68 -24.21 -15.46
N ALA A 111 -23.32 -23.82 -14.22
CA ALA A 111 -24.13 -22.84 -13.51
C ALA A 111 -24.16 -21.52 -14.25
N GLY A 112 -23.01 -21.08 -14.77
CA GLY A 112 -23.00 -19.81 -15.48
C GLY A 112 -23.89 -19.85 -16.72
N ARG A 113 -23.85 -20.98 -17.44
CA ARG A 113 -24.67 -21.14 -18.63
C ARG A 113 -26.17 -21.24 -18.31
N LEU A 114 -26.55 -22.08 -17.33
CA LEU A 114 -27.95 -22.37 -17.04
C LEU A 114 -28.62 -21.29 -16.21
N TRP A 115 -27.89 -20.66 -15.30
CA TRP A 115 -28.46 -19.59 -14.50
C TRP A 115 -28.16 -18.23 -15.11
N LYS A 116 -27.49 -18.22 -16.27
CA LYS A 116 -27.18 -16.97 -16.97
C LYS A 116 -26.47 -15.98 -16.05
N GLU A 117 -25.35 -16.44 -15.50
CA GLU A 117 -24.56 -15.67 -14.53
C GLU A 117 -23.10 -15.66 -14.99
N ALA A 118 -22.70 -14.56 -15.63
CA ALA A 118 -21.36 -14.47 -16.18
C ALA A 118 -20.27 -14.61 -15.12
N ARG A 119 -20.53 -14.21 -13.87
CA ARG A 119 -19.53 -14.35 -12.81
C ARG A 119 -19.06 -15.80 -12.65
N TYR A 120 -20.01 -16.73 -12.72
CA TYR A 120 -19.66 -18.15 -12.59
C TYR A 120 -18.85 -18.60 -13.79
N THR A 121 -19.26 -18.18 -14.99
CA THR A 121 -18.50 -18.52 -16.20
C THR A 121 -17.07 -18.00 -16.13
N THR A 122 -16.91 -16.74 -15.72
CA THR A 122 -15.57 -16.17 -15.65
C THR A 122 -14.69 -16.94 -14.67
N LEU A 123 -15.26 -17.27 -13.49
CA LEU A 123 -14.46 -18.01 -12.52
C LEU A 123 -14.17 -19.43 -13.01
N GLY A 124 -15.15 -20.08 -13.63
CA GLY A 124 -14.91 -21.41 -14.16
C GLY A 124 -13.82 -21.43 -15.20
N ASN A 125 -13.80 -20.41 -16.08
CA ASN A 125 -12.77 -20.38 -17.10
C ASN A 125 -11.40 -20.18 -16.48
N ALA A 126 -11.30 -19.28 -15.47
CA ALA A 126 -9.99 -19.04 -14.87
C ALA A 126 -9.51 -20.28 -14.14
N LEU A 127 -10.42 -20.97 -13.43
CA LEU A 127 -10.04 -22.18 -12.74
C LEU A 127 -9.64 -23.27 -13.74
N LEU A 128 -10.40 -23.42 -14.83
CA LEU A 128 -10.03 -24.43 -15.83
C LEU A 128 -8.63 -24.17 -16.37
N ASN A 129 -8.34 -22.90 -16.63
CA ASN A 129 -7.01 -22.56 -17.16
C ASN A 129 -5.93 -22.87 -16.16
N ARG A 130 -6.20 -22.64 -14.88
CA ARG A 130 -5.23 -22.94 -13.84
C ARG A 130 -5.02 -24.44 -13.68
N ILE A 131 -6.09 -25.23 -13.82
CA ILE A 131 -5.94 -26.71 -13.84
C ILE A 131 -5.00 -27.12 -14.96
N ALA A 132 -5.24 -26.60 -16.16
CA ALA A 132 -4.34 -26.93 -17.28
C ALA A 132 -2.90 -26.54 -16.99
N LYS A 133 -2.69 -25.37 -16.35
CA LYS A 133 -1.33 -24.89 -16.13
C LYS A 133 -0.61 -25.69 -15.07
N GLU A 134 -1.32 -26.08 -14.01
CA GLU A 134 -0.66 -26.59 -12.82
C GLU A 134 -0.78 -28.09 -12.61
N GLU A 135 -1.78 -28.75 -13.22
CA GLU A 135 -1.89 -30.18 -12.97
C GLU A 135 -2.20 -30.97 -14.25
N VAL A 136 -1.91 -30.41 -15.42
CA VAL A 136 -1.86 -31.16 -16.67
C VAL A 136 -0.42 -31.12 -17.16
N VAL A 137 0.16 -32.27 -17.52
CA VAL A 137 1.52 -32.32 -18.03
C VAL A 137 1.56 -33.29 -19.20
N THR A 138 2.51 -33.07 -20.10
CA THR A 138 2.74 -34.01 -21.18
C THR A 138 3.69 -35.09 -20.66
N VAL A 139 3.20 -36.31 -20.60
CA VAL A 139 3.97 -37.46 -20.11
C VAL A 139 4.59 -38.13 -21.31
N PRO A 140 5.91 -38.34 -21.34
CA PRO A 140 6.51 -39.01 -22.51
C PRO A 140 5.90 -40.39 -22.72
N GLY A 141 5.49 -40.64 -23.96
CA GLY A 141 4.79 -41.87 -24.31
C GLY A 141 3.28 -41.79 -24.31
N LEU A 142 2.69 -40.95 -23.46
CA LEU A 142 1.24 -40.85 -23.32
C LEU A 142 0.67 -39.60 -23.96
N GLY A 143 1.37 -38.49 -23.85
CA GLY A 143 0.82 -37.20 -24.23
C GLY A 143 0.29 -36.50 -22.99
N PRO A 144 -0.53 -35.46 -23.20
CA PRO A 144 -1.12 -34.74 -22.07
C PRO A 144 -1.92 -35.67 -21.18
N MET A 145 -1.72 -35.51 -19.86
CA MET A 145 -2.44 -36.27 -18.85
C MET A 145 -2.79 -35.35 -17.68
N LEU A 146 -3.88 -35.67 -17.01
CA LEU A 146 -4.30 -34.98 -15.80
C LEU A 146 -3.66 -35.63 -14.58
N LEU A 147 -2.81 -34.88 -13.89
CA LEU A 147 -2.25 -35.39 -12.65
C LEU A 147 -3.30 -35.33 -11.55
N PRO A 148 -3.24 -36.22 -10.57
CA PRO A 148 -4.19 -36.17 -9.44
C PRO A 148 -4.05 -34.95 -8.54
N GLY A 149 -2.96 -34.19 -8.66
CA GLY A 149 -2.79 -33.03 -7.81
C GLY A 149 -1.60 -32.28 -8.35
N LYS A 150 -1.45 -31.02 -7.89
CA LYS A 150 -0.40 -30.18 -8.46
C LYS A 150 0.98 -30.57 -7.99
N VAL A 151 1.10 -31.25 -6.85
CA VAL A 151 2.36 -31.86 -6.41
C VAL A 151 2.12 -33.29 -6.00
N GLY A 152 3.17 -34.10 -6.08
CA GLY A 152 3.21 -35.41 -5.48
C GLY A 152 2.95 -36.57 -6.41
N PHE A 153 2.66 -36.30 -7.68
CA PHE A 153 2.26 -37.39 -8.57
C PHE A 153 3.12 -37.53 -9.80
N ALA A 154 4.13 -36.68 -9.92
CA ALA A 154 5.00 -36.66 -11.10
C ALA A 154 6.45 -36.67 -10.63
N GLU A 155 7.23 -37.63 -11.12
CA GLU A 155 8.69 -37.62 -10.94
C GLU A 155 9.33 -37.76 -12.31
N GLU A 156 10.67 -37.75 -12.34
CA GLU A 156 11.34 -37.72 -13.63
C GLU A 156 10.95 -38.90 -14.50
N THR A 157 10.78 -40.09 -13.92
CA THR A 157 10.54 -41.28 -14.72
C THR A 157 9.25 -42.02 -14.38
N VAL A 158 8.43 -41.52 -13.46
CA VAL A 158 7.20 -42.24 -13.09
C VAL A 158 6.13 -41.22 -12.77
N TRP A 159 4.89 -41.56 -13.13
CA TRP A 159 3.71 -40.75 -12.84
C TRP A 159 2.63 -41.66 -12.28
N ARG A 160 1.80 -41.10 -11.40
CA ARG A 160 0.69 -41.84 -10.82
C ARG A 160 -0.62 -41.12 -11.13
N LEU A 161 -1.62 -41.87 -11.66
CA LEU A 161 -2.90 -41.34 -12.12
C LEU A 161 -4.03 -42.06 -11.39
N ASN A 162 -5.19 -41.42 -11.40
CA ASN A 162 -6.39 -41.93 -10.77
C ASN A 162 -7.50 -41.93 -11.81
N PRO A 163 -7.83 -43.13 -12.34
CA PRO A 163 -8.84 -43.21 -13.41
C PRO A 163 -10.20 -42.60 -13.10
N SER A 164 -10.58 -42.49 -11.84
CA SER A 164 -11.87 -41.88 -11.47
C SER A 164 -11.87 -40.35 -11.63
N TYR A 165 -10.71 -39.72 -11.90
CA TYR A 165 -10.63 -38.27 -11.72
C TYR A 165 -11.19 -37.47 -12.88
N LEU A 166 -11.32 -38.01 -14.09
CA LEU A 166 -11.90 -37.24 -15.20
C LEU A 166 -13.06 -38.03 -15.77
N PRO A 167 -14.30 -37.74 -15.34
CA PRO A 167 -15.45 -38.49 -15.86
C PRO A 167 -15.50 -38.34 -17.37
N PRO A 168 -15.78 -39.40 -18.13
CA PRO A 168 -15.77 -39.24 -19.59
C PRO A 168 -16.69 -38.18 -20.14
N GLN A 169 -17.86 -37.98 -19.52
CA GLN A 169 -18.78 -36.93 -19.98
C GLN A 169 -18.21 -35.55 -19.71
N ILE A 170 -17.49 -35.39 -18.61
CA ILE A 170 -16.86 -34.10 -18.34
C ILE A 170 -15.71 -33.87 -19.30
N ALA A 171 -14.93 -34.89 -19.60
CA ALA A 171 -13.88 -34.73 -20.62
C ALA A 171 -14.48 -34.31 -21.95
N ARG A 172 -15.60 -34.92 -22.32
CA ARG A 172 -16.30 -34.56 -23.55
CA ARG A 172 -16.23 -34.54 -23.57
C ARG A 172 -16.71 -33.09 -23.52
N TYR A 173 -17.33 -32.66 -22.41
CA TYR A 173 -17.77 -31.27 -22.28
C TYR A 173 -16.61 -30.32 -22.46
N LEU A 174 -15.47 -30.63 -21.82
CA LEU A 174 -14.38 -29.66 -21.77
C LEU A 174 -13.67 -29.51 -23.10
N THR A 175 -13.82 -30.47 -24.02
CA THR A 175 -13.25 -30.26 -25.36
C THR A 175 -13.73 -28.98 -26.03
N ARG A 176 -14.85 -28.39 -25.63
CA ARG A 176 -15.29 -27.13 -26.24
C ARG A 176 -14.28 -26.01 -26.00
N PHE A 177 -13.39 -26.16 -25.02
CA PHE A 177 -12.39 -25.15 -24.66
C PHE A 177 -11.05 -25.36 -25.35
N GLY A 178 -10.98 -26.29 -26.28
CA GLY A 178 -9.74 -26.48 -27.05
C GLY A 178 -8.67 -27.20 -26.25
N GLU A 179 -7.43 -27.06 -26.71
CA GLU A 179 -6.34 -27.75 -26.03
C GLU A 179 -6.07 -27.14 -24.65
N PRO A 180 -5.63 -27.95 -23.68
CA PRO A 180 -5.30 -29.37 -23.82
C PRO A 180 -6.52 -30.30 -23.71
N TRP A 181 -7.72 -29.77 -23.49
CA TRP A 181 -8.90 -30.61 -23.22
C TRP A 181 -9.24 -31.51 -24.40
N THR A 182 -9.07 -31.03 -25.63
CA THR A 182 -9.30 -31.86 -26.80
C THR A 182 -8.46 -33.12 -26.74
N THR A 183 -7.17 -33.01 -26.48
CA THR A 183 -6.34 -34.20 -26.42
C THR A 183 -6.54 -34.98 -25.13
N LEU A 184 -6.80 -34.28 -24.01
CA LEU A 184 -7.03 -34.99 -22.76
C LEU A 184 -8.23 -35.92 -22.85
N GLN A 185 -9.25 -35.56 -23.62
CA GLN A 185 -10.40 -36.45 -23.72
C GLN A 185 -9.95 -37.76 -24.37
N GLU A 186 -9.05 -37.69 -25.35
CA GLU A 186 -8.55 -38.91 -26.01
C GLU A 186 -7.62 -39.71 -25.11
N THR A 187 -6.70 -39.03 -24.40
CA THR A 187 -5.81 -39.76 -23.53
C THR A 187 -6.55 -40.35 -22.34
N ASN A 188 -7.61 -39.66 -21.87
CA ASN A 188 -8.40 -40.19 -20.77
C ASN A 188 -9.12 -41.46 -21.19
N HIS A 189 -9.71 -41.43 -22.40
CA HIS A 189 -10.40 -42.63 -22.89
C HIS A 189 -9.45 -43.82 -22.98
N ARG A 190 -8.24 -43.56 -23.49
CA ARG A 190 -7.26 -44.65 -23.55
C ARG A 190 -6.80 -45.10 -22.17
N LEU A 191 -6.64 -44.15 -21.22
CA LEU A 191 -6.31 -44.51 -19.85
C LEU A 191 -7.32 -45.54 -19.31
N LEU A 192 -8.61 -45.25 -19.49
CA LEU A 192 -9.65 -46.14 -18.96
C LEU A 192 -9.61 -47.51 -19.62
N LEU A 193 -9.41 -47.56 -20.96
CA LEU A 193 -9.40 -48.85 -21.66
C LEU A 193 -8.12 -49.64 -21.35
N GLU A 194 -6.99 -48.97 -21.29
CA GLU A 194 -5.71 -49.67 -21.22
C GLU A 194 -5.35 -50.13 -19.82
N THR A 195 -5.98 -49.57 -18.77
CA THR A 195 -5.55 -49.91 -17.44
C THR A 195 -6.54 -50.82 -16.71
N ALA A 196 -7.49 -51.40 -17.45
CA ALA A 196 -8.46 -52.35 -16.88
C ALA A 196 -8.31 -53.70 -17.59
N PRO A 197 -7.16 -54.37 -17.44
CA PRO A 197 -6.93 -55.59 -18.22
C PRO A 197 -7.85 -56.75 -17.94
N LYS A 198 -8.53 -56.77 -16.78
CA LYS A 198 -9.51 -57.80 -16.47
C LYS A 198 -10.89 -57.19 -16.37
N GLY A 199 -11.06 -55.94 -16.82
CA GLY A 199 -12.37 -55.31 -16.78
C GLY A 199 -12.61 -54.54 -15.51
N PHE A 200 -11.62 -54.40 -14.65
CA PHE A 200 -11.74 -53.65 -13.41
C PHE A 200 -10.75 -52.49 -13.46
N SER A 201 -11.24 -51.28 -13.21
CA SER A 201 -10.39 -50.09 -13.26
C SER A 201 -9.67 -49.91 -11.92
N PRO A 202 -8.40 -49.51 -11.92
CA PRO A 202 -7.69 -49.34 -10.64
C PRO A 202 -8.01 -48.01 -9.97
N ASP A 203 -7.89 -48.02 -8.63
CA ASP A 203 -7.96 -46.75 -7.86
C ASP A 203 -6.85 -45.79 -8.33
N TRP A 204 -5.64 -46.32 -8.46
CA TRP A 204 -4.44 -45.56 -8.78
C TRP A 204 -3.59 -46.44 -9.69
N VAL A 205 -2.87 -45.84 -10.62
CA VAL A 205 -2.05 -46.66 -11.54
C VAL A 205 -0.89 -45.81 -11.99
N ARG A 206 0.28 -46.44 -12.09
CA ARG A 206 1.50 -45.74 -12.44
C ARG A 206 1.90 -46.02 -13.88
N TYR A 207 2.52 -45.02 -14.49
CA TYR A 207 3.14 -45.15 -15.81
C TYR A 207 4.64 -44.84 -15.63
N GLU A 208 5.49 -45.72 -16.16
CA GLU A 208 6.93 -45.57 -15.99
C GLU A 208 7.57 -45.36 -17.35
N LYS A 209 8.46 -44.37 -17.41
CA LYS A 209 9.16 -44.06 -18.65
C LYS A 209 9.89 -45.32 -19.15
N SER A 210 9.77 -45.59 -20.46
CA SER A 210 10.37 -46.72 -21.17
C SER A 210 9.77 -48.07 -20.84
N LYS A 211 8.78 -48.13 -19.97
CA LYS A 211 8.22 -49.37 -19.49
C LYS A 211 6.69 -49.42 -19.68
N GLY A 212 6.01 -48.26 -19.66
CA GLY A 212 4.54 -48.23 -19.82
C GLY A 212 3.79 -48.40 -18.52
N TRP A 213 2.51 -48.77 -18.68
CA TRP A 213 1.60 -48.91 -17.54
C TRP A 213 2.07 -50.03 -16.62
N GLN A 214 2.05 -49.80 -15.32
CA GLN A 214 2.55 -50.77 -14.34
C GLN A 214 1.35 -51.56 -13.84
N LEU A 215 1.03 -52.65 -14.52
CA LEU A 215 -0.18 -53.43 -14.25
C LEU A 215 0.12 -54.79 -13.64
N ALA A 216 1.34 -55.03 -13.17
CA ALA A 216 1.58 -56.32 -12.57
C ALA A 216 0.75 -56.49 -11.29
N PRO A 217 0.42 -57.73 -10.94
CA PRO A 217 -0.39 -57.94 -9.74
C PRO A 217 0.27 -57.28 -8.54
N ASP A 218 -0.56 -56.60 -7.77
CA ASP A 218 -0.11 -55.87 -6.61
C ASP A 218 -1.32 -55.68 -5.71
N LYS A 219 -1.15 -55.89 -4.41
CA LYS A 219 -2.28 -55.78 -3.49
C LYS A 219 -2.85 -54.37 -3.47
N THR A 220 -2.08 -53.38 -3.96
CA THR A 220 -2.47 -51.97 -4.07
C THR A 220 -3.00 -51.58 -5.45
N LEU A 221 -2.97 -52.48 -6.44
CA LEU A 221 -3.58 -52.23 -7.76
C LEU A 221 -4.97 -52.89 -7.73
N ILE A 222 -5.97 -52.12 -7.29
CA ILE A 222 -7.29 -52.66 -6.96
C ILE A 222 -8.34 -51.69 -7.44
N SER A 223 -9.50 -52.23 -7.81
CA SER A 223 -10.70 -51.40 -7.92
C SER A 223 -11.37 -51.34 -6.55
N GLY A 224 -11.36 -50.15 -5.94
CA GLY A 224 -11.87 -49.95 -4.61
C GLY A 224 -12.70 -48.68 -4.52
N TYR A 225 -12.41 -47.87 -3.48
CA TYR A 225 -13.20 -46.69 -3.15
C TYR A 225 -12.96 -45.51 -4.08
N ALA A 226 -11.85 -45.50 -4.86
CA ALA A 226 -11.74 -44.47 -5.90
C ALA A 226 -12.43 -44.94 -7.18
N ALA A 227 -12.04 -46.15 -7.63
CA ALA A 227 -12.43 -46.64 -8.94
C ALA A 227 -13.91 -46.98 -9.01
N ILE A 228 -14.59 -47.16 -7.86
CA ILE A 228 -16.04 -47.42 -7.96
C ILE A 228 -16.70 -46.29 -8.75
N ARG A 229 -16.16 -45.07 -8.67
N ARG A 229 -16.14 -45.08 -8.67
CA ARG A 229 -16.74 -43.97 -9.43
CA ARG A 229 -16.67 -43.95 -9.40
C ARG A 229 -16.53 -44.06 -10.93
C ARG A 229 -16.51 -44.05 -10.91
N VAL A 230 -15.49 -44.77 -11.40
CA VAL A 230 -15.38 -44.97 -12.85
C VAL A 230 -16.65 -45.59 -13.41
N TYR A 231 -17.13 -46.67 -12.76
CA TYR A 231 -18.31 -47.35 -13.29
C TYR A 231 -19.52 -46.42 -13.24
N LEU A 232 -19.60 -45.62 -12.16
CA LEU A 232 -20.68 -44.67 -12.00
C LEU A 232 -20.67 -43.62 -13.11
N TRP A 233 -19.48 -43.04 -13.37
CA TRP A 233 -19.47 -42.02 -14.43
C TRP A 233 -19.88 -42.64 -15.76
N VAL A 234 -19.32 -43.84 -16.07
CA VAL A 234 -19.64 -44.45 -17.36
C VAL A 234 -21.14 -44.70 -17.47
N GLY A 235 -21.73 -45.24 -16.40
CA GLY A 235 -23.16 -45.49 -16.43
C GLY A 235 -24.00 -44.27 -16.65
N MET A 236 -23.55 -43.12 -16.16
CA MET A 236 -24.28 -41.86 -16.31
C MET A 236 -23.98 -41.12 -17.61
N MET A 237 -23.12 -41.66 -18.48
CA MET A 237 -22.94 -41.06 -19.80
C MET A 237 -24.24 -41.16 -20.57
N ASN A 238 -24.53 -40.16 -21.39
CA ASN A 238 -25.67 -40.26 -22.31
C ASN A 238 -25.44 -41.41 -23.31
N ASP A 239 -26.51 -42.18 -23.60
CA ASP A 239 -26.40 -43.30 -24.54
C ASP A 239 -25.94 -42.86 -25.93
N HIS A 240 -26.15 -41.60 -26.30
CA HIS A 240 -25.74 -41.11 -27.60
C HIS A 240 -24.30 -40.66 -27.62
N ASP A 241 -23.59 -40.72 -26.50
CA ASP A 241 -22.14 -40.52 -26.56
C ASP A 241 -21.56 -41.77 -27.17
N ALA A 242 -20.89 -41.57 -28.32
CA ALA A 242 -20.40 -42.67 -29.14
C ALA A 242 -19.41 -43.58 -28.43
N GLN A 243 -18.76 -43.12 -27.37
CA GLN A 243 -17.78 -43.90 -26.64
C GLN A 243 -18.30 -44.61 -25.40
N LYS A 244 -19.56 -44.36 -25.01
CA LYS A 244 -20.09 -45.06 -23.82
C LYS A 244 -20.04 -46.57 -24.03
N ALA A 245 -20.45 -47.04 -25.20
CA ALA A 245 -20.51 -48.50 -25.41
C ALA A 245 -19.14 -49.17 -25.22
N SER A 246 -18.07 -48.53 -25.69
CA SER A 246 -16.74 -49.14 -25.59
C SER A 246 -16.31 -49.23 -24.14
N LEU A 247 -16.71 -48.24 -23.31
CA LEU A 247 -16.35 -48.28 -21.91
C LEU A 247 -17.19 -49.29 -21.14
N LEU A 248 -18.50 -49.36 -21.41
CA LEU A 248 -19.29 -50.43 -20.82
C LEU A 248 -18.74 -51.79 -21.17
N GLU A 249 -18.32 -51.98 -22.42
CA GLU A 249 -17.84 -53.30 -22.81
C GLU A 249 -16.56 -53.64 -22.08
N ARG A 250 -15.64 -52.68 -21.94
CA ARG A 250 -14.43 -53.04 -21.23
CA ARG A 250 -14.40 -52.94 -21.21
C ARG A 250 -14.68 -53.34 -19.77
N LEU A 251 -15.64 -52.62 -19.13
CA LEU A 251 -15.88 -52.75 -17.69
C LEU A 251 -16.97 -53.77 -17.36
N LYS A 252 -17.46 -54.50 -18.36
CA LYS A 252 -18.54 -55.47 -18.14
C LYS A 252 -18.23 -56.48 -17.06
N PRO A 253 -16.99 -56.93 -16.83
CA PRO A 253 -16.78 -57.88 -15.75
C PRO A 253 -17.25 -57.40 -14.37
N MET A 254 -17.22 -56.10 -14.11
CA MET A 254 -17.75 -55.60 -12.83
C MET A 254 -19.25 -55.81 -12.74
N ALA A 255 -19.96 -55.65 -13.87
CA ALA A 255 -21.39 -55.90 -13.88
C ALA A 255 -21.66 -57.38 -13.69
N ALA A 256 -20.89 -58.24 -14.38
CA ALA A 256 -21.14 -59.68 -14.28
C ALA A 256 -20.87 -60.18 -12.86
N LEU A 257 -19.81 -59.67 -12.23
CA LEU A 257 -19.45 -60.11 -10.89
C LEU A 257 -20.48 -59.63 -9.87
N THR A 258 -20.90 -58.35 -9.96
CA THR A 258 -21.96 -57.86 -9.06
C THR A 258 -23.24 -58.68 -9.23
N ALA A 259 -23.64 -58.96 -10.48
CA ALA A 259 -24.89 -59.72 -10.66
C ALA A 259 -24.78 -61.11 -10.09
N LYS A 260 -23.60 -61.72 -10.14
CA LYS A 260 -23.46 -63.12 -9.74
C LYS A 260 -23.88 -63.35 -8.30
N LYS A 261 -23.34 -62.59 -7.31
CA LYS A 261 -23.92 -62.93 -6.02
C LYS A 261 -24.85 -61.78 -5.57
N GLY A 262 -24.96 -60.68 -6.33
CA GLY A 262 -25.79 -59.61 -5.86
C GLY A 262 -25.11 -58.66 -4.90
N VAL A 263 -23.79 -58.66 -4.85
CA VAL A 263 -23.02 -57.88 -3.89
C VAL A 263 -21.93 -57.19 -4.69
N VAL A 264 -21.90 -55.86 -4.65
CA VAL A 264 -20.74 -55.17 -5.24
C VAL A 264 -19.52 -55.43 -4.39
N PRO A 265 -18.41 -55.86 -4.96
CA PRO A 265 -17.23 -56.16 -4.14
C PRO A 265 -16.62 -54.89 -3.56
N GLU A 266 -15.99 -55.02 -2.40
CA GLU A 266 -15.26 -53.88 -1.82
C GLU A 266 -14.00 -53.58 -2.60
N LYS A 267 -13.23 -54.62 -2.94
CA LYS A 267 -11.98 -54.46 -3.67
C LYS A 267 -11.87 -55.57 -4.70
N VAL A 268 -11.41 -55.25 -5.89
CA VAL A 268 -11.12 -56.28 -6.88
C VAL A 268 -9.68 -56.11 -7.35
N ASP A 269 -8.93 -57.20 -7.33
CA ASP A 269 -7.56 -57.16 -7.84
C ASP A 269 -7.59 -56.88 -9.34
N VAL A 270 -6.95 -55.81 -9.78
CA VAL A 270 -7.04 -55.39 -11.17
C VAL A 270 -6.37 -56.40 -12.09
N ALA A 271 -5.27 -57.03 -11.65
CA ALA A 271 -4.53 -57.94 -12.54
C ALA A 271 -5.15 -59.32 -12.59
N THR A 272 -5.80 -59.75 -11.53
CA THR A 272 -6.28 -61.13 -11.49
C THR A 272 -7.79 -61.27 -11.48
N ALA A 273 -8.52 -60.17 -11.28
CA ALA A 273 -9.97 -60.13 -11.14
C ALA A 273 -10.49 -60.74 -9.84
N GLN A 274 -9.63 -61.04 -8.87
CA GLN A 274 -10.08 -61.67 -7.62
C GLN A 274 -10.72 -60.64 -6.68
N PRO A 275 -11.97 -60.82 -6.28
CA PRO A 275 -12.63 -59.86 -5.40
C PRO A 275 -12.44 -60.21 -3.92
N ARG A 276 -12.54 -59.18 -3.10
CA ARG A 276 -12.51 -59.42 -1.65
C ARG A 276 -13.39 -58.38 -0.97
N GLY A 277 -14.24 -58.84 -0.03
CA GLY A 277 -15.06 -57.96 0.78
C GLY A 277 -16.36 -57.53 0.10
N ASP A 278 -17.26 -56.96 0.90
CA ASP A 278 -18.54 -56.46 0.41
C ASP A 278 -18.51 -54.94 0.48
N GLY A 279 -18.83 -54.27 -0.62
CA GLY A 279 -18.80 -52.81 -0.62
C GLY A 279 -19.94 -52.26 0.22
N PRO A 280 -19.79 -51.03 0.65
CA PRO A 280 -20.86 -50.34 1.40
C PRO A 280 -22.04 -50.00 0.51
N VAL A 281 -23.11 -49.46 1.10
CA VAL A 281 -24.30 -49.17 0.35
C VAL A 281 -24.00 -48.20 -0.78
N GLY A 282 -23.04 -47.28 -0.58
CA GLY A 282 -22.72 -46.36 -1.64
C GLY A 282 -22.24 -47.04 -2.90
N PHE A 283 -21.58 -48.20 -2.77
CA PHE A 283 -21.15 -48.93 -3.98
C PHE A 283 -22.37 -49.49 -4.72
N ALA A 284 -23.38 -49.97 -3.99
CA ALA A 284 -24.63 -50.40 -4.62
C ALA A 284 -25.25 -49.25 -5.39
N ALA A 285 -25.33 -48.05 -4.77
CA ALA A 285 -25.94 -46.95 -5.50
C ALA A 285 -25.10 -46.53 -6.70
N ALA A 286 -23.77 -46.54 -6.52
CA ALA A 286 -22.87 -46.09 -7.59
C ALA A 286 -23.03 -46.95 -8.84
N LEU A 287 -23.40 -48.24 -8.65
CA LEU A 287 -23.60 -49.07 -9.82
C LEU A 287 -25.00 -49.02 -10.41
N LEU A 288 -25.92 -48.27 -9.81
CA LEU A 288 -27.24 -48.22 -10.43
C LEU A 288 -27.19 -47.73 -11.87
N PRO A 289 -26.50 -46.65 -12.20
CA PRO A 289 -26.51 -46.23 -13.60
C PRO A 289 -25.71 -47.15 -14.50
N PHE A 290 -24.72 -47.83 -13.92
CA PHE A 290 -23.80 -48.68 -14.68
C PHE A 290 -24.47 -49.97 -15.11
N LEU A 291 -25.24 -50.63 -14.21
CA LEU A 291 -25.82 -51.94 -14.51
C LEU A 291 -26.94 -51.78 -15.52
N GLN A 292 -26.80 -52.43 -16.67
CA GLN A 292 -27.77 -52.34 -17.74
C GLN A 292 -28.89 -53.38 -17.58
N ASP A 293 -28.64 -54.48 -16.88
CA ASP A 293 -29.63 -55.53 -16.74
C ASP A 293 -30.66 -55.10 -15.68
N ARG A 294 -31.94 -55.24 -16.01
CA ARG A 294 -32.93 -54.72 -15.10
CA ARG A 294 -33.03 -54.80 -15.13
C ARG A 294 -32.95 -55.48 -13.78
N ASP A 295 -32.79 -56.80 -13.79
CA ASP A 295 -32.81 -57.54 -12.53
C ASP A 295 -31.61 -57.19 -11.67
N ALA A 296 -30.40 -57.14 -12.25
CA ALA A 296 -29.22 -56.83 -11.43
C ALA A 296 -29.32 -55.43 -10.83
N GLN A 297 -29.82 -54.52 -11.60
N GLN A 297 -29.80 -54.44 -11.61
CA GLN A 297 -29.97 -53.19 -11.09
CA GLN A 297 -30.08 -53.10 -11.06
C GLN A 297 -31.04 -53.12 -10.00
C GLN A 297 -31.02 -53.21 -9.88
N ALA A 298 -32.11 -53.94 -10.08
CA ALA A 298 -33.15 -53.94 -9.06
C ALA A 298 -32.66 -54.54 -7.75
N VAL A 299 -31.72 -55.51 -7.80
CA VAL A 299 -31.13 -56.06 -6.59
C VAL A 299 -30.39 -54.96 -5.83
N GLN A 300 -29.59 -54.19 -6.59
CA GLN A 300 -28.86 -53.11 -5.91
C GLN A 300 -29.82 -52.01 -5.42
N ARG A 301 -30.89 -51.76 -6.19
CA ARG A 301 -31.88 -50.74 -5.77
C ARG A 301 -32.49 -51.09 -4.44
N GLN A 302 -32.77 -52.37 -4.21
CA GLN A 302 -33.33 -52.81 -2.94
C GLN A 302 -32.37 -52.50 -1.80
N LYS A 303 -31.06 -52.74 -2.04
CA LYS A 303 -30.09 -52.48 -0.98
C LYS A 303 -30.04 -51.02 -0.62
N VAL A 304 -30.08 -50.14 -1.63
CA VAL A 304 -30.04 -48.70 -1.34
C VAL A 304 -31.30 -48.28 -0.61
N ALA A 305 -32.44 -48.85 -0.98
CA ALA A 305 -33.71 -48.52 -0.35
C ALA A 305 -33.69 -48.92 1.11
N ASP A 306 -33.16 -50.08 1.44
CA ASP A 306 -33.27 -50.62 2.79
C ASP A 306 -32.10 -50.25 3.68
N HIS A 307 -31.01 -49.78 3.12
CA HIS A 307 -29.83 -49.44 3.89
C HIS A 307 -29.37 -48.05 3.54
N PHE A 308 -30.31 -47.15 3.29
CA PHE A 308 -29.96 -45.80 2.87
C PHE A 308 -28.97 -45.17 3.86
N PRO A 309 -27.92 -44.51 3.38
CA PRO A 309 -26.88 -44.04 4.30
C PRO A 309 -27.40 -43.08 5.35
N GLY A 310 -26.86 -43.23 6.56
CA GLY A 310 -27.16 -42.37 7.69
C GLY A 310 -26.37 -41.08 7.61
N ASP A 311 -26.31 -40.43 8.76
CA ASP A 311 -25.66 -39.13 8.89
C ASP A 311 -24.19 -39.24 9.26
N ASP A 312 -23.68 -40.47 9.40
CA ASP A 312 -22.30 -40.78 9.75
C ASP A 312 -21.56 -41.45 8.60
N ALA A 313 -21.95 -41.15 7.36
CA ALA A 313 -21.51 -41.93 6.20
C ALA A 313 -21.45 -41.00 5.00
N TYR A 314 -20.53 -40.02 5.06
CA TYR A 314 -20.40 -39.02 4.01
C TYR A 314 -20.19 -39.69 2.64
N PHE A 315 -19.26 -40.64 2.54
CA PHE A 315 -18.93 -41.11 1.19
C PHE A 315 -20.07 -41.94 0.58
N SER A 316 -20.65 -42.82 1.38
CA SER A 316 -21.80 -43.53 0.81
C SER A 316 -22.93 -42.58 0.50
N TYR A 317 -23.08 -41.49 1.28
CA TYR A 317 -24.16 -40.55 0.98
C TYR A 317 -23.92 -39.87 -0.36
N VAL A 318 -22.71 -39.37 -0.62
CA VAL A 318 -22.52 -38.69 -1.92
C VAL A 318 -22.60 -39.66 -3.10
N LEU A 319 -22.09 -40.89 -2.92
CA LEU A 319 -22.26 -41.89 -4.00
C LEU A 319 -23.73 -42.17 -4.26
N THR A 320 -24.56 -42.13 -3.19
CA THR A 320 -26.00 -42.34 -3.33
C THR A 320 -26.68 -41.17 -3.99
N LEU A 321 -26.29 -39.93 -3.64
CA LEU A 321 -26.87 -38.79 -4.36
C LEU A 321 -26.58 -38.88 -5.85
N PHE A 322 -25.35 -39.26 -6.25
CA PHE A 322 -25.10 -39.49 -7.69
C PHE A 322 -25.92 -40.66 -8.23
N GLY A 323 -25.78 -41.86 -7.64
CA GLY A 323 -26.28 -43.09 -8.24
C GLY A 323 -27.78 -43.27 -8.11
N GLN A 324 -28.31 -43.05 -6.89
CA GLN A 324 -29.76 -43.01 -6.73
C GLN A 324 -30.32 -41.79 -7.39
N GLY A 325 -29.62 -40.65 -7.34
CA GLY A 325 -30.13 -39.49 -8.04
C GLY A 325 -30.34 -39.75 -9.50
N TRP A 326 -29.35 -40.34 -10.17
CA TRP A 326 -29.51 -40.63 -11.57
C TRP A 326 -30.64 -41.66 -11.79
N ASP A 327 -30.68 -42.67 -10.91
CA ASP A 327 -31.74 -43.70 -10.98
C ASP A 327 -33.13 -43.09 -10.87
N GLU A 328 -33.26 -41.92 -10.24
CA GLU A 328 -34.54 -41.21 -10.06
C GLU A 328 -34.65 -40.03 -11.02
N HIS A 329 -33.82 -39.95 -12.05
CA HIS A 329 -33.93 -38.87 -13.03
C HIS A 329 -33.77 -37.51 -12.38
N ARG A 330 -32.91 -37.40 -11.35
CA ARG A 330 -32.71 -36.07 -10.73
C ARG A 330 -31.85 -35.18 -11.59
N PHE A 331 -31.14 -35.78 -12.56
CA PHE A 331 -30.30 -35.03 -13.49
C PHE A 331 -29.94 -36.00 -14.60
N ARG A 332 -29.55 -35.46 -15.76
CA ARG A 332 -29.00 -36.25 -16.86
C ARG A 332 -27.86 -35.47 -17.47
N PHE A 333 -27.03 -36.17 -18.24
CA PHE A 333 -26.00 -35.51 -19.03
C PHE A 333 -26.41 -35.57 -20.49
N THR A 334 -26.15 -34.48 -21.24
CA THR A 334 -26.39 -34.51 -22.67
C THR A 334 -25.28 -35.31 -23.35
N PRO A 335 -25.43 -35.59 -24.65
CA PRO A 335 -24.33 -36.27 -25.34
C PRO A 335 -23.00 -35.51 -25.32
N ARG A 336 -23.02 -34.18 -25.20
CA ARG A 336 -21.80 -33.41 -25.10
C ARG A 336 -21.32 -33.23 -23.66
N GLY A 337 -21.99 -33.83 -22.67
CA GLY A 337 -21.55 -33.69 -21.29
C GLY A 337 -22.07 -32.46 -20.58
N GLU A 338 -23.06 -31.76 -21.15
CA GLU A 338 -23.73 -30.68 -20.45
C GLU A 338 -24.70 -31.27 -19.44
N LEU A 339 -25.06 -30.50 -18.44
CA LEU A 339 -26.20 -30.88 -17.60
C LEU A 339 -27.46 -30.74 -18.42
N GLN A 340 -28.28 -31.80 -18.42
CA GLN A 340 -29.65 -31.73 -18.89
CA GLN A 340 -29.65 -31.76 -18.90
C GLN A 340 -30.51 -31.71 -17.63
N PRO A 341 -30.94 -30.54 -17.15
CA PRO A 341 -31.52 -30.46 -15.80
C PRO A 341 -32.93 -31.02 -15.75
N ASP A 342 -33.29 -31.53 -14.58
CA ASP A 342 -34.66 -31.95 -14.26
C ASP A 342 -35.16 -30.92 -13.28
N TRP A 343 -35.45 -29.74 -13.80
CA TRP A 343 -35.92 -28.65 -12.94
C TRP A 343 -37.44 -28.50 -13.09
N CYS B 6 41.26 -9.83 1.82
CA CYS B 6 40.57 -9.70 3.10
C CYS B 6 39.09 -9.33 2.89
N THR B 7 38.76 -8.05 2.99
CA THR B 7 37.40 -7.60 2.81
C THR B 7 37.28 -6.73 1.56
N TRP B 8 36.03 -6.51 1.17
CA TRP B 8 35.68 -5.65 0.04
C TRP B 8 34.98 -4.46 0.69
N PRO B 9 35.65 -3.30 0.79
CA PRO B 9 35.10 -2.22 1.63
C PRO B 9 33.71 -1.72 1.22
N ALA B 10 33.44 -1.60 -0.08
CA ALA B 10 32.14 -1.11 -0.51
C ALA B 10 31.05 -2.10 -0.14
N TRP B 11 31.35 -3.40 -0.18
CA TRP B 11 30.36 -4.40 0.25
C TRP B 11 30.15 -4.33 1.75
N GLU B 12 31.24 -4.22 2.52
CA GLU B 12 31.07 -4.10 3.97
C GLU B 12 30.16 -2.92 4.30
N HIS B 13 30.35 -1.80 3.60
CA HIS B 13 29.51 -0.65 3.91
C HIS B 13 28.06 -0.91 3.47
N PHE B 14 27.88 -1.56 2.31
CA PHE B 14 26.52 -1.87 1.84
C PHE B 14 25.78 -2.73 2.85
N LYS B 15 26.44 -3.74 3.42
CA LYS B 15 25.81 -4.57 4.47
C LYS B 15 25.34 -3.70 5.63
N ARG B 16 26.19 -2.78 6.08
CA ARG B 16 25.82 -1.97 7.25
C ARG B 16 24.70 -0.99 6.92
N ALA B 17 24.68 -0.42 5.73
CA ALA B 17 23.78 0.69 5.42
C ALA B 17 22.49 0.25 4.75
N TYR B 18 22.47 -0.91 4.07
CA TYR B 18 21.31 -1.31 3.30
C TYR B 18 20.72 -2.65 3.67
N ILE B 19 21.35 -3.47 4.51
CA ILE B 19 20.79 -4.79 4.82
C ILE B 19 20.38 -4.80 6.29
N SER B 20 19.13 -5.22 6.55
CA SER B 20 18.65 -5.33 7.92
C SER B 20 19.37 -6.47 8.65
N ASP B 21 19.31 -6.44 9.98
CA ASP B 21 19.92 -7.53 10.76
C ASP B 21 19.35 -8.88 10.34
N GLY B 22 18.07 -8.91 9.97
CA GLY B 22 17.43 -10.14 9.56
C GLY B 22 17.64 -10.55 8.13
N GLY B 23 18.41 -9.79 7.36
CA GLY B 23 18.88 -10.24 6.04
C GLY B 23 18.10 -9.71 4.85
N ARG B 24 17.32 -8.64 5.01
CA ARG B 24 16.60 -8.06 3.88
C ARG B 24 17.30 -6.79 3.39
N VAL B 25 17.46 -6.71 2.06
CA VAL B 25 18.02 -5.51 1.42
C VAL B 25 16.90 -4.47 1.36
N ILE B 26 17.13 -3.29 1.93
CA ILE B 26 16.10 -2.25 2.02
C ILE B 26 16.41 -1.12 1.05
N ASP B 27 15.45 -0.84 0.18
CA ASP B 27 15.52 0.35 -0.66
C ASP B 27 14.95 1.51 0.16
N PRO B 28 15.78 2.47 0.58
CA PRO B 28 15.34 3.48 1.53
C PRO B 28 14.62 4.60 0.86
N SER B 29 14.49 4.63 -0.45
CA SER B 29 13.94 5.78 -1.13
CA SER B 29 13.94 5.82 -1.06
C SER B 29 12.44 5.72 -1.20
N ASP B 30 11.90 4.54 -0.91
CA ASP B 30 10.50 4.19 -0.96
C ASP B 30 9.92 4.30 0.46
N ALA B 31 8.81 5.02 0.59
CA ALA B 31 8.20 5.19 1.91
C ALA B 31 7.75 3.85 2.48
N ARG B 32 7.54 2.85 1.63
CA ARG B 32 7.24 1.49 2.06
C ARG B 32 8.47 0.69 2.49
N LYS B 33 9.66 1.28 2.40
CA LYS B 33 10.92 0.61 2.76
C LYS B 33 10.97 -0.83 2.24
N ILE B 34 10.85 -0.92 0.92
CA ILE B 34 10.65 -2.19 0.22
C ILE B 34 11.92 -3.04 0.17
N THR B 35 11.70 -4.34 0.14
CA THR B 35 12.67 -5.30 -0.37
C THR B 35 12.13 -5.88 -1.68
N THR B 36 13.03 -6.10 -2.64
CA THR B 36 12.67 -6.79 -3.88
C THR B 36 13.40 -8.11 -3.96
N SER B 37 12.84 -9.06 -4.70
CA SER B 37 13.64 -10.26 -4.97
C SER B 37 14.95 -9.90 -5.69
N GLU B 38 14.95 -8.86 -6.54
CA GLU B 38 16.17 -8.42 -7.20
C GLU B 38 17.25 -8.05 -6.19
N GLY B 39 16.88 -7.20 -5.20
CA GLY B 39 17.82 -6.82 -4.15
C GLY B 39 18.40 -7.99 -3.38
N GLN B 40 17.55 -8.97 -3.03
CA GLN B 40 18.03 -10.16 -2.37
C GLN B 40 19.01 -10.91 -3.29
N SER B 41 18.69 -11.01 -4.59
CA SER B 41 19.52 -11.78 -5.52
C SER B 41 20.90 -11.15 -5.64
N TYR B 42 20.94 -9.81 -5.69
CA TYR B 42 22.23 -9.15 -5.85
C TYR B 42 23.04 -9.33 -4.58
N ALA B 43 22.41 -9.22 -3.42
CA ALA B 43 23.15 -9.45 -2.18
C ALA B 43 23.70 -10.86 -2.08
N LEU B 44 22.96 -11.87 -2.56
CA LEU B 44 23.51 -13.21 -2.62
C LEU B 44 24.75 -13.24 -3.48
N PHE B 45 24.67 -12.64 -4.68
CA PHE B 45 25.84 -12.62 -5.56
C PHE B 45 27.02 -11.94 -4.88
N PHE B 46 26.83 -10.72 -4.36
CA PHE B 46 27.98 -10.00 -3.77
C PHE B 46 28.52 -10.72 -2.53
N ALA B 47 27.64 -11.33 -1.71
CA ALA B 47 28.14 -12.10 -0.59
C ALA B 47 29.01 -13.26 -1.04
N LEU B 48 28.60 -13.96 -2.11
CA LEU B 48 29.43 -15.04 -2.63
C LEU B 48 30.76 -14.49 -3.13
N ALA B 49 30.69 -13.43 -3.93
CA ALA B 49 31.90 -12.82 -4.45
C ALA B 49 32.85 -12.46 -3.32
N ALA B 50 32.31 -11.93 -2.22
CA ALA B 50 33.12 -11.52 -1.11
C ALA B 50 33.55 -12.66 -0.21
N ASP B 51 33.19 -13.91 -0.51
CA ASP B 51 33.47 -15.03 0.37
C ASP B 51 32.89 -14.77 1.75
N ASP B 52 31.64 -14.30 1.75
CA ASP B 52 30.93 -13.89 2.98
C ASP B 52 29.76 -14.84 3.19
N ARG B 53 30.07 -16.04 3.66
CA ARG B 53 29.03 -17.04 3.86
C ARG B 53 28.02 -16.61 4.91
N PRO B 54 28.38 -15.99 6.03
CA PRO B 54 27.33 -15.60 7.00
C PRO B 54 26.29 -14.66 6.39
N MET B 55 26.71 -13.67 5.60
CA MET B 55 25.70 -12.81 5.01
C MET B 55 24.93 -13.51 3.90
N PHE B 56 25.59 -14.34 3.10
CA PHE B 56 24.87 -15.15 2.13
C PHE B 56 23.71 -15.90 2.79
N ASP B 57 24.00 -16.61 3.88
CA ASP B 57 22.99 -17.40 4.57
C ASP B 57 21.89 -16.52 5.15
N ASN B 58 22.26 -15.36 5.68
CA ASN B 58 21.27 -14.45 6.27
C ASN B 58 20.27 -13.95 5.21
N VAL B 59 20.80 -13.48 4.10
CA VAL B 59 19.98 -13.05 2.97
C VAL B 59 19.15 -14.19 2.40
N LEU B 60 19.76 -15.38 2.25
CA LEU B 60 19.03 -16.51 1.71
C LEU B 60 17.86 -16.89 2.59
N GLU B 61 18.09 -17.00 3.89
CA GLU B 61 17.01 -17.39 4.79
C GLU B 61 15.88 -16.36 4.75
N TRP B 62 16.20 -15.07 4.73
CA TRP B 62 15.12 -14.08 4.69
C TRP B 62 14.32 -14.24 3.40
N THR B 63 15.01 -14.44 2.28
CA THR B 63 14.38 -14.63 0.98
C THR B 63 13.44 -15.84 1.02
N LYS B 64 13.95 -16.97 1.52
CA LYS B 64 13.13 -18.17 1.58
C LYS B 64 11.87 -17.92 2.36
N ASP B 65 12.02 -17.36 3.57
CA ASP B 65 10.90 -17.29 4.51
C ASP B 65 9.89 -16.20 4.14
N ASN B 66 10.32 -15.11 3.53
CA ASN B 66 9.42 -14.00 3.33
C ASN B 66 8.95 -13.84 1.90
N LEU B 67 9.71 -14.32 0.90
CA LEU B 67 9.27 -14.20 -0.47
C LEU B 67 8.83 -15.52 -1.09
N ALA B 68 9.28 -16.65 -0.55
CA ALA B 68 9.09 -17.92 -1.23
C ALA B 68 8.38 -18.97 -0.39
N GLN B 69 7.68 -18.55 0.65
CA GLN B 69 6.87 -19.47 1.44
C GLN B 69 7.72 -20.58 2.05
N GLY B 70 8.99 -20.29 2.35
CA GLY B 70 9.89 -21.25 2.94
C GLY B 70 10.76 -22.01 1.96
N ASP B 71 10.43 -22.01 0.67
CA ASP B 71 11.15 -22.90 -0.25
C ASP B 71 11.07 -22.41 -1.69
N PRO B 72 12.12 -21.70 -2.16
CA PRO B 72 12.15 -21.23 -3.56
C PRO B 72 12.13 -22.35 -4.60
N GLY B 73 12.48 -23.58 -4.21
CA GLY B 73 12.31 -24.73 -5.11
C GLY B 73 10.86 -25.05 -5.42
N GLU B 74 9.95 -24.67 -4.53
CA GLU B 74 8.53 -24.96 -4.71
C GLU B 74 7.72 -23.73 -5.10
N HIS B 75 8.25 -22.53 -4.85
CA HIS B 75 7.51 -21.29 -5.06
C HIS B 75 8.47 -20.22 -5.54
N LEU B 76 8.25 -19.68 -6.73
CA LEU B 76 9.16 -18.63 -7.18
C LEU B 76 9.02 -17.43 -6.25
N PRO B 77 10.10 -16.77 -5.87
CA PRO B 77 9.99 -15.65 -4.91
C PRO B 77 9.06 -14.56 -5.41
N ALA B 78 8.16 -14.10 -4.53
CA ALA B 78 7.45 -12.84 -4.75
C ALA B 78 8.45 -11.72 -4.97
N TRP B 79 8.13 -10.80 -5.88
CA TRP B 79 9.15 -9.82 -6.22
C TRP B 79 9.17 -8.63 -5.30
N LEU B 80 8.07 -8.37 -4.58
CA LEU B 80 7.95 -7.11 -3.87
C LEU B 80 7.36 -7.32 -2.50
N TRP B 81 8.07 -6.78 -1.47
CA TRP B 81 7.70 -6.91 -0.06
C TRP B 81 7.93 -5.60 0.67
N GLY B 82 7.03 -5.23 1.58
CA GLY B 82 7.23 -4.00 2.32
C GLY B 82 5.98 -3.63 3.11
N LYS B 83 5.90 -2.36 3.50
CA LYS B 83 4.80 -1.88 4.33
C LYS B 83 3.54 -1.71 3.50
N LYS B 84 2.41 -2.24 4.00
CA LYS B 84 1.09 -1.90 3.48
C LYS B 84 0.54 -0.84 4.43
N ASP B 85 -0.42 -1.20 5.31
CA ASP B 85 -0.70 -0.22 6.36
C ASP B 85 0.37 -0.29 7.45
N GLU B 86 0.34 0.69 8.37
CA GLU B 86 1.34 0.77 9.42
C GLU B 86 1.43 -0.56 10.17
N ASN B 87 2.66 -1.00 10.40
CA ASN B 87 2.97 -2.24 11.11
C ASN B 87 2.48 -3.50 10.40
N ASN B 88 2.16 -3.43 9.12
CA ASN B 88 1.78 -4.60 8.32
C ASN B 88 2.81 -4.70 7.22
N TRP B 89 3.81 -5.51 7.47
CA TRP B 89 4.91 -5.72 6.54
C TRP B 89 4.73 -7.06 5.87
N THR B 90 4.58 -7.06 4.53
CA THR B 90 4.01 -8.23 3.86
C THR B 90 4.43 -8.23 2.38
N VAL B 91 4.14 -9.34 1.70
CA VAL B 91 4.23 -9.37 0.25
C VAL B 91 3.24 -8.41 -0.37
N LEU B 92 3.71 -7.52 -1.19
CA LEU B 92 2.91 -6.52 -1.90
C LEU B 92 2.54 -6.94 -3.29
N ASP B 93 3.32 -7.87 -3.88
CA ASP B 93 2.95 -8.44 -5.17
C ASP B 93 3.54 -9.83 -5.22
N SER B 94 2.67 -10.84 -5.37
CA SER B 94 3.10 -12.22 -5.35
C SER B 94 3.79 -12.69 -6.64
N ASN B 95 3.67 -11.93 -7.72
CA ASN B 95 4.31 -12.30 -8.98
C ASN B 95 5.83 -12.29 -8.87
N SER B 96 6.46 -13.13 -9.67
CA SER B 96 7.91 -13.21 -9.67
C SER B 96 8.50 -12.24 -10.65
N ALA B 97 9.81 -11.93 -10.45
CA ALA B 97 10.66 -11.21 -11.40
C ALA B 97 11.75 -12.17 -11.83
N SER B 98 11.75 -12.57 -13.09
CA SER B 98 12.62 -13.69 -13.45
C SER B 98 14.12 -13.36 -13.41
N ASP B 99 14.51 -12.09 -13.52
CA ASP B 99 15.93 -11.78 -13.39
C ASP B 99 16.42 -12.13 -11.99
N ALA B 100 15.59 -11.83 -10.96
CA ALA B 100 15.97 -12.19 -9.61
C ALA B 100 16.01 -13.69 -9.46
N ASP B 101 15.00 -14.38 -10.02
CA ASP B 101 14.95 -15.84 -9.90
C ASP B 101 16.23 -16.46 -10.47
N ILE B 102 16.67 -15.95 -11.63
CA ILE B 102 17.89 -16.44 -12.28
C ILE B 102 19.12 -16.14 -11.43
N TRP B 103 19.27 -14.90 -10.93
CA TRP B 103 20.44 -14.60 -10.12
C TRP B 103 20.47 -15.41 -8.83
N ILE B 104 19.28 -15.67 -8.22
CA ILE B 104 19.27 -16.51 -7.04
C ILE B 104 19.72 -17.93 -7.40
N ALA B 105 19.15 -18.48 -8.46
CA ALA B 105 19.50 -19.86 -8.85
C ALA B 105 20.99 -19.99 -9.13
N TRP B 106 21.54 -19.08 -9.94
CA TRP B 106 22.95 -19.16 -10.29
C TRP B 106 23.81 -18.97 -9.06
N SER B 107 23.46 -18.02 -8.19
CA SER B 107 24.26 -17.81 -7.00
C SER B 107 24.23 -19.02 -6.09
N LEU B 108 23.07 -19.68 -6.00
CA LEU B 108 22.98 -20.90 -5.20
C LEU B 108 23.84 -22.03 -5.80
N LEU B 109 23.77 -22.21 -7.12
CA LEU B 109 24.55 -23.25 -7.77
C LEU B 109 26.06 -23.01 -7.60
N GLU B 110 26.51 -21.75 -7.74
CA GLU B 110 27.93 -21.43 -7.60
C GLU B 110 28.35 -21.46 -6.14
N ALA B 111 27.47 -21.09 -5.20
CA ALA B 111 27.79 -21.23 -3.78
C ALA B 111 27.93 -22.69 -3.43
N GLY B 112 27.00 -23.52 -3.92
CA GLY B 112 27.11 -24.95 -3.66
C GLY B 112 28.41 -25.53 -4.20
N ARG B 113 28.80 -25.13 -5.40
CA ARG B 113 30.05 -25.63 -5.99
C ARG B 113 31.28 -25.13 -5.22
N LEU B 114 31.34 -23.81 -4.96
CA LEU B 114 32.57 -23.21 -4.42
C LEU B 114 32.73 -23.41 -2.92
N TRP B 115 31.63 -23.43 -2.15
CA TRP B 115 31.73 -23.69 -0.72
C TRP B 115 31.49 -25.16 -0.39
N LYS B 116 31.26 -25.98 -1.42
CA LYS B 116 31.12 -27.42 -1.26
C LYS B 116 29.95 -27.75 -0.35
N GLU B 117 28.79 -27.19 -0.68
CA GLU B 117 27.60 -27.30 0.17
C GLU B 117 26.46 -27.79 -0.71
N ALA B 118 26.14 -29.08 -0.59
CA ALA B 118 25.12 -29.70 -1.44
C ALA B 118 23.75 -29.09 -1.21
N ARG B 119 23.48 -28.55 -0.03
CA ARG B 119 22.16 -27.96 0.21
C ARG B 119 21.89 -26.79 -0.74
N TYR B 120 22.92 -25.97 -1.03
CA TYR B 120 22.73 -24.87 -1.95
C TYR B 120 22.52 -25.39 -3.35
N THR B 121 23.26 -26.44 -3.74
CA THR B 121 23.11 -27.00 -5.08
C THR B 121 21.70 -27.58 -5.27
N THR B 122 21.23 -28.30 -4.26
CA THR B 122 19.89 -28.88 -4.34
C THR B 122 18.82 -27.80 -4.49
N LEU B 123 18.93 -26.73 -3.68
CA LEU B 123 17.95 -25.66 -3.79
C LEU B 123 18.06 -24.94 -5.13
N GLY B 124 19.29 -24.65 -5.57
CA GLY B 124 19.45 -23.97 -6.84
C GLY B 124 18.91 -24.77 -8.00
N ASN B 125 19.10 -26.10 -8.00
CA ASN B 125 18.58 -26.88 -9.10
C ASN B 125 17.05 -26.91 -9.07
N ALA B 126 16.45 -27.04 -7.88
CA ALA B 126 14.99 -27.03 -7.82
C ALA B 126 14.41 -25.67 -8.26
N LEU B 127 15.04 -24.56 -7.83
CA LEU B 127 14.57 -23.25 -8.29
C LEU B 127 14.71 -23.15 -9.82
N LEU B 128 15.86 -23.57 -10.38
CA LEU B 128 16.05 -23.43 -11.82
C LEU B 128 15.00 -24.22 -12.60
N ASN B 129 14.69 -25.42 -12.11
CA ASN B 129 13.65 -26.21 -12.77
C ASN B 129 12.30 -25.52 -12.69
N ARG B 130 12.01 -24.88 -11.55
CA ARG B 130 10.75 -24.15 -11.45
C ARG B 130 10.72 -22.92 -12.37
N ILE B 131 11.86 -22.24 -12.56
CA ILE B 131 11.87 -21.16 -13.55
C ILE B 131 11.52 -21.69 -14.93
N ALA B 132 12.15 -22.80 -15.34
CA ALA B 132 11.83 -23.32 -16.66
C ALA B 132 10.35 -23.72 -16.76
N LYS B 133 9.78 -24.22 -15.66
CA LYS B 133 8.40 -24.68 -15.71
C LYS B 133 7.43 -23.51 -15.77
N GLU B 134 7.68 -22.45 -15.00
CA GLU B 134 6.68 -21.42 -14.77
C GLU B 134 6.93 -20.15 -15.54
N GLU B 135 8.15 -19.89 -15.99
CA GLU B 135 8.37 -18.61 -16.65
C GLU B 135 9.23 -18.72 -17.92
N VAL B 136 9.31 -19.89 -18.53
CA VAL B 136 9.90 -20.07 -19.84
C VAL B 136 8.80 -20.64 -20.71
N VAL B 137 8.58 -20.07 -21.89
CA VAL B 137 7.53 -20.55 -22.78
C VAL B 137 8.08 -20.60 -24.20
N THR B 138 7.46 -21.45 -25.03
CA THR B 138 7.86 -21.53 -26.43
C THR B 138 7.03 -20.51 -27.21
N VAL B 139 7.72 -19.60 -27.88
CA VAL B 139 7.10 -18.51 -28.62
C VAL B 139 7.23 -18.82 -30.10
N PRO B 140 6.14 -18.95 -30.86
CA PRO B 140 6.28 -19.30 -32.27
C PRO B 140 7.07 -18.25 -33.00
N GLY B 141 8.09 -18.70 -33.75
CA GLY B 141 8.98 -17.83 -34.47
C GLY B 141 10.31 -17.60 -33.77
N LEU B 142 10.38 -17.88 -32.46
CA LEU B 142 11.57 -17.69 -31.65
C LEU B 142 12.04 -18.98 -31.01
N GLY B 143 11.12 -19.76 -30.43
CA GLY B 143 11.54 -20.87 -29.60
C GLY B 143 11.35 -20.52 -28.14
N PRO B 144 12.06 -21.22 -27.24
CA PRO B 144 11.92 -20.94 -25.81
C PRO B 144 12.40 -19.53 -25.52
N MET B 145 11.61 -18.85 -24.67
CA MET B 145 11.98 -17.51 -24.20
C MET B 145 11.73 -17.43 -22.70
N LEU B 146 12.51 -16.59 -22.03
CA LEU B 146 12.35 -16.29 -20.62
C LEU B 146 11.37 -15.12 -20.48
N LEU B 147 10.23 -15.34 -19.83
CA LEU B 147 9.32 -14.25 -19.54
C LEU B 147 9.83 -13.48 -18.33
N PRO B 148 9.52 -12.19 -18.26
CA PRO B 148 9.92 -11.39 -17.12
C PRO B 148 9.27 -11.76 -15.83
N GLY B 149 8.24 -12.59 -15.85
CA GLY B 149 7.60 -13.01 -14.62
C GLY B 149 6.59 -14.07 -14.98
N LYS B 150 6.12 -14.78 -13.95
CA LYS B 150 5.28 -15.95 -14.23
C LYS B 150 3.87 -15.56 -14.70
N VAL B 151 3.44 -14.32 -14.41
CA VAL B 151 2.21 -13.82 -15.01
C VAL B 151 2.42 -12.41 -15.52
N GLY B 152 1.60 -12.04 -16.49
CA GLY B 152 1.50 -10.66 -16.89
C GLY B 152 2.30 -10.29 -18.12
N PHE B 153 3.04 -11.24 -18.71
CA PHE B 153 3.90 -10.91 -19.84
C PHE B 153 3.62 -11.74 -21.08
N ALA B 154 2.60 -12.59 -21.07
CA ALA B 154 2.30 -13.43 -22.23
C ALA B 154 0.81 -13.29 -22.51
N GLU B 155 0.47 -12.99 -23.75
CA GLU B 155 -0.91 -13.07 -24.25
C GLU B 155 -0.91 -14.05 -25.41
N GLU B 156 -2.08 -14.24 -26.04
CA GLU B 156 -2.14 -15.29 -27.06
C GLU B 156 -1.19 -15.04 -28.23
N THR B 157 -1.04 -13.78 -28.67
CA THR B 157 -0.24 -13.50 -29.85
C THR B 157 0.90 -12.51 -29.61
N VAL B 158 1.04 -11.99 -28.38
CA VAL B 158 2.08 -11.01 -28.06
C VAL B 158 2.72 -11.40 -26.74
N TRP B 159 4.04 -11.19 -26.66
CA TRP B 159 4.86 -11.43 -25.46
C TRP B 159 5.71 -10.21 -25.21
N ARG B 160 5.99 -9.94 -23.95
CA ARG B 160 6.88 -8.83 -23.60
C ARG B 160 8.08 -9.34 -22.81
N LEU B 161 9.29 -8.91 -23.22
CA LEU B 161 10.56 -9.39 -22.65
C LEU B 161 11.35 -8.22 -22.10
N ASN B 162 12.37 -8.57 -21.31
CA ASN B 162 13.23 -7.58 -20.68
C ASN B 162 14.67 -8.02 -20.97
N PRO B 163 15.35 -7.39 -21.94
CA PRO B 163 16.70 -7.82 -22.34
C PRO B 163 17.73 -7.91 -21.22
N SER B 164 17.60 -7.12 -20.16
CA SER B 164 18.52 -7.17 -19.03
C SER B 164 18.40 -8.43 -18.19
N TYR B 165 17.37 -9.27 -18.40
CA TYR B 165 17.06 -10.27 -17.40
C TYR B 165 17.94 -11.52 -17.39
N LEU B 166 18.56 -11.91 -18.52
CA LEU B 166 19.38 -13.12 -18.56
C LEU B 166 20.78 -12.68 -18.99
N PRO B 167 21.70 -12.47 -18.07
CA PRO B 167 23.10 -12.11 -18.46
C PRO B 167 23.67 -13.19 -19.35
N PRO B 168 24.37 -12.84 -20.44
CA PRO B 168 24.88 -13.90 -21.34
C PRO B 168 25.78 -14.89 -20.64
N GLN B 169 26.59 -14.46 -19.67
CA GLN B 169 27.45 -15.41 -18.96
C GLN B 169 26.66 -16.40 -18.10
N ILE B 170 25.58 -15.93 -17.46
CA ILE B 170 24.71 -16.88 -16.76
C ILE B 170 24.03 -17.83 -17.73
N ALA B 171 23.52 -17.30 -18.86
CA ALA B 171 22.93 -18.21 -19.85
C ALA B 171 23.91 -19.29 -20.26
N ARG B 172 25.18 -18.92 -20.51
CA ARG B 172 26.16 -19.94 -20.87
CA ARG B 172 26.16 -19.95 -20.87
C ARG B 172 26.33 -20.95 -19.73
N TYR B 173 26.41 -20.48 -18.49
CA TYR B 173 26.58 -21.43 -17.40
C TYR B 173 25.43 -22.44 -17.36
N LEU B 174 24.19 -21.94 -17.50
CA LEU B 174 23.02 -22.78 -17.30
C LEU B 174 22.88 -23.82 -18.39
N THR B 175 23.54 -23.68 -19.53
CA THR B 175 23.47 -24.71 -20.56
C THR B 175 23.92 -26.08 -20.04
N ARG B 176 24.68 -26.14 -18.95
CA ARG B 176 25.09 -27.42 -18.41
C ARG B 176 23.89 -28.27 -17.97
N PHE B 177 22.73 -27.65 -17.72
CA PHE B 177 21.53 -28.36 -17.30
C PHE B 177 20.69 -28.76 -18.48
N GLY B 178 21.15 -28.58 -19.69
CA GLY B 178 20.39 -29.04 -20.83
C GLY B 178 19.22 -28.16 -21.18
N GLU B 179 18.29 -28.70 -21.94
CA GLU B 179 17.12 -27.92 -22.35
C GLU B 179 16.23 -27.60 -21.14
N PRO B 180 15.59 -26.42 -21.12
CA PRO B 180 15.55 -25.41 -22.19
C PRO B 180 16.72 -24.45 -22.20
N TRP B 181 17.67 -24.63 -21.29
CA TRP B 181 18.75 -23.64 -21.13
C TRP B 181 19.67 -23.64 -22.35
N THR B 182 19.90 -24.80 -22.96
CA THR B 182 20.74 -24.84 -24.15
C THR B 182 20.22 -23.88 -25.22
N THR B 183 18.94 -24.01 -25.55
CA THR B 183 18.41 -23.15 -26.60
C THR B 183 18.10 -21.73 -26.10
N LEU B 184 17.66 -21.57 -24.85
CA LEU B 184 17.52 -20.23 -24.29
C LEU B 184 18.79 -19.40 -24.45
N GLN B 185 19.97 -20.00 -24.34
CA GLN B 185 21.16 -19.20 -24.57
C GLN B 185 21.15 -18.58 -25.97
N GLU B 186 20.63 -19.34 -26.95
CA GLU B 186 20.63 -18.85 -28.32
C GLU B 186 19.53 -17.82 -28.51
N THR B 187 18.36 -18.08 -27.97
CA THR B 187 17.28 -17.12 -28.19
C THR B 187 17.52 -15.84 -27.40
N ASN B 188 18.24 -15.94 -26.28
CA ASN B 188 18.63 -14.75 -25.53
C ASN B 188 19.61 -13.93 -26.34
N HIS B 189 20.58 -14.59 -27.00
CA HIS B 189 21.52 -13.86 -27.84
C HIS B 189 20.78 -13.17 -29.00
N ARG B 190 19.80 -13.88 -29.59
CA ARG B 190 19.00 -13.27 -30.64
C ARG B 190 18.24 -12.04 -30.13
N LEU B 191 17.62 -12.16 -28.97
CA LEU B 191 16.88 -11.03 -28.36
C LEU B 191 17.82 -9.84 -28.22
N LEU B 192 18.99 -10.06 -27.65
CA LEU B 192 19.91 -8.95 -27.42
C LEU B 192 20.31 -8.28 -28.72
N LEU B 193 20.69 -9.08 -29.72
CA LEU B 193 21.17 -8.49 -30.99
C LEU B 193 20.07 -7.81 -31.78
N GLU B 194 18.90 -8.45 -31.89
CA GLU B 194 17.91 -8.00 -32.84
C GLU B 194 17.07 -6.87 -32.32
N THR B 195 17.02 -6.64 -31.01
CA THR B 195 16.18 -5.57 -30.47
C THR B 195 16.97 -4.32 -30.16
N ALA B 196 18.26 -4.26 -30.59
CA ALA B 196 19.09 -3.07 -30.46
C ALA B 196 19.49 -2.56 -31.85
N PRO B 197 18.52 -2.19 -32.69
CA PRO B 197 18.87 -1.85 -34.08
C PRO B 197 19.78 -0.63 -34.23
N LYS B 198 19.68 0.34 -33.33
CA LYS B 198 20.54 1.51 -33.35
C LYS B 198 21.68 1.38 -32.35
N GLY B 199 21.92 0.18 -31.81
CA GLY B 199 22.99 -0.04 -30.86
C GLY B 199 22.61 0.19 -29.41
N PHE B 200 21.32 0.39 -29.13
CA PHE B 200 20.81 0.64 -27.78
C PHE B 200 19.77 -0.42 -27.47
N SER B 201 19.94 -1.10 -26.33
CA SER B 201 19.02 -2.19 -25.94
C SER B 201 17.82 -1.58 -25.18
N PRO B 202 16.61 -2.10 -25.39
CA PRO B 202 15.45 -1.53 -24.70
C PRO B 202 15.27 -2.11 -23.31
N ASP B 203 14.69 -1.32 -22.42
CA ASP B 203 14.25 -1.83 -21.12
C ASP B 203 13.28 -2.99 -21.28
N TRP B 204 12.31 -2.82 -22.16
CA TRP B 204 11.25 -3.78 -22.42
C TRP B 204 11.01 -3.81 -23.92
N VAL B 205 10.61 -4.98 -24.43
CA VAL B 205 10.33 -5.07 -25.86
C VAL B 205 9.32 -6.18 -26.09
N ARG B 206 8.39 -5.94 -27.01
CA ARG B 206 7.37 -6.92 -27.35
C ARG B 206 7.72 -7.65 -28.64
N TYR B 207 7.19 -8.87 -28.73
CA TYR B 207 7.23 -9.69 -29.92
C TYR B 207 5.80 -10.10 -30.20
N GLU B 208 5.37 -9.94 -31.44
CA GLU B 208 4.02 -10.33 -31.83
C GLU B 208 4.11 -11.47 -32.84
N LYS B 209 3.25 -12.47 -32.66
CA LYS B 209 3.23 -13.62 -33.55
C LYS B 209 3.11 -13.16 -34.99
N SER B 210 3.99 -13.68 -35.84
CA SER B 210 4.05 -13.39 -37.27
C SER B 210 4.59 -12.00 -37.59
N LYS B 211 4.28 -10.99 -36.76
CA LYS B 211 4.73 -9.64 -37.10
C LYS B 211 6.16 -9.37 -36.65
N GLY B 212 6.58 -9.95 -35.54
CA GLY B 212 7.94 -9.86 -35.11
C GLY B 212 8.14 -8.89 -33.97
N TRP B 213 9.40 -8.50 -33.79
CA TRP B 213 9.75 -7.53 -32.77
C TRP B 213 9.03 -6.22 -33.04
N GLN B 214 8.59 -5.57 -31.97
CA GLN B 214 7.84 -4.32 -32.08
C GLN B 214 8.81 -3.19 -31.75
N LEU B 215 9.46 -2.69 -32.78
CA LEU B 215 10.55 -1.76 -32.60
C LEU B 215 10.18 -0.31 -32.95
N ALA B 216 8.87 0.01 -33.05
CA ALA B 216 8.48 1.40 -33.21
C ALA B 216 8.70 2.16 -31.88
N PRO B 217 8.82 3.50 -31.94
CA PRO B 217 8.94 4.29 -30.70
C PRO B 217 7.84 3.99 -29.68
N ASP B 218 8.23 3.92 -28.41
CA ASP B 218 7.30 3.61 -27.33
C ASP B 218 7.95 3.93 -25.98
N LYS B 219 7.08 4.18 -25.01
CA LYS B 219 7.45 4.69 -23.69
C LYS B 219 8.48 3.81 -22.99
N THR B 220 8.33 2.49 -23.11
CA THR B 220 9.28 1.56 -22.51
C THR B 220 10.33 1.04 -23.51
N LEU B 221 10.27 1.49 -24.78
CA LEU B 221 11.33 1.11 -25.77
C LEU B 221 12.49 2.10 -25.74
N ILE B 222 13.09 2.19 -24.57
CA ILE B 222 14.19 3.10 -24.30
C ILE B 222 15.24 2.30 -23.57
N SER B 223 16.50 2.70 -23.77
CA SER B 223 17.57 2.15 -22.95
C SER B 223 17.61 3.03 -21.71
N GLY B 224 17.14 2.49 -20.58
CA GLY B 224 17.03 3.25 -19.34
C GLY B 224 17.57 2.47 -18.17
N TYR B 225 16.81 2.43 -17.07
CA TYR B 225 17.27 1.88 -15.81
C TYR B 225 17.25 0.35 -15.78
N ALA B 226 16.51 -0.30 -16.69
CA ALA B 226 16.66 -1.74 -16.84
C ALA B 226 17.83 -2.08 -17.76
N ALA B 227 17.80 -1.48 -18.97
CA ALA B 227 18.74 -1.84 -20.03
C ALA B 227 20.16 -1.43 -19.73
N ILE B 228 20.41 -0.49 -18.81
CA ILE B 228 21.79 -0.15 -18.46
C ILE B 228 22.54 -1.41 -18.06
N ARG B 229 21.85 -2.40 -17.52
CA ARG B 229 22.49 -3.61 -17.10
C ARG B 229 22.90 -4.51 -18.24
N VAL B 230 22.27 -4.39 -19.43
CA VAL B 230 22.72 -5.19 -20.58
C VAL B 230 24.19 -4.91 -20.86
N TYR B 231 24.55 -3.62 -20.93
CA TYR B 231 25.93 -3.25 -21.27
C TYR B 231 26.85 -3.75 -20.20
N LEU B 232 26.43 -3.63 -18.94
CA LEU B 232 27.19 -4.15 -17.81
C LEU B 232 27.45 -5.64 -17.94
N TRP B 233 26.40 -6.43 -18.20
CA TRP B 233 26.66 -7.86 -18.28
C TRP B 233 27.61 -8.18 -19.42
N VAL B 234 27.40 -7.51 -20.58
CA VAL B 234 28.27 -7.83 -21.73
C VAL B 234 29.71 -7.47 -21.40
N GLY B 235 29.92 -6.31 -20.76
CA GLY B 235 31.29 -5.92 -20.42
C GLY B 235 31.99 -6.89 -19.47
N MET B 236 31.22 -7.55 -18.59
CA MET B 236 31.78 -8.50 -17.64
C MET B 236 31.87 -9.92 -18.20
N MET B 237 31.44 -10.15 -19.43
CA MET B 237 31.71 -11.48 -20.01
C MET B 237 33.21 -11.68 -20.12
N ASN B 238 33.64 -12.92 -20.00
CA ASN B 238 35.07 -13.19 -20.21
C ASN B 238 35.41 -12.97 -21.69
N ASP B 239 36.61 -12.43 -21.94
CA ASP B 239 37.04 -12.21 -23.35
C ASP B 239 37.12 -13.52 -24.16
N HIS B 240 37.24 -14.66 -23.49
CA HIS B 240 37.31 -15.94 -24.19
C HIS B 240 35.95 -16.56 -24.36
N ASP B 241 34.86 -15.86 -24.03
CA ASP B 241 33.54 -16.25 -24.54
C ASP B 241 33.46 -15.76 -25.98
N ALA B 242 33.30 -16.72 -26.93
CA ALA B 242 33.29 -16.39 -28.35
C ALA B 242 32.17 -15.46 -28.78
N GLN B 243 31.18 -15.28 -27.95
CA GLN B 243 30.06 -14.39 -28.31
C GLN B 243 30.17 -12.98 -27.79
N LYS B 244 31.15 -12.71 -26.93
CA LYS B 244 31.24 -11.36 -26.37
C LYS B 244 31.45 -10.33 -27.47
N ALA B 245 32.33 -10.61 -28.43
CA ALA B 245 32.69 -9.58 -29.40
C ALA B 245 31.46 -9.10 -30.17
N SER B 246 30.58 -10.00 -30.55
CA SER B 246 29.41 -9.64 -31.34
C SER B 246 28.47 -8.73 -30.55
N LEU B 247 28.38 -8.95 -29.24
CA LEU B 247 27.51 -8.11 -28.41
C LEU B 247 28.14 -6.74 -28.19
N LEU B 248 29.46 -6.68 -27.93
CA LEU B 248 30.13 -5.40 -27.86
C LEU B 248 29.98 -4.62 -29.16
N GLU B 249 30.10 -5.30 -30.29
CA GLU B 249 29.98 -4.61 -31.56
C GLU B 249 28.59 -4.04 -31.76
N ARG B 250 27.57 -4.85 -31.49
CA ARG B 250 26.20 -4.36 -31.65
C ARG B 250 25.93 -3.13 -30.78
N LEU B 251 26.44 -3.13 -29.54
CA LEU B 251 26.08 -2.07 -28.58
C LEU B 251 27.13 -0.96 -28.57
N LYS B 252 28.08 -1.00 -29.49
CA LYS B 252 29.12 0.04 -29.56
C LYS B 252 28.54 1.46 -29.56
N PRO B 253 27.39 1.74 -30.18
CA PRO B 253 26.89 3.11 -30.12
C PRO B 253 26.70 3.66 -28.71
N MET B 254 26.39 2.81 -27.73
CA MET B 254 26.33 3.34 -26.37
C MET B 254 27.71 3.77 -25.87
N ALA B 255 28.76 3.01 -26.21
CA ALA B 255 30.11 3.40 -25.84
C ALA B 255 30.51 4.69 -26.53
N ALA B 256 30.20 4.81 -27.83
CA ALA B 256 30.59 6.01 -28.57
C ALA B 256 29.85 7.23 -28.04
N LEU B 257 28.57 7.10 -27.74
CA LEU B 257 27.81 8.23 -27.21
C LEU B 257 28.35 8.64 -25.84
N THR B 258 28.58 7.68 -24.94
CA THR B 258 29.12 8.00 -23.62
C THR B 258 30.46 8.70 -23.76
N ALA B 259 31.34 8.19 -24.63
CA ALA B 259 32.66 8.81 -24.75
C ALA B 259 32.59 10.20 -25.35
N LYS B 260 31.66 10.43 -26.28
CA LYS B 260 31.54 11.73 -26.92
C LYS B 260 31.17 12.76 -25.91
N LYS B 261 30.17 12.43 -25.08
CA LYS B 261 29.60 13.31 -24.07
C LYS B 261 30.43 13.38 -22.78
N GLY B 262 31.21 12.35 -22.49
CA GLY B 262 31.72 12.08 -21.16
C GLY B 262 30.68 11.73 -20.12
N VAL B 263 29.45 11.49 -20.54
CA VAL B 263 28.34 11.26 -19.63
C VAL B 263 27.50 10.11 -20.18
N VAL B 264 27.20 9.16 -19.32
CA VAL B 264 26.25 8.12 -19.76
C VAL B 264 24.85 8.73 -19.83
N PRO B 265 24.11 8.58 -20.93
CA PRO B 265 22.76 9.14 -20.99
C PRO B 265 21.81 8.42 -20.02
N GLU B 266 20.78 9.14 -19.61
CA GLU B 266 19.80 8.51 -18.74
C GLU B 266 18.88 7.58 -19.52
N LYS B 267 18.39 8.04 -20.66
CA LYS B 267 17.39 7.35 -21.47
C LYS B 267 17.78 7.53 -22.92
N VAL B 268 17.79 6.45 -23.70
CA VAL B 268 18.04 6.56 -25.13
C VAL B 268 16.90 5.89 -25.87
N ASP B 269 16.30 6.62 -26.81
CA ASP B 269 15.21 6.07 -27.63
C ASP B 269 15.81 4.96 -28.51
N VAL B 270 15.28 3.74 -28.38
CA VAL B 270 15.88 2.60 -29.08
C VAL B 270 15.58 2.67 -30.55
N ALA B 271 14.48 3.31 -30.94
CA ALA B 271 14.10 3.35 -32.34
C ALA B 271 14.80 4.46 -33.11
N THR B 272 15.23 5.55 -32.44
CA THR B 272 15.84 6.69 -33.09
C THR B 272 17.25 6.98 -32.63
N ALA B 273 17.69 6.39 -31.51
CA ALA B 273 18.99 6.64 -30.88
C ALA B 273 19.07 8.00 -30.20
N GLN B 274 17.97 8.69 -30.04
N GLN B 274 17.97 8.71 -30.07
CA GLN B 274 18.04 10.02 -29.44
CA GLN B 274 18.05 10.04 -29.45
C GLN B 274 18.15 9.92 -27.92
C GLN B 274 18.14 9.94 -27.94
N PRO B 275 19.17 10.51 -27.30
CA PRO B 275 19.30 10.43 -25.85
C PRO B 275 18.69 11.61 -25.11
N ARG B 276 18.37 11.37 -23.84
CA ARG B 276 17.97 12.48 -22.98
C ARG B 276 18.41 12.23 -21.54
N GLY B 277 18.79 13.28 -20.86
CA GLY B 277 19.10 13.20 -19.46
C GLY B 277 20.50 12.68 -19.21
N ASP B 278 20.99 12.90 -18.00
CA ASP B 278 22.27 12.38 -17.55
C ASP B 278 22.00 11.24 -16.60
N GLY B 279 22.60 10.07 -16.85
CA GLY B 279 22.40 8.98 -15.92
C GLY B 279 23.03 9.25 -14.55
N PRO B 280 22.55 8.56 -13.52
CA PRO B 280 23.15 8.70 -12.18
C PRO B 280 24.50 8.01 -12.13
N VAL B 281 25.19 8.13 -11.01
CA VAL B 281 26.52 7.57 -10.88
C VAL B 281 26.53 6.07 -11.11
N GLY B 282 25.48 5.37 -10.75
CA GLY B 282 25.45 3.95 -11.03
C GLY B 282 25.59 3.63 -12.51
N PHE B 283 25.11 4.51 -13.39
CA PHE B 283 25.25 4.25 -14.81
C PHE B 283 26.71 4.36 -15.23
N ALA B 284 27.44 5.34 -14.69
CA ALA B 284 28.88 5.43 -14.96
C ALA B 284 29.58 4.17 -14.51
N ALA B 285 29.24 3.66 -13.34
CA ALA B 285 29.87 2.44 -12.84
C ALA B 285 29.48 1.26 -13.70
N ALA B 286 28.23 1.17 -14.10
CA ALA B 286 27.76 0.04 -14.89
C ALA B 286 28.47 -0.07 -16.22
N LEU B 287 28.93 1.07 -16.77
CA LEU B 287 29.65 0.98 -18.03
C LEU B 287 31.16 0.79 -17.85
N LEU B 288 31.69 0.78 -16.61
CA LEU B 288 33.13 0.49 -16.48
C LEU B 288 33.56 -0.79 -17.17
N PRO B 289 32.91 -1.94 -16.96
CA PRO B 289 33.37 -3.15 -17.68
C PRO B 289 33.11 -3.07 -19.18
N PHE B 290 32.06 -2.36 -19.59
CA PHE B 290 31.64 -2.30 -21.00
C PHE B 290 32.58 -1.47 -21.84
N LEU B 291 33.01 -0.32 -21.32
CA LEU B 291 33.84 0.60 -22.12
C LEU B 291 35.22 0.00 -22.32
N GLN B 292 35.58 -0.25 -23.58
CA GLN B 292 36.87 -0.87 -23.90
C GLN B 292 37.97 0.16 -24.03
N ASP B 293 37.67 1.41 -24.36
CA ASP B 293 38.69 2.43 -24.54
C ASP B 293 39.16 2.90 -23.17
N ARG B 294 40.48 2.98 -23.00
CA ARG B 294 41.08 3.33 -21.71
CA ARG B 294 40.99 3.29 -21.67
C ARG B 294 40.62 4.71 -21.26
N ASP B 295 40.68 5.68 -22.16
CA ASP B 295 40.32 7.04 -21.76
C ASP B 295 38.84 7.18 -21.40
N ALA B 296 37.95 6.62 -22.23
CA ALA B 296 36.52 6.71 -21.93
C ALA B 296 36.21 6.06 -20.61
N GLN B 297 36.80 4.87 -20.36
N GLN B 297 36.82 4.93 -20.35
CA GLN B 297 36.70 4.20 -19.06
CA GLN B 297 36.55 4.26 -19.09
C GLN B 297 37.09 5.14 -17.95
C GLN B 297 37.12 5.07 -17.91
N ALA B 298 38.24 5.79 -18.10
CA ALA B 298 38.82 6.56 -17.03
C ALA B 298 37.95 7.77 -16.69
N VAL B 299 37.31 8.38 -17.69
CA VAL B 299 36.37 9.49 -17.42
C VAL B 299 35.25 8.99 -16.51
N GLN B 300 34.69 7.82 -16.82
CA GLN B 300 33.63 7.27 -15.95
C GLN B 300 34.16 6.87 -14.57
N ARG B 301 35.41 6.36 -14.53
CA ARG B 301 35.98 5.96 -13.24
C ARG B 301 36.09 7.18 -12.31
N GLN B 302 36.45 8.33 -12.88
CA GLN B 302 36.52 9.56 -12.10
C GLN B 302 35.17 9.90 -11.50
N LYS B 303 34.10 9.76 -12.29
CA LYS B 303 32.78 10.08 -11.75
C LYS B 303 32.41 9.18 -10.59
N VAL B 304 32.70 7.89 -10.71
CA VAL B 304 32.38 6.96 -9.64
C VAL B 304 33.23 7.25 -8.40
N ALA B 305 34.48 7.66 -8.60
CA ALA B 305 35.34 7.94 -7.46
C ALA B 305 34.85 9.18 -6.71
N ASP B 306 34.42 10.21 -7.44
CA ASP B 306 34.10 11.50 -6.80
C ASP B 306 32.64 11.60 -6.39
N HIS B 307 31.76 10.74 -6.93
CA HIS B 307 30.33 10.77 -6.64
C HIS B 307 29.85 9.43 -6.17
N PHE B 308 30.66 8.69 -5.40
CA PHE B 308 30.30 7.35 -4.98
C PHE B 308 28.94 7.35 -4.29
N PRO B 309 28.06 6.39 -4.56
CA PRO B 309 26.68 6.52 -4.04
C PRO B 309 26.63 6.53 -2.53
N GLY B 310 25.72 7.37 -2.00
CA GLY B 310 25.48 7.43 -0.57
C GLY B 310 24.58 6.31 -0.07
N ASP B 311 23.96 6.56 1.08
CA ASP B 311 23.09 5.61 1.74
C ASP B 311 21.64 5.78 1.35
N ASP B 312 21.38 6.67 0.39
CA ASP B 312 20.04 6.96 -0.09
C ASP B 312 19.90 6.63 -1.56
N ALA B 313 20.63 5.62 -2.06
CA ALA B 313 20.77 5.41 -3.51
C ALA B 313 20.99 3.94 -3.77
N TYR B 314 20.02 3.11 -3.48
CA TYR B 314 20.11 1.66 -3.57
C TYR B 314 20.55 1.22 -4.96
N PHE B 315 19.90 1.75 -6.00
CA PHE B 315 20.14 1.18 -7.32
C PHE B 315 21.52 1.60 -7.82
N SER B 316 21.91 2.83 -7.64
CA SER B 316 23.27 3.18 -8.03
C SER B 316 24.26 2.40 -7.20
N TYR B 317 23.96 2.10 -5.95
CA TYR B 317 24.89 1.31 -5.13
C TYR B 317 25.09 -0.08 -5.71
N VAL B 318 24.00 -0.78 -6.04
CA VAL B 318 24.24 -2.14 -6.53
C VAL B 318 24.87 -2.12 -7.92
N LEU B 319 24.51 -1.14 -8.78
CA LEU B 319 25.22 -1.05 -10.07
C LEU B 319 26.71 -0.76 -9.84
N THR B 320 27.06 0.00 -8.81
CA THR B 320 28.46 0.26 -8.49
C THR B 320 29.16 -0.95 -7.91
N LEU B 321 28.51 -1.74 -7.07
CA LEU B 321 29.13 -2.98 -6.62
C LEU B 321 29.44 -3.89 -7.80
N PHE B 322 28.53 -3.99 -8.79
CA PHE B 322 28.89 -4.76 -9.99
C PHE B 322 30.00 -4.09 -10.76
N GLY B 323 29.83 -2.83 -11.15
CA GLY B 323 30.70 -2.23 -12.16
C GLY B 323 32.06 -1.82 -11.63
N GLN B 324 32.03 -1.09 -10.50
CA GLN B 324 33.29 -0.79 -9.82
C GLN B 324 33.89 -2.07 -9.20
N GLY B 325 33.07 -3.01 -8.72
CA GLY B 325 33.67 -4.25 -8.26
C GLY B 325 34.44 -4.94 -9.37
N TRP B 326 33.83 -5.05 -10.56
CA TRP B 326 34.55 -5.70 -11.66
C TRP B 326 35.79 -4.89 -12.04
N ASP B 327 35.67 -3.56 -12.05
CA ASP B 327 36.80 -2.68 -12.36
C ASP B 327 37.95 -2.89 -11.38
N GLU B 328 37.67 -3.36 -10.18
CA GLU B 328 38.64 -3.61 -9.13
C GLU B 328 38.97 -5.07 -8.99
N HIS B 329 38.62 -5.89 -9.97
CA HIS B 329 38.91 -7.33 -9.88
C HIS B 329 38.34 -8.00 -8.63
N ARG B 330 37.15 -7.54 -8.17
CA ARG B 330 36.54 -8.16 -7.00
C ARG B 330 35.99 -9.55 -7.34
N PHE B 331 35.75 -9.80 -8.62
CA PHE B 331 35.21 -11.06 -9.12
C PHE B 331 35.42 -11.05 -10.63
N ARG B 332 35.40 -12.25 -11.23
CA ARG B 332 35.40 -12.43 -12.69
C ARG B 332 34.45 -13.56 -13.01
N PHE B 333 34.08 -13.64 -14.29
CA PHE B 333 33.36 -14.80 -14.82
C PHE B 333 34.32 -15.55 -15.75
N THR B 334 34.27 -16.86 -15.69
CA THR B 334 34.98 -17.69 -16.68
C THR B 334 34.23 -17.66 -18.00
N PRO B 335 34.85 -18.11 -19.10
CA PRO B 335 34.06 -18.12 -20.35
C PRO B 335 32.95 -19.15 -20.31
N ARG B 336 33.02 -20.11 -19.41
CA ARG B 336 31.95 -21.10 -19.24
C ARG B 336 30.82 -20.58 -18.37
N GLY B 337 30.93 -19.36 -17.85
CA GLY B 337 29.90 -18.73 -17.02
C GLY B 337 30.01 -18.95 -15.54
N GLU B 338 31.06 -19.58 -15.03
CA GLU B 338 31.24 -19.74 -13.61
C GLU B 338 31.76 -18.46 -12.99
N LEU B 339 31.53 -18.32 -11.69
CA LEU B 339 32.29 -17.32 -10.94
C LEU B 339 33.74 -17.78 -10.83
N GLN B 340 34.64 -16.85 -11.11
CA GLN B 340 36.06 -17.02 -10.85
C GLN B 340 36.37 -16.10 -9.68
N PRO B 341 36.39 -16.59 -8.45
CA PRO B 341 36.42 -15.69 -7.30
C PRO B 341 37.79 -15.09 -7.09
N ASP B 342 37.81 -13.93 -6.44
CA ASP B 342 39.04 -13.27 -5.99
C ASP B 342 38.96 -13.36 -4.47
N TRP B 343 39.28 -14.52 -3.95
CA TRP B 343 39.16 -14.74 -2.52
C TRP B 343 40.51 -14.69 -1.79
N CYS C 6 32.29 39.58 -8.08
CA CYS C 6 32.72 38.43 -7.26
C CYS C 6 32.12 37.63 -6.14
N THR C 7 33.09 37.16 -5.36
CA THR C 7 32.91 36.18 -4.34
C THR C 7 33.05 36.89 -3.01
N TRP C 8 32.45 36.26 -2.03
CA TRP C 8 32.55 36.66 -0.64
C TRP C 8 33.45 35.61 -0.01
N PRO C 9 34.73 35.90 0.22
CA PRO C 9 35.68 34.87 0.66
C PRO C 9 35.26 34.10 1.89
N ALA C 10 34.73 34.77 2.92
CA ALA C 10 34.37 34.04 4.14
C ALA C 10 33.23 33.08 3.88
N TRP C 11 32.34 33.42 2.94
CA TRP C 11 31.26 32.51 2.57
C TRP C 11 31.81 31.34 1.75
N GLU C 12 32.75 31.62 0.82
CA GLU C 12 33.38 30.55 0.07
C GLU C 12 34.02 29.53 1.01
N HIS C 13 34.71 30.03 2.04
CA HIS C 13 35.34 29.11 2.96
C HIS C 13 34.30 28.34 3.79
N PHE C 14 33.22 29.02 4.23
CA PHE C 14 32.17 28.35 5.00
C PHE C 14 31.57 27.20 4.22
N LYS C 15 31.26 27.42 2.93
CA LYS C 15 30.76 26.30 2.12
C LYS C 15 31.72 25.14 2.14
N ARG C 16 33.02 25.42 1.96
CA ARG C 16 33.95 24.29 1.85
C ARG C 16 34.06 23.56 3.19
N ALA C 17 34.07 24.31 4.31
CA ALA C 17 34.43 23.72 5.59
C ALA C 17 33.24 23.20 6.39
N TYR C 18 32.03 23.72 6.17
CA TYR C 18 30.88 23.41 6.99
C TYR C 18 29.71 22.79 6.25
N ILE C 19 29.65 22.84 4.92
CA ILE C 19 28.47 22.37 4.20
C ILE C 19 28.82 21.10 3.45
N SER C 20 28.03 20.04 3.64
CA SER C 20 28.29 18.78 2.97
C SER C 20 27.99 18.91 1.49
N ASP C 21 28.52 17.98 0.70
CA ASP C 21 28.20 17.98 -0.74
C ASP C 21 26.72 17.96 -1.02
N GLY C 22 25.96 17.28 -0.18
CA GLY C 22 24.54 17.17 -0.32
C GLY C 22 23.74 18.36 0.16
N GLY C 23 24.39 19.37 0.76
CA GLY C 23 23.69 20.59 1.15
C GLY C 23 23.31 20.75 2.60
N ARG C 24 23.91 20.00 3.53
CA ARG C 24 23.64 20.15 4.96
C ARG C 24 24.78 20.90 5.68
N VAL C 25 24.44 21.89 6.47
CA VAL C 25 25.40 22.60 7.31
C VAL C 25 25.66 21.75 8.54
N ILE C 26 26.93 21.39 8.77
CA ILE C 26 27.27 20.45 9.83
C ILE C 26 27.95 21.18 10.98
N ASP C 27 27.42 21.03 12.19
CA ASP C 27 28.11 21.57 13.36
C ASP C 27 29.12 20.52 13.80
N PRO C 28 30.42 20.73 13.56
CA PRO C 28 31.40 19.68 13.82
C PRO C 28 31.66 19.45 15.30
N SER C 29 31.25 20.38 16.18
CA SER C 29 31.59 20.24 17.59
C SER C 29 30.68 19.29 18.31
N ASP C 30 29.58 18.91 17.67
CA ASP C 30 28.61 18.00 18.26
C ASP C 30 29.01 16.59 17.84
N ALA C 31 29.04 15.67 18.79
CA ALA C 31 29.48 14.31 18.47
C ALA C 31 28.54 13.61 17.49
N ARG C 32 27.30 14.06 17.38
CA ARG C 32 26.34 13.50 16.42
C ARG C 32 26.40 14.18 15.06
N LYS C 33 27.33 15.10 14.86
CA LYS C 33 27.57 15.82 13.60
C LYS C 33 26.25 16.37 13.04
N ILE C 34 25.62 17.20 13.86
CA ILE C 34 24.22 17.59 13.63
C ILE C 34 24.09 18.63 12.53
N THR C 35 22.90 18.66 11.95
CA THR C 35 22.41 19.82 11.21
C THR C 35 21.21 20.36 11.96
N THR C 36 21.09 21.68 12.04
CA THR C 36 19.90 22.32 12.58
C THR C 36 19.13 23.05 11.47
N SER C 37 17.80 23.21 11.66
CA SER C 37 17.09 24.08 10.76
C SER C 37 17.68 25.50 10.75
N GLU C 38 18.19 25.95 11.91
CA GLU C 38 18.86 27.25 11.98
C GLU C 38 20.03 27.33 11.00
N GLY C 39 20.92 26.33 11.02
CA GLY C 39 22.05 26.34 10.13
C GLY C 39 21.63 26.38 8.66
N GLN C 40 20.63 25.56 8.28
CA GLN C 40 20.11 25.62 6.92
C GLN C 40 19.59 27.01 6.60
N SER C 41 18.85 27.61 7.54
CA SER C 41 18.24 28.91 7.27
C SER C 41 19.30 29.98 7.06
N TYR C 42 20.35 29.95 7.86
CA TYR C 42 21.42 30.93 7.70
C TYR C 42 22.16 30.73 6.40
N ALA C 43 22.42 29.46 6.02
CA ALA C 43 23.09 29.24 4.74
C ALA C 43 22.23 29.73 3.58
N LEU C 44 20.91 29.57 3.65
CA LEU C 44 20.08 30.15 2.60
C LEU C 44 20.24 31.66 2.54
N PHE C 45 20.21 32.31 3.71
CA PHE C 45 20.39 33.77 3.72
C PHE C 45 21.72 34.15 3.09
N PHE C 46 22.81 33.53 3.53
CA PHE C 46 24.13 33.92 3.02
C PHE C 46 24.26 33.60 1.53
N ALA C 47 23.73 32.45 1.09
CA ALA C 47 23.78 32.11 -0.32
C ALA C 47 23.05 33.16 -1.15
N LEU C 48 21.89 33.65 -0.68
CA LEU C 48 21.22 34.72 -1.40
C LEU C 48 22.02 36.02 -1.38
N ALA C 49 22.56 36.38 -0.22
CA ALA C 49 23.39 37.58 -0.13
C ALA C 49 24.58 37.49 -1.08
N ALA C 50 25.17 36.31 -1.24
CA ALA C 50 26.33 36.14 -2.11
C ALA C 50 25.95 35.95 -3.57
N ASP C 51 24.66 36.01 -3.93
CA ASP C 51 24.20 35.76 -5.30
C ASP C 51 24.62 34.37 -5.77
N ASP C 52 24.45 33.37 -4.89
CA ASP C 52 24.98 32.03 -5.08
C ASP C 52 23.80 31.08 -5.19
N ARG C 53 23.14 31.14 -6.34
CA ARG C 53 21.96 30.32 -6.54
C ARG C 53 22.24 28.81 -6.46
N PRO C 54 23.36 28.27 -6.99
CA PRO C 54 23.58 26.82 -6.82
C PRO C 54 23.63 26.35 -5.37
N MET C 55 24.34 27.07 -4.49
CA MET C 55 24.37 26.60 -3.10
C MET C 55 23.04 26.85 -2.41
N PHE C 56 22.38 27.97 -2.72
CA PHE C 56 21.01 28.17 -2.25
C PHE C 56 20.14 26.95 -2.54
N ASP C 57 20.16 26.49 -3.80
CA ASP C 57 19.32 25.36 -4.16
C ASP C 57 19.78 24.06 -3.47
N ASN C 58 21.09 23.83 -3.37
CA ASN C 58 21.59 22.61 -2.72
C ASN C 58 21.09 22.56 -1.26
N VAL C 59 21.23 23.68 -0.54
CA VAL C 59 20.78 23.76 0.85
C VAL C 59 19.27 23.62 0.94
N LEU C 60 18.53 24.26 0.02
CA LEU C 60 17.08 24.22 0.06
C LEU C 60 16.59 22.79 -0.12
N GLU C 61 17.15 22.08 -1.10
CA GLU C 61 16.72 20.71 -1.37
C GLU C 61 17.02 19.81 -0.18
N TRP C 62 18.20 19.96 0.42
CA TRP C 62 18.47 19.12 1.60
C TRP C 62 17.46 19.41 2.71
N THR C 63 17.18 20.70 2.94
CA THR C 63 16.23 21.10 3.97
C THR C 63 14.85 20.49 3.72
N LYS C 64 14.33 20.65 2.50
CA LYS C 64 13.02 20.09 2.17
C LYS C 64 12.99 18.58 2.43
N ASP C 65 13.97 17.85 1.90
CA ASP C 65 13.90 16.41 1.89
C ASP C 65 14.19 15.80 3.25
N ASN C 66 15.06 16.39 4.05
CA ASN C 66 15.47 15.77 5.28
C ASN C 66 14.83 16.35 6.52
N LEU C 67 14.40 17.62 6.48
CA LEU C 67 13.75 18.21 7.64
C LEU C 67 12.24 18.34 7.47
N ALA C 68 11.74 18.40 6.23
CA ALA C 68 10.34 18.79 6.01
C ALA C 68 9.56 17.79 5.19
N GLN C 69 10.01 16.53 5.16
CA GLN C 69 9.25 15.47 4.48
C GLN C 69 8.99 15.83 3.02
N GLY C 70 9.91 16.57 2.40
CA GLY C 70 9.74 16.99 1.03
C GLY C 70 9.06 18.32 0.81
N ASP C 71 8.41 18.91 1.84
CA ASP C 71 7.60 20.08 1.50
C ASP C 71 7.41 20.94 2.74
N PRO C 72 8.24 21.98 2.93
CA PRO C 72 8.07 22.93 4.05
C PRO C 72 6.73 23.63 4.07
N GLY C 73 6.02 23.69 2.94
CA GLY C 73 4.67 24.26 2.96
C GLY C 73 3.66 23.39 3.69
N GLU C 74 3.91 22.08 3.79
CA GLU C 74 3.04 21.12 4.46
C GLU C 74 3.58 20.67 5.81
N HIS C 75 4.87 20.85 6.07
CA HIS C 75 5.50 20.36 7.29
C HIS C 75 6.58 21.35 7.69
N LEU C 76 6.45 21.97 8.87
CA LEU C 76 7.53 22.84 9.31
C LEU C 76 8.80 22.02 9.47
N PRO C 77 9.97 22.57 9.15
CA PRO C 77 11.19 21.76 9.24
C PRO C 77 11.48 21.31 10.66
N ALA C 78 11.80 20.02 10.81
CA ALA C 78 12.38 19.55 12.08
C ALA C 78 13.64 20.35 12.39
N TRP C 79 13.88 20.63 13.67
CA TRP C 79 15.00 21.51 13.98
C TRP C 79 16.32 20.78 14.11
N LEU C 80 16.34 19.48 14.36
CA LEU C 80 17.57 18.79 14.75
C LEU C 80 17.65 17.47 14.02
N TRP C 81 18.80 17.23 13.35
CA TRP C 81 19.03 16.05 12.52
C TRP C 81 20.48 15.62 12.75
N GLY C 82 20.73 14.32 12.78
CA GLY C 82 22.10 13.87 12.97
C GLY C 82 22.15 12.39 13.29
N LYS C 83 23.27 11.96 13.89
CA LYS C 83 23.47 10.54 14.15
C LYS C 83 22.70 10.05 15.36
N LYS C 84 21.78 9.13 15.14
CA LYS C 84 21.10 8.46 16.24
C LYS C 84 21.82 7.19 16.65
N ASP C 85 22.25 6.38 15.68
CA ASP C 85 23.03 5.20 15.96
C ASP C 85 23.98 5.01 14.80
N GLU C 86 24.84 4.02 14.91
CA GLU C 86 25.67 3.68 13.77
C GLU C 86 24.75 3.34 12.62
N ASN C 87 25.01 3.94 11.47
CA ASN C 87 24.22 3.72 10.26
C ASN C 87 22.79 4.16 10.38
N ASN C 88 22.48 5.07 11.30
CA ASN C 88 21.12 5.61 11.43
C ASN C 88 21.24 7.11 11.67
N TRP C 89 21.22 7.89 10.59
CA TRP C 89 21.26 9.36 10.58
C TRP C 89 19.88 9.85 10.14
N THR C 90 19.25 10.68 10.97
CA THR C 90 17.82 10.91 10.82
C THR C 90 17.43 12.13 11.65
N VAL C 91 16.15 12.50 11.57
CA VAL C 91 15.61 13.54 12.43
C VAL C 91 15.76 13.13 13.89
N LEU C 92 16.37 13.99 14.69
CA LEU C 92 16.55 13.75 16.11
C LEU C 92 15.47 14.38 16.95
N ASP C 93 14.90 15.49 16.48
CA ASP C 93 13.75 16.07 17.16
C ASP C 93 12.90 16.69 16.07
N SER C 94 11.67 16.18 15.89
CA SER C 94 10.79 16.63 14.81
C SER C 94 10.15 17.98 15.08
N ASN C 95 10.26 18.51 16.29
CA ASN C 95 9.72 19.84 16.57
C ASN C 95 10.44 20.91 15.76
N SER C 96 9.74 21.99 15.47
CA SER C 96 10.31 23.10 14.71
C SER C 96 10.94 24.14 15.64
N ALA C 97 11.82 24.93 15.04
CA ALA C 97 12.34 26.14 15.66
C ALA C 97 11.92 27.31 14.78
N SER C 98 11.09 28.20 15.32
CA SER C 98 10.45 29.20 14.47
C SER C 98 11.42 30.26 13.96
N ASP C 99 12.56 30.52 14.63
CA ASP C 99 13.53 31.47 14.05
C ASP C 99 14.01 30.97 12.70
N ALA C 100 14.30 29.68 12.64
CA ALA C 100 14.75 29.08 11.39
C ALA C 100 13.61 29.12 10.37
N ASP C 101 12.40 28.78 10.79
CA ASP C 101 11.28 28.78 9.85
C ASP C 101 11.10 30.14 9.21
N ILE C 102 11.22 31.19 10.02
CA ILE C 102 11.08 32.57 9.55
C ILE C 102 12.21 32.93 8.58
N TRP C 103 13.46 32.62 8.93
CA TRP C 103 14.56 32.94 8.02
C TRP C 103 14.45 32.18 6.70
N ILE C 104 13.97 30.94 6.75
CA ILE C 104 13.77 30.18 5.50
C ILE C 104 12.67 30.86 4.68
N ALA C 105 11.55 31.21 5.29
CA ALA C 105 10.48 31.84 4.52
C ALA C 105 10.92 33.17 3.92
N TRP C 106 11.59 34.01 4.72
CA TRP C 106 12.05 35.30 4.21
C TRP C 106 13.03 35.09 3.08
N SER C 107 13.97 34.14 3.25
CA SER C 107 14.95 33.90 2.20
C SER C 107 14.30 33.41 0.92
N LEU C 108 13.27 32.58 1.03
CA LEU C 108 12.58 32.10 -0.17
C LEU C 108 11.84 33.23 -0.87
N LEU C 109 11.17 34.08 -0.10
CA LEU C 109 10.43 35.20 -0.69
C LEU C 109 11.36 36.19 -1.38
N GLU C 110 12.50 36.48 -0.77
CA GLU C 110 13.44 37.41 -1.38
C GLU C 110 14.18 36.79 -2.56
N ALA C 111 14.49 35.47 -2.48
CA ALA C 111 15.11 34.81 -3.62
C ALA C 111 14.16 34.78 -4.79
N GLY C 112 12.88 34.51 -4.52
CA GLY C 112 11.90 34.51 -5.60
C GLY C 112 11.77 35.88 -6.23
N ARG C 113 11.77 36.93 -5.43
CA ARG C 113 11.64 38.29 -5.96
C ARG C 113 12.88 38.71 -6.75
N LEU C 114 14.08 38.53 -6.17
CA LEU C 114 15.29 39.03 -6.79
C LEU C 114 15.79 38.13 -7.92
N TRP C 115 15.61 36.82 -7.82
CA TRP C 115 16.03 35.96 -8.91
C TRP C 115 14.89 35.67 -9.89
N LYS C 116 13.72 36.27 -9.67
CA LYS C 116 12.54 36.12 -10.53
C LYS C 116 12.19 34.65 -10.72
N GLU C 117 11.99 33.96 -9.61
CA GLU C 117 11.74 32.52 -9.60
C GLU C 117 10.46 32.23 -8.81
N ALA C 118 9.38 31.99 -9.55
CA ALA C 118 8.08 31.81 -8.92
C ALA C 118 8.05 30.62 -8.00
N ARG C 119 8.83 29.62 -8.28
CA ARG C 119 8.64 28.50 -7.39
C ARG C 119 9.22 28.73 -5.96
N TYR C 120 10.23 29.64 -5.83
CA TYR C 120 10.68 30.10 -4.51
C TYR C 120 9.60 30.93 -3.83
N THR C 121 8.94 31.84 -4.56
CA THR C 121 7.83 32.62 -4.01
C THR C 121 6.69 31.72 -3.54
N THR C 122 6.33 30.74 -4.37
CA THR C 122 5.23 29.87 -4.00
C THR C 122 5.54 29.10 -2.72
N LEU C 123 6.76 28.55 -2.62
CA LEU C 123 7.11 27.82 -1.42
C LEU C 123 7.21 28.74 -0.20
N GLY C 124 7.79 29.92 -0.37
CA GLY C 124 7.86 30.86 0.76
C GLY C 124 6.49 31.26 1.29
N ASN C 125 5.54 31.50 0.39
CA ASN C 125 4.18 31.82 0.85
C ASN C 125 3.57 30.65 1.59
N ALA C 126 3.77 29.44 1.08
CA ALA C 126 3.16 28.29 1.76
C ALA C 126 3.78 28.06 3.13
N LEU C 127 5.10 28.27 3.24
CA LEU C 127 5.76 28.10 4.53
C LEU C 127 5.33 29.18 5.48
N LEU C 128 5.26 30.41 5.00
CA LEU C 128 4.79 31.49 5.87
C LEU C 128 3.40 31.20 6.41
N ASN C 129 2.49 30.69 5.58
CA ASN C 129 1.17 30.41 6.05
C ASN C 129 1.16 29.28 7.06
N ARG C 130 2.01 28.29 6.86
CA ARG C 130 2.12 27.19 7.82
C ARG C 130 2.67 27.69 9.16
N ILE C 131 3.66 28.59 9.12
CA ILE C 131 4.13 29.21 10.35
C ILE C 131 2.98 29.88 11.08
N ALA C 132 2.20 30.69 10.35
CA ALA C 132 1.07 31.37 11.00
C ALA C 132 0.08 30.38 11.60
N LYS C 133 -0.14 29.27 10.93
CA LYS C 133 -1.09 28.25 11.38
C LYS C 133 -0.60 27.47 12.60
N GLU C 134 0.69 27.17 12.67
CA GLU C 134 1.16 26.19 13.61
C GLU C 134 1.97 26.77 14.75
N GLU C 135 2.54 27.97 14.60
CA GLU C 135 3.40 28.50 15.67
C GLU C 135 3.18 29.98 15.93
N VAL C 136 2.02 30.52 15.54
CA VAL C 136 1.59 31.85 15.98
C VAL C 136 0.29 31.60 16.73
N VAL C 137 0.17 32.15 17.94
CA VAL C 137 -1.05 32.02 18.73
C VAL C 137 -1.37 33.36 19.38
N THR C 138 -2.64 33.57 19.69
CA THR C 138 -3.02 34.79 20.41
C THR C 138 -2.92 34.48 21.89
N VAL C 139 -2.00 35.14 22.56
CA VAL C 139 -1.79 34.92 23.97
C VAL C 139 -2.67 35.92 24.70
N PRO C 140 -3.50 35.48 25.66
CA PRO C 140 -4.33 36.47 26.38
C PRO C 140 -3.45 37.51 27.02
N GLY C 141 -3.80 38.76 26.80
CA GLY C 141 -3.05 39.89 27.31
C GLY C 141 -2.02 40.47 26.39
N LEU C 142 -1.42 39.68 25.50
CA LEU C 142 -0.37 40.12 24.60
C LEU C 142 -0.87 40.29 23.20
N GLY C 143 -1.79 39.45 22.77
CA GLY C 143 -2.17 39.41 21.39
C GLY C 143 -1.42 38.28 20.67
N PRO C 144 -1.44 38.34 19.34
CA PRO C 144 -0.68 37.36 18.55
C PRO C 144 0.78 37.40 18.93
N MET C 145 1.39 36.21 19.04
CA MET C 145 2.80 36.06 19.35
C MET C 145 3.36 34.89 18.55
N LEU C 146 4.67 34.96 18.25
CA LEU C 146 5.40 33.86 17.58
C LEU C 146 5.95 32.94 18.67
N LEU C 147 5.44 31.69 18.73
CA LEU C 147 6.01 30.74 19.67
C LEU C 147 7.36 30.27 19.13
N PRO C 148 8.31 29.91 19.99
CA PRO C 148 9.61 29.38 19.49
C PRO C 148 9.51 28.05 18.74
N GLY C 149 8.40 27.35 18.82
CA GLY C 149 8.29 26.08 18.11
C GLY C 149 6.84 25.68 18.21
N LYS C 150 6.49 24.68 17.38
CA LYS C 150 5.08 24.31 17.26
C LYS C 150 4.57 23.57 18.48
N VAL C 151 5.44 22.92 19.25
CA VAL C 151 5.10 22.39 20.56
C VAL C 151 6.13 22.76 21.62
N GLY C 152 5.71 22.74 22.87
CA GLY C 152 6.63 22.83 23.98
C GLY C 152 6.78 24.23 24.58
N PHE C 153 6.11 25.25 24.04
CA PHE C 153 6.29 26.63 24.50
C PHE C 153 4.99 27.30 24.92
N ALA C 154 3.87 26.57 24.89
CA ALA C 154 2.57 27.09 25.29
C ALA C 154 1.94 26.12 26.28
N GLU C 155 1.53 26.61 27.44
CA GLU C 155 0.73 25.85 28.41
C GLU C 155 -0.52 26.69 28.63
N GLU C 156 -1.42 26.18 29.49
CA GLU C 156 -2.69 26.88 29.70
C GLU C 156 -2.48 28.29 30.21
N THR C 157 -1.52 28.48 31.11
CA THR C 157 -1.35 29.77 31.76
C THR C 157 0.02 30.37 31.60
N VAL C 158 0.95 29.74 30.87
CA VAL C 158 2.27 30.34 30.77
C VAL C 158 2.79 30.01 29.36
N TRP C 159 3.53 30.96 28.79
CA TRP C 159 4.16 30.84 27.47
C TRP C 159 5.61 31.28 27.58
N ARG C 160 6.47 30.70 26.74
CA ARG C 160 7.88 31.04 26.72
C ARG C 160 8.29 31.50 25.33
N LEU C 161 8.97 32.62 25.25
CA LEU C 161 9.35 33.27 24.01
C LEU C 161 10.84 33.47 23.95
N ASN C 162 11.34 33.70 22.73
CA ASN C 162 12.76 33.93 22.48
C ASN C 162 12.86 35.22 21.68
N PRO C 163 13.26 36.34 22.33
CA PRO C 163 13.37 37.64 21.65
C PRO C 163 14.22 37.67 20.39
N SER C 164 15.17 36.76 20.23
CA SER C 164 15.98 36.74 19.01
C SER C 164 15.24 36.18 17.80
N TYR C 165 14.03 35.62 17.95
CA TYR C 165 13.47 34.78 16.89
C TYR C 165 12.83 35.57 15.76
N LEU C 166 12.43 36.81 15.93
CA LEU C 166 11.83 37.57 14.84
C LEU C 166 12.62 38.88 14.70
N PRO C 167 13.61 38.92 13.81
CA PRO C 167 14.37 40.18 13.60
C PRO C 167 13.41 41.31 13.22
N PRO C 168 13.58 42.52 13.78
CA PRO C 168 12.61 43.58 13.48
C PRO C 168 12.47 43.88 12.00
N GLN C 169 13.57 43.81 11.22
CA GLN C 169 13.47 44.10 9.79
C GLN C 169 12.68 43.01 9.07
N ILE C 170 12.79 41.76 9.53
CA ILE C 170 11.97 40.69 8.94
C ILE C 170 10.51 40.87 9.33
N ALA C 171 10.21 41.24 10.58
CA ALA C 171 8.83 41.52 10.94
C ALA C 171 8.27 42.61 10.04
N ARG C 172 9.05 43.68 9.81
CA ARG C 172 8.58 44.75 8.95
C ARG C 172 8.31 44.26 7.54
N TYR C 173 9.22 43.43 7.01
CA TYR C 173 9.02 42.86 5.69
C TYR C 173 7.71 42.10 5.62
N LEU C 174 7.45 41.27 6.65
CA LEU C 174 6.33 40.35 6.54
C LEU C 174 4.99 41.05 6.66
N THR C 175 4.97 42.29 7.18
CA THR C 175 3.70 43.02 7.21
C THR C 175 3.05 43.16 5.84
N ARG C 176 3.82 43.04 4.75
CA ARG C 176 3.23 43.13 3.42
C ARG C 176 2.21 42.03 3.17
N PHE C 177 2.26 40.94 3.94
CA PHE C 177 1.37 39.80 3.75
C PHE C 177 0.12 39.88 4.64
N GLY C 178 -0.08 41.00 5.36
CA GLY C 178 -1.24 41.21 6.20
C GLY C 178 -1.20 40.43 7.52
N GLU C 179 -2.40 40.20 8.08
CA GLU C 179 -2.45 39.50 9.36
C GLU C 179 -2.03 38.04 9.20
N PRO C 180 -1.38 37.45 10.22
CA PRO C 180 -1.12 38.03 11.54
C PRO C 180 0.16 38.87 11.56
N TRP C 181 0.88 38.96 10.44
CA TRP C 181 2.19 39.65 10.40
C TRP C 181 2.08 41.13 10.77
N THR C 182 1.01 41.81 10.32
CA THR C 182 0.82 43.22 10.66
C THR C 182 0.85 43.42 12.17
N THR C 183 0.07 42.61 12.90
CA THR C 183 0.03 42.73 14.34
C THR C 183 1.29 42.16 15.00
N LEU C 184 1.83 41.08 14.44
CA LEU C 184 3.03 40.50 15.03
C LEU C 184 4.19 41.50 15.03
N GLN C 185 4.25 42.35 14.01
CA GLN C 185 5.31 43.35 14.00
C GLN C 185 5.22 44.26 15.22
N GLU C 186 4.00 44.63 15.61
CA GLU C 186 3.76 45.49 16.77
C GLU C 186 4.02 44.73 18.07
N THR C 187 3.51 43.49 18.19
CA THR C 187 3.74 42.79 19.43
C THR C 187 5.21 42.38 19.59
N ASN C 188 5.92 42.14 18.50
CA ASN C 188 7.35 41.86 18.57
C ASN C 188 8.15 43.07 19.03
N HIS C 189 7.78 44.26 18.51
CA HIS C 189 8.44 45.49 18.96
C HIS C 189 8.24 45.66 20.46
N ARG C 190 7.00 45.45 20.93
CA ARG C 190 6.75 45.54 22.38
C ARG C 190 7.47 44.46 23.17
N LEU C 191 7.57 43.22 22.65
CA LEU C 191 8.34 42.18 23.32
C LEU C 191 9.77 42.65 23.58
N LEU C 192 10.41 43.20 22.54
CA LEU C 192 11.80 43.63 22.68
C LEU C 192 11.94 44.74 23.72
N LEU C 193 11.03 45.73 23.70
CA LEU C 193 11.15 46.85 24.64
C LEU C 193 10.82 46.40 26.07
N GLU C 194 9.79 45.60 26.23
CA GLU C 194 9.25 45.31 27.55
C GLU C 194 10.04 44.29 28.33
N THR C 195 10.88 43.48 27.66
CA THR C 195 11.57 42.39 28.38
C THR C 195 13.05 42.68 28.61
N ALA C 196 13.49 43.93 28.38
CA ALA C 196 14.90 44.29 28.60
C ALA C 196 14.97 45.39 29.66
N PRO C 197 14.55 45.10 30.90
CA PRO C 197 14.40 46.16 31.91
C PRO C 197 15.70 46.88 32.28
N LYS C 198 16.87 46.28 32.06
CA LYS C 198 18.16 46.94 32.29
C LYS C 198 18.90 47.13 30.99
N GLY C 199 18.22 47.00 29.85
CA GLY C 199 18.86 47.19 28.56
C GLY C 199 19.46 45.95 27.96
N PHE C 200 19.26 44.80 28.60
CA PHE C 200 19.75 43.53 28.06
C PHE C 200 18.57 42.64 27.77
N SER C 201 18.55 42.11 26.56
CA SER C 201 17.42 41.26 26.16
C SER C 201 17.67 39.82 26.62
N PRO C 202 16.63 39.10 27.04
CA PRO C 202 16.83 37.73 27.51
C PRO C 202 16.87 36.73 26.38
N ASP C 203 17.63 35.63 26.63
CA ASP C 203 17.61 34.50 25.70
C ASP C 203 16.19 33.96 25.59
N TRP C 204 15.53 33.77 26.74
CA TRP C 204 14.20 33.17 26.83
C TRP C 204 13.45 33.92 27.91
N VAL C 205 12.15 34.13 27.76
CA VAL C 205 11.39 34.86 28.77
C VAL C 205 9.95 34.34 28.75
N ARG C 206 9.39 34.25 29.94
CA ARG C 206 8.04 33.70 30.10
C ARG C 206 7.05 34.83 30.36
N TYR C 207 5.82 34.60 29.89
CA TYR C 207 4.64 35.43 30.18
C TYR C 207 3.61 34.55 30.86
N GLU C 208 3.05 34.99 31.98
CA GLU C 208 2.09 34.21 32.76
C GLU C 208 0.75 34.95 32.89
N LYS C 209 -0.34 34.22 32.68
CA LYS C 209 -1.67 34.82 32.81
C LYS C 209 -1.84 35.46 34.19
N SER C 210 -2.44 36.66 34.24
CA SER C 210 -2.67 37.49 35.43
C SER C 210 -1.41 38.02 36.03
N LYS C 211 -0.27 37.70 35.45
CA LYS C 211 0.96 38.13 36.06
C LYS C 211 1.85 38.90 35.14
N GLY C 212 1.75 38.68 33.84
CA GLY C 212 2.59 39.41 32.90
C GLY C 212 3.97 38.77 32.72
N TRP C 213 4.89 39.60 32.26
CA TRP C 213 6.25 39.12 32.00
C TRP C 213 6.95 38.74 33.29
N GLN C 214 7.68 37.61 33.26
CA GLN C 214 8.36 37.07 34.44
C GLN C 214 9.81 37.50 34.42
N LEU C 215 10.08 38.66 34.99
CA LEU C 215 11.39 39.29 34.88
C LEU C 215 12.20 39.25 36.18
N ALA C 216 11.80 38.45 37.16
CA ALA C 216 12.55 38.43 38.41
C ALA C 216 13.96 37.86 38.19
N PRO C 217 14.93 38.29 39.01
CA PRO C 217 16.30 37.78 38.83
C PRO C 217 16.33 36.26 38.87
N ASP C 218 17.06 35.67 37.93
CA ASP C 218 17.12 34.21 37.80
C ASP C 218 18.41 33.93 37.07
N LYS C 219 19.12 32.87 37.50
CA LYS C 219 20.39 32.56 36.83
C LYS C 219 20.17 32.26 35.34
N THR C 220 18.95 31.90 34.95
CA THR C 220 18.57 31.61 33.56
C THR C 220 17.88 32.77 32.82
N LEU C 221 17.64 33.92 33.45
CA LEU C 221 17.12 35.07 32.71
C LEU C 221 18.33 35.94 32.35
N ILE C 222 18.96 35.65 31.20
CA ILE C 222 20.27 36.19 30.85
C ILE C 222 20.26 36.53 29.38
N SER C 223 21.06 37.55 29.03
CA SER C 223 21.43 37.81 27.64
C SER C 223 22.67 36.95 27.37
N GLY C 224 22.50 35.92 26.57
CA GLY C 224 23.59 34.99 26.26
C GLY C 224 23.65 34.67 24.78
N TYR C 225 23.75 33.37 24.47
CA TYR C 225 24.00 32.93 23.11
C TYR C 225 22.78 33.06 22.21
N ALA C 226 21.56 33.15 22.75
CA ALA C 226 20.42 33.47 21.88
C ALA C 226 20.31 34.96 21.67
N ALA C 227 20.27 35.71 22.79
CA ALA C 227 19.97 37.13 22.79
C ALA C 227 21.07 37.98 22.17
N ILE C 228 22.30 37.46 22.01
CA ILE C 228 23.30 38.22 21.28
C ILE C 228 22.81 38.61 19.89
N ARG C 229 21.94 37.77 19.30
N ARG C 229 21.95 37.76 19.30
CA ARG C 229 21.44 38.08 17.97
CA ARG C 229 21.42 38.04 17.98
C ARG C 229 20.44 39.22 17.96
C ARG C 229 20.41 39.17 17.94
N VAL C 230 19.73 39.48 19.08
CA VAL C 230 18.85 40.66 19.10
C VAL C 230 19.64 41.91 18.73
N TYR C 231 20.79 42.12 19.39
CA TYR C 231 21.55 43.35 19.15
C TYR C 231 22.00 43.37 17.69
N LEU C 232 22.38 42.21 17.18
CA LEU C 232 22.83 42.09 15.79
C LEU C 232 21.71 42.47 14.83
N TRP C 233 20.49 41.94 15.04
CA TRP C 233 19.42 42.30 14.10
C TRP C 233 19.14 43.79 14.16
N VAL C 234 19.09 44.34 15.38
CA VAL C 234 18.76 45.76 15.52
C VAL C 234 19.80 46.59 14.76
N GLY C 235 21.09 46.24 14.95
CA GLY C 235 22.17 47.00 14.31
C GLY C 235 22.08 46.97 12.80
N MET C 236 21.57 45.87 12.24
CA MET C 236 21.45 45.74 10.80
C MET C 236 20.16 46.32 10.23
N MET C 237 19.29 46.90 11.06
CA MET C 237 18.12 47.58 10.52
C MET C 237 18.57 48.79 9.72
N ASN C 238 17.82 49.09 8.66
CA ASN C 238 18.07 50.33 7.94
C ASN C 238 17.79 51.53 8.84
N ASP C 239 18.66 52.56 8.77
CA ASP C 239 18.47 53.75 9.60
C ASP C 239 17.15 54.43 9.37
N HIS C 240 16.52 54.22 8.21
CA HIS C 240 15.24 54.81 7.88
C HIS C 240 14.05 54.01 8.39
N ASP C 241 14.27 52.87 9.06
CA ASP C 241 13.17 52.24 9.77
C ASP C 241 12.94 53.05 11.02
N ALA C 242 11.73 53.62 11.12
CA ALA C 242 11.40 54.57 12.17
C ALA C 242 11.52 53.98 13.57
N GLN C 243 11.54 52.66 13.70
CA GLN C 243 11.66 52.04 15.02
C GLN C 243 13.07 51.63 15.40
N LYS C 244 14.05 51.75 14.51
CA LYS C 244 15.42 51.36 14.88
C LYS C 244 15.91 52.18 16.07
N ALA C 245 15.65 53.50 16.07
CA ALA C 245 16.19 54.33 17.15
C ALA C 245 15.66 53.88 18.50
N SER C 246 14.39 53.51 18.59
CA SER C 246 13.84 53.12 19.91
C SER C 246 14.47 51.85 20.47
N LEU C 247 14.80 50.93 19.57
CA LEU C 247 15.42 49.68 20.00
C LEU C 247 16.87 49.89 20.36
N LEU C 248 17.60 50.69 19.55
CA LEU C 248 18.96 51.06 19.96
C LEU C 248 18.96 51.73 21.33
N GLU C 249 17.98 52.61 21.57
CA GLU C 249 17.97 53.29 22.85
C GLU C 249 17.71 52.32 24.00
N ARG C 250 16.76 51.39 23.84
CA ARG C 250 16.55 50.48 24.95
CA ARG C 250 16.51 50.41 24.89
C ARG C 250 17.76 49.59 25.20
N LEU C 251 18.48 49.17 24.13
CA LEU C 251 19.56 48.20 24.28
C LEU C 251 20.91 48.86 24.47
N LYS C 252 20.94 50.18 24.58
CA LYS C 252 22.19 50.91 24.73
C LYS C 252 23.10 50.40 25.86
N PRO C 253 22.59 49.90 27.01
CA PRO C 253 23.53 49.40 28.03
C PRO C 253 24.45 48.30 27.53
N MET C 254 24.04 47.47 26.56
CA MET C 254 24.98 46.48 26.00
C MET C 254 26.13 47.17 25.27
N ALA C 255 25.83 48.28 24.58
CA ALA C 255 26.91 49.00 23.90
C ALA C 255 27.83 49.64 24.90
N ALA C 256 27.27 50.25 25.94
CA ALA C 256 28.11 50.91 26.94
C ALA C 256 29.00 49.90 27.67
N LEU C 257 28.45 48.74 27.99
CA LEU C 257 29.21 47.74 28.73
C LEU C 257 30.33 47.17 27.87
N THR C 258 30.01 46.83 26.60
CA THR C 258 31.03 46.32 25.70
C THR C 258 32.13 47.34 25.55
N ALA C 259 31.76 48.62 25.37
CA ALA C 259 32.79 49.64 25.15
C ALA C 259 33.68 49.79 26.37
N LYS C 260 33.12 49.68 27.56
CA LYS C 260 33.86 49.88 28.79
C LYS C 260 34.91 48.83 28.93
N LYS C 261 34.52 47.58 28.70
CA LYS C 261 35.41 46.46 28.91
C LYS C 261 36.25 46.14 27.69
N GLY C 262 35.88 46.67 26.53
CA GLY C 262 36.41 46.27 25.25
C GLY C 262 36.06 44.83 24.96
N VAL C 263 35.17 44.22 25.75
CA VAL C 263 34.89 42.79 25.62
C VAL C 263 33.39 42.60 25.71
N VAL C 264 32.82 41.92 24.72
CA VAL C 264 31.38 41.59 24.83
C VAL C 264 31.21 40.56 25.93
N PRO C 265 30.35 40.77 26.88
CA PRO C 265 30.16 39.77 27.93
C PRO C 265 29.55 38.48 27.37
N GLU C 266 29.86 37.36 28.02
CA GLU C 266 29.26 36.10 27.58
C GLU C 266 27.80 36.03 28.00
N LYS C 267 27.51 36.39 29.25
CA LYS C 267 26.16 36.36 29.80
C LYS C 267 25.95 37.62 30.63
N VAL C 268 24.76 38.22 30.54
CA VAL C 268 24.43 39.35 31.39
C VAL C 268 23.10 39.05 32.07
N ASP C 269 23.06 39.19 33.39
CA ASP C 269 21.82 39.01 34.13
C ASP C 269 20.84 40.11 33.69
N VAL C 270 19.69 39.68 33.17
CA VAL C 270 18.71 40.61 32.60
C VAL C 270 18.14 41.49 33.69
N ALA C 271 17.98 40.98 34.92
CA ALA C 271 17.32 41.75 35.96
C ALA C 271 18.28 42.66 36.70
N THR C 272 19.56 42.29 36.80
CA THR C 272 20.51 43.08 37.58
C THR C 272 21.56 43.77 36.74
N ALA C 273 21.69 43.44 35.45
CA ALA C 273 22.74 43.94 34.55
C ALA C 273 24.14 43.41 34.89
N GLN C 274 24.26 42.42 35.77
CA GLN C 274 25.59 41.93 36.15
C GLN C 274 26.14 41.04 35.04
N PRO C 275 27.31 41.34 34.49
CA PRO C 275 27.88 40.46 33.46
C PRO C 275 28.75 39.37 34.05
N ARG C 276 28.90 38.30 33.28
CA ARG C 276 29.88 37.27 33.65
C ARG C 276 30.39 36.62 32.38
N GLY C 277 31.71 36.39 32.34
CA GLY C 277 32.35 35.70 31.24
C GLY C 277 32.64 36.60 30.05
N ASP C 278 33.51 36.12 29.17
CA ASP C 278 33.86 36.84 27.95
C ASP C 278 33.24 36.07 26.79
N GLY C 279 32.52 36.77 25.93
CA GLY C 279 31.90 36.10 24.81
C GLY C 279 32.94 35.66 23.79
N PRO C 280 32.59 34.65 22.95
CA PRO C 280 33.51 34.22 21.87
C PRO C 280 33.58 35.25 20.76
N VAL C 281 34.44 34.99 19.76
CA VAL C 281 34.65 35.94 18.68
C VAL C 281 33.35 36.25 17.95
N GLY C 282 32.43 35.29 17.86
CA GLY C 282 31.17 35.55 17.17
C GLY C 282 30.39 36.67 17.83
N PHE C 283 30.53 36.82 19.15
CA PHE C 283 29.82 37.91 19.83
C PHE C 283 30.42 39.27 19.46
N ALA C 284 31.74 39.34 19.31
CA ALA C 284 32.37 40.56 18.80
C ALA C 284 31.83 40.91 17.42
N ALA C 285 31.75 39.92 16.49
CA ALA C 285 31.22 40.21 15.16
C ALA C 285 29.77 40.63 15.23
N ALA C 286 28.98 39.95 16.06
CA ALA C 286 27.56 40.21 16.13
C ALA C 286 27.28 41.64 16.53
N LEU C 287 28.17 42.24 17.33
CA LEU C 287 27.96 43.64 17.72
C LEU C 287 28.52 44.65 16.74
N LEU C 288 29.23 44.23 15.67
CA LEU C 288 29.69 45.24 14.73
C LEU C 288 28.58 46.12 14.18
N PRO C 289 27.42 45.60 13.74
CA PRO C 289 26.40 46.51 13.21
C PRO C 289 25.72 47.30 14.30
N PHE C 290 25.71 46.73 15.51
CA PHE C 290 25.02 47.32 16.66
C PHE C 290 25.75 48.52 17.22
N LEU C 291 27.08 48.43 17.33
CA LEU C 291 27.86 49.49 17.98
C LEU C 291 27.92 50.70 17.07
N GLN C 292 27.36 51.83 17.52
CA GLN C 292 27.34 53.04 16.70
C GLN C 292 28.62 53.87 16.86
N ASP C 293 29.35 53.70 17.97
CA ASP C 293 30.57 54.47 18.20
C ASP C 293 31.74 53.89 17.38
N ARG C 294 32.44 54.75 16.65
CA ARG C 294 33.51 54.32 15.76
CA ARG C 294 33.47 54.25 15.75
C ARG C 294 34.58 53.56 16.52
N ASP C 295 35.01 54.08 17.64
CA ASP C 295 36.08 53.42 18.38
C ASP C 295 35.67 52.07 18.95
N ALA C 296 34.48 52.00 19.58
CA ALA C 296 34.05 50.72 20.16
C ALA C 296 33.89 49.67 19.09
N GLN C 297 33.39 50.09 17.95
N GLN C 297 33.33 50.06 17.93
CA GLN C 297 33.22 49.15 16.90
CA GLN C 297 33.27 49.14 16.79
C GLN C 297 34.57 48.71 16.31
C GLN C 297 34.65 48.65 16.45
N ALA C 298 35.58 49.59 16.29
CA ALA C 298 36.91 49.23 15.81
C ALA C 298 37.61 48.25 16.73
N VAL C 299 37.39 48.39 18.06
CA VAL C 299 37.94 47.43 19.00
C VAL C 299 37.42 46.02 18.68
N GLN C 300 36.10 45.91 18.45
CA GLN C 300 35.57 44.57 18.11
C GLN C 300 36.07 44.09 16.75
N ARG C 301 36.21 45.02 15.79
CA ARG C 301 36.67 44.67 14.46
C ARG C 301 38.05 44.03 14.51
N GLN C 302 38.92 44.56 15.40
CA GLN C 302 40.25 43.99 15.58
C GLN C 302 40.17 42.54 16.06
N LYS C 303 39.29 42.29 17.03
CA LYS C 303 39.16 40.92 17.54
C LYS C 303 38.70 39.96 16.46
N VAL C 304 37.74 40.38 15.64
CA VAL C 304 37.26 39.50 14.57
C VAL C 304 38.37 39.25 13.56
N ALA C 305 39.14 40.29 13.23
CA ALA C 305 40.27 40.15 12.31
C ALA C 305 41.30 39.16 12.83
N ASP C 306 41.65 39.23 14.10
CA ASP C 306 42.80 38.49 14.61
C ASP C 306 42.42 37.13 15.15
N HIS C 307 41.13 36.89 15.38
CA HIS C 307 40.64 35.63 15.96
C HIS C 307 39.50 35.08 15.12
N PHE C 308 39.61 35.24 13.82
CA PHE C 308 38.55 34.82 12.92
C PHE C 308 38.20 33.35 13.15
N PRO C 309 36.93 32.98 13.20
CA PRO C 309 36.59 31.61 13.59
C PRO C 309 37.16 30.57 12.66
N GLY C 310 37.59 29.47 13.27
CA GLY C 310 38.11 28.33 12.57
C GLY C 310 37.01 27.44 12.03
N ASP C 311 37.43 26.22 11.69
CA ASP C 311 36.52 25.24 11.11
C ASP C 311 35.83 24.42 12.17
N ASP C 312 36.06 24.71 13.46
CA ASP C 312 35.49 24.00 14.60
C ASP C 312 34.57 24.88 15.43
N ALA C 313 33.91 25.84 14.79
CA ALA C 313 33.24 26.93 15.51
C ALA C 313 32.06 27.41 14.67
N TYR C 314 31.08 26.52 14.46
CA TYR C 314 29.89 26.83 13.67
C TYR C 314 29.23 28.14 14.11
N PHE C 315 28.95 28.28 15.41
CA PHE C 315 28.12 29.40 15.82
C PHE C 315 28.87 30.71 15.71
N SER C 316 30.14 30.76 16.12
CA SER C 316 30.89 31.99 15.88
C SER C 316 31.01 32.27 14.39
N TYR C 317 31.13 31.23 13.56
CA TYR C 317 31.27 31.49 12.14
C TYR C 317 30.01 32.14 11.56
N VAL C 318 28.83 31.62 11.89
CA VAL C 318 27.63 32.22 11.32
C VAL C 318 27.38 33.64 11.87
N LEU C 319 27.67 33.87 13.17
CA LEU C 319 27.55 35.24 13.70
C LEU C 319 28.51 36.16 12.96
N THR C 320 29.69 35.65 12.57
CA THR C 320 30.66 36.46 11.85
C THR C 320 30.22 36.72 10.42
N LEU C 321 29.65 35.71 9.73
CA LEU C 321 29.11 35.99 8.40
C LEU C 321 28.05 37.09 8.43
N PHE C 322 27.15 37.08 9.43
CA PHE C 322 26.22 38.20 9.57
C PHE C 322 26.95 39.52 9.91
N GLY C 323 27.74 39.52 10.99
CA GLY C 323 28.21 40.79 11.56
C GLY C 323 29.37 41.39 10.78
N GLN C 324 30.38 40.57 10.48
CA GLN C 324 31.43 41.01 9.58
C GLN C 324 30.91 41.22 8.17
N GLY C 325 29.99 40.36 7.70
CA GLY C 325 29.43 40.60 6.38
C GLY C 325 28.79 41.96 6.28
N TRP C 326 27.98 42.32 7.29
CA TRP C 326 27.34 43.62 7.26
C TRP C 326 28.41 44.72 7.35
N ASP C 327 29.38 44.52 8.23
CA ASP C 327 30.47 45.48 8.38
C ASP C 327 31.24 45.71 7.07
N GLU C 328 31.21 44.75 6.16
CA GLU C 328 31.87 44.82 4.87
C GLU C 328 30.89 45.11 3.75
N HIS C 329 29.67 45.55 4.07
CA HIS C 329 28.69 45.87 3.03
C HIS C 329 28.42 44.67 2.12
N ARG C 330 28.39 43.44 2.69
CA ARG C 330 28.09 42.27 1.87
C ARG C 330 26.61 42.17 1.56
N PHE C 331 25.77 42.89 2.32
CA PHE C 331 24.34 42.95 2.12
C PHE C 331 23.85 44.11 2.96
N ARG C 332 22.64 44.61 2.65
CA ARG C 332 21.95 45.59 3.48
C ARG C 332 20.48 45.22 3.46
N PHE C 333 19.73 45.79 4.40
CA PHE C 333 18.28 45.71 4.40
C PHE C 333 17.72 47.07 4.04
N THR C 334 16.67 47.09 3.23
CA THR C 334 15.97 48.32 2.87
C THR C 334 15.11 48.74 4.06
N PRO C 335 14.54 49.96 4.04
CA PRO C 335 13.68 50.37 5.17
C PRO C 335 12.50 49.43 5.40
N ARG C 336 12.04 48.73 4.37
CA ARG C 336 10.95 47.77 4.51
C ARG C 336 11.42 46.36 4.85
N GLY C 337 12.73 46.14 5.01
CA GLY C 337 13.17 44.82 5.40
C GLY C 337 13.42 43.89 4.23
N GLU C 338 13.46 44.42 3.02
CA GLU C 338 13.89 43.66 1.84
C GLU C 338 15.41 43.59 1.82
N LEU C 339 15.93 42.58 1.12
CA LEU C 339 17.36 42.59 0.84
C LEU C 339 17.68 43.67 -0.20
N GLN C 340 18.69 44.51 0.13
CA GLN C 340 19.34 45.39 -0.81
C GLN C 340 20.67 44.73 -1.14
N PRO C 341 20.75 43.99 -2.23
CA PRO C 341 21.94 43.17 -2.47
C PRO C 341 23.14 44.02 -2.89
N ASP C 342 24.33 43.51 -2.57
CA ASP C 342 25.62 44.03 -3.04
C ASP C 342 26.12 42.93 -3.97
N TRP C 343 25.56 42.89 -5.18
CA TRP C 343 25.89 41.85 -6.15
C TRP C 343 26.90 42.31 -7.22
N CYS D 6 -26.73 -8.74 24.47
CA CYS D 6 -25.41 -9.22 24.11
C CYS D 6 -24.91 -8.63 22.76
N THR D 7 -25.15 -9.29 21.62
CA THR D 7 -24.60 -8.84 20.33
C THR D 7 -25.66 -8.18 19.48
N TRP D 8 -25.18 -7.38 18.53
CA TRP D 8 -25.99 -6.76 17.50
C TRP D 8 -25.67 -7.50 16.21
N PRO D 9 -26.52 -8.41 15.74
CA PRO D 9 -26.12 -9.28 14.63
C PRO D 9 -25.67 -8.57 13.38
N ALA D 10 -26.35 -7.49 12.97
CA ALA D 10 -25.94 -6.82 11.74
C ALA D 10 -24.55 -6.18 11.89
N TRP D 11 -24.21 -5.74 13.11
CA TRP D 11 -22.87 -5.21 13.37
C TRP D 11 -21.84 -6.33 13.38
N GLU D 12 -22.16 -7.49 13.99
CA GLU D 12 -21.23 -8.61 13.94
C GLU D 12 -20.93 -8.97 12.49
N HIS D 13 -21.96 -8.98 11.66
CA HIS D 13 -21.70 -9.32 10.27
C HIS D 13 -20.88 -8.26 9.56
N PHE D 14 -21.18 -6.98 9.82
CA PHE D 14 -20.39 -5.91 9.22
C PHE D 14 -18.91 -6.05 9.57
N LYS D 15 -18.61 -6.34 10.84
CA LYS D 15 -17.20 -6.54 11.23
C LYS D 15 -16.55 -7.63 10.40
N ARG D 16 -17.25 -8.75 10.27
CA ARG D 16 -16.64 -9.88 9.54
C ARG D 16 -16.47 -9.56 8.05
N ALA D 17 -17.44 -8.87 7.43
CA ALA D 17 -17.45 -8.70 5.98
C ALA D 17 -16.74 -7.44 5.47
N TYR D 18 -16.66 -6.37 6.30
CA TYR D 18 -16.18 -5.09 5.84
C TYR D 18 -14.96 -4.56 6.57
N ILE D 19 -14.57 -5.13 7.70
CA ILE D 19 -13.46 -4.59 8.49
C ILE D 19 -12.28 -5.55 8.44
N SER D 20 -11.12 -5.01 8.10
CA SER D 20 -9.93 -5.84 8.04
C SER D 20 -9.49 -6.24 9.44
N ASP D 21 -8.66 -7.30 9.52
CA ASP D 21 -8.11 -7.69 10.81
C ASP D 21 -7.44 -6.52 11.50
N GLY D 22 -6.75 -5.66 10.71
CA GLY D 22 -6.07 -4.51 11.26
C GLY D 22 -6.95 -3.31 11.65
N GLY D 23 -8.24 -3.35 11.37
CA GLY D 23 -9.15 -2.30 11.81
C GLY D 23 -9.56 -1.27 10.78
N ARG D 24 -9.42 -1.55 9.49
CA ARG D 24 -9.83 -0.60 8.46
C ARG D 24 -11.11 -1.09 7.80
N VAL D 25 -12.07 -0.16 7.66
CA VAL D 25 -13.33 -0.41 6.97
C VAL D 25 -13.07 -0.29 5.47
N ILE D 26 -13.35 -1.35 4.72
CA ILE D 26 -13.05 -1.40 3.29
C ILE D 26 -14.32 -1.30 2.47
N ASP D 27 -14.37 -0.31 1.58
CA ASP D 27 -15.42 -0.20 0.58
C ASP D 27 -14.97 -1.09 -0.58
N PRO D 28 -15.61 -2.24 -0.75
CA PRO D 28 -15.16 -3.23 -1.76
C PRO D 28 -15.49 -2.87 -3.19
N SER D 29 -16.29 -1.84 -3.42
CA SER D 29 -16.74 -1.57 -4.78
CA SER D 29 -16.76 -1.50 -4.76
C SER D 29 -15.73 -0.75 -5.57
N ASP D 30 -14.72 -0.20 -4.90
CA ASP D 30 -13.67 0.60 -5.50
C ASP D 30 -12.48 -0.30 -5.79
N ALA D 31 -11.92 -0.17 -6.99
CA ALA D 31 -10.81 -1.04 -7.38
C ALA D 31 -9.58 -0.80 -6.49
N ARG D 32 -9.52 0.35 -5.84
CA ARG D 32 -8.44 0.72 -4.92
C ARG D 32 -8.66 0.23 -3.50
N LYS D 33 -9.79 -0.44 -3.25
CA LYS D 33 -10.11 -1.01 -1.93
C LYS D 33 -9.90 0.01 -0.82
N ILE D 34 -10.64 1.10 -0.93
CA ILE D 34 -10.38 2.28 -0.12
C ILE D 34 -10.90 2.09 1.30
N THR D 35 -10.27 2.83 2.21
CA THR D 35 -10.87 3.22 3.48
C THR D 35 -11.04 4.73 3.49
N THR D 36 -12.17 5.20 4.01
CA THR D 36 -12.37 6.62 4.22
C THR D 36 -12.39 6.93 5.70
N SER D 37 -12.03 8.16 6.05
CA SER D 37 -12.28 8.61 7.42
C SER D 37 -13.74 8.45 7.81
N GLU D 38 -14.67 8.66 6.87
CA GLU D 38 -16.09 8.46 7.17
C GLU D 38 -16.35 7.02 7.63
N GLY D 39 -15.85 6.04 6.86
CA GLY D 39 -16.07 4.64 7.24
C GLY D 39 -15.51 4.33 8.61
N GLN D 40 -14.28 4.84 8.89
CA GLN D 40 -13.73 4.68 10.23
C GLN D 40 -14.64 5.29 11.29
N SER D 41 -15.10 6.50 11.05
CA SER D 41 -15.90 7.20 12.06
C SER D 41 -17.20 6.46 12.34
N TYR D 42 -17.82 5.91 11.29
CA TYR D 42 -19.06 5.19 11.53
C TYR D 42 -18.78 3.90 12.29
N ALA D 43 -17.70 3.19 11.95
CA ALA D 43 -17.38 1.99 12.70
C ALA D 43 -17.11 2.30 14.16
N LEU D 44 -16.46 3.45 14.46
CA LEU D 44 -16.30 3.85 15.86
C LEU D 44 -17.65 4.01 16.54
N PHE D 45 -18.56 4.71 15.88
CA PHE D 45 -19.88 4.91 16.47
C PHE D 45 -20.57 3.58 16.72
N PHE D 46 -20.59 2.70 15.71
CA PHE D 46 -21.34 1.45 15.88
C PHE D 46 -20.68 0.59 16.94
N ALA D 47 -19.34 0.56 16.98
CA ALA D 47 -18.69 -0.19 18.04
C ALA D 47 -19.04 0.32 19.42
N LEU D 48 -19.09 1.65 19.60
CA LEU D 48 -19.53 2.19 20.88
C LEU D 48 -20.97 1.80 21.18
N ALA D 49 -21.88 1.95 20.20
CA ALA D 49 -23.27 1.59 20.39
C ALA D 49 -23.40 0.13 20.78
N ALA D 50 -22.56 -0.74 20.18
CA ALA D 50 -22.64 -2.17 20.49
C ALA D 50 -21.91 -2.58 21.75
N ASP D 51 -21.31 -1.62 22.49
CA ASP D 51 -20.48 -1.92 23.66
C ASP D 51 -19.32 -2.86 23.29
N ASP D 52 -18.69 -2.56 22.17
CA ASP D 52 -17.68 -3.42 21.56
C ASP D 52 -16.35 -2.68 21.64
N ARG D 53 -15.77 -2.63 22.83
CA ARG D 53 -14.53 -1.90 23.00
C ARG D 53 -13.37 -2.48 22.18
N PRO D 54 -13.21 -3.80 22.02
CA PRO D 54 -12.10 -4.30 21.19
C PRO D 54 -12.12 -3.78 19.76
N MET D 55 -13.29 -3.79 19.10
CA MET D 55 -13.34 -3.26 17.74
C MET D 55 -13.19 -1.74 17.70
N PHE D 56 -13.76 -1.04 18.69
CA PHE D 56 -13.55 0.39 18.83
C PHE D 56 -12.06 0.70 18.81
N ASP D 57 -11.30 0.00 19.66
CA ASP D 57 -9.86 0.26 19.73
C ASP D 57 -9.17 -0.12 18.44
N ASN D 58 -9.55 -1.25 17.83
CA ASN D 58 -8.89 -1.69 16.60
C ASN D 58 -9.06 -0.62 15.50
N VAL D 59 -10.29 -0.15 15.30
CA VAL D 59 -10.59 0.89 14.33
C VAL D 59 -9.91 2.20 14.71
N LEU D 60 -9.94 2.57 15.99
CA LEU D 60 -9.30 3.82 16.42
C LEU D 60 -7.82 3.81 16.11
N GLU D 61 -7.13 2.73 16.48
CA GLU D 61 -5.68 2.68 16.25
C GLU D 61 -5.37 2.72 14.77
N TRP D 62 -6.15 2.01 13.94
CA TRP D 62 -5.91 2.08 12.51
C TRP D 62 -6.05 3.51 12.00
N THR D 63 -7.11 4.20 12.44
CA THR D 63 -7.35 5.58 12.06
C THR D 63 -6.20 6.48 12.46
N LYS D 64 -5.79 6.37 13.72
CA LYS D 64 -4.68 7.19 14.21
C LYS D 64 -3.44 6.98 13.36
N ASP D 65 -3.06 5.72 13.15
CA ASP D 65 -1.76 5.42 12.55
C ASP D 65 -1.75 5.67 11.05
N ASN D 66 -2.84 5.40 10.34
CA ASN D 66 -2.83 5.46 8.89
C ASN D 66 -3.45 6.71 8.31
N LEU D 67 -4.34 7.38 9.04
CA LEU D 67 -4.93 8.62 8.54
C LEU D 67 -4.41 9.88 9.23
N ALA D 68 -3.87 9.77 10.45
CA ALA D 68 -3.65 10.93 11.31
C ALA D 68 -2.22 10.98 11.78
N GLN D 69 -1.31 10.30 11.07
CA GLN D 69 0.13 10.37 11.36
C GLN D 69 0.40 10.01 12.82
N GLY D 70 -0.45 9.15 13.37
CA GLY D 70 -0.37 8.73 14.76
C GLY D 70 -1.20 9.54 15.75
N ASP D 71 -1.72 10.72 15.38
CA ASP D 71 -2.31 11.59 16.40
C ASP D 71 -3.36 12.54 15.83
N PRO D 72 -4.64 12.15 15.90
CA PRO D 72 -5.72 13.05 15.44
C PRO D 72 -5.79 14.35 16.20
N GLY D 73 -5.20 14.42 17.40
CA GLY D 73 -5.17 15.68 18.12
C GLY D 73 -4.25 16.70 17.46
N GLU D 74 -3.25 16.21 16.70
CA GLU D 74 -2.30 17.06 15.99
C GLU D 74 -2.51 17.12 14.49
N HIS D 75 -3.23 16.16 13.92
CA HIS D 75 -3.42 16.01 12.47
C HIS D 75 -4.84 15.52 12.24
N LEU D 76 -5.66 16.32 11.55
CA LEU D 76 -6.99 15.85 11.18
C LEU D 76 -6.84 14.66 10.24
N PRO D 77 -7.67 13.64 10.38
CA PRO D 77 -7.51 12.44 9.54
C PRO D 77 -7.64 12.72 8.06
N ALA D 78 -6.67 12.21 7.28
CA ALA D 78 -6.83 12.20 5.83
C ALA D 78 -8.11 11.43 5.52
N TRP D 79 -8.84 11.87 4.49
CA TRP D 79 -10.16 11.30 4.25
C TRP D 79 -10.11 10.03 3.41
N LEU D 80 -9.04 9.79 2.64
CA LEU D 80 -9.03 8.74 1.63
C LEU D 80 -7.70 8.03 1.63
N TRP D 81 -7.73 6.69 1.77
CA TRP D 81 -6.57 5.80 1.84
C TRP D 81 -6.86 4.56 1.02
N GLY D 82 -5.85 4.06 0.31
CA GLY D 82 -6.03 2.87 -0.50
C GLY D 82 -4.86 2.65 -1.45
N LYS D 83 -5.13 1.87 -2.48
CA LYS D 83 -4.09 1.46 -3.43
C LYS D 83 -3.83 2.51 -4.49
N LYS D 84 -2.58 2.98 -4.56
CA LYS D 84 -2.09 3.80 -5.63
C LYS D 84 -1.08 2.96 -6.41
N ASP D 85 -1.05 3.15 -7.72
CA ASP D 85 0.02 2.61 -8.57
C ASP D 85 0.28 1.12 -8.34
N GLU D 86 -0.76 0.31 -8.54
CA GLU D 86 -0.67 -1.16 -8.52
C GLU D 86 -0.31 -1.83 -7.19
N ASN D 87 0.61 -1.24 -6.41
CA ASN D 87 1.00 -1.90 -5.16
C ASN D 87 1.42 -0.92 -4.05
N ASN D 88 1.00 0.36 -4.09
CA ASN D 88 1.38 1.40 -3.11
C ASN D 88 0.13 1.74 -2.29
N TRP D 89 0.04 1.21 -1.09
CA TRP D 89 -1.10 1.48 -0.21
C TRP D 89 -0.77 2.64 0.73
N THR D 90 -1.56 3.71 0.62
CA THR D 90 -1.12 4.96 1.22
C THR D 90 -2.30 5.94 1.21
N VAL D 91 -2.10 7.09 1.87
CA VAL D 91 -3.06 8.18 1.79
C VAL D 91 -3.17 8.64 0.35
N LEU D 92 -4.39 8.68 -0.17
CA LEU D 92 -4.70 9.09 -1.53
C LEU D 92 -5.09 10.54 -1.62
N ASP D 93 -5.60 11.08 -0.52
CA ASP D 93 -5.89 12.51 -0.45
C ASP D 93 -5.73 12.91 1.01
N SER D 94 -4.82 13.81 1.30
CA SER D 94 -4.51 14.19 2.69
C SER D 94 -5.53 15.14 3.31
N ASN D 95 -6.41 15.72 2.50
CA ASN D 95 -7.42 16.62 3.03
C ASN D 95 -8.36 15.88 3.97
N SER D 96 -8.97 16.64 4.87
CA SER D 96 -9.95 16.10 5.81
C SER D 96 -11.36 16.16 5.24
N ALA D 97 -12.22 15.30 5.81
CA ALA D 97 -13.67 15.38 5.62
C ALA D 97 -14.27 15.66 6.99
N SER D 98 -14.87 16.84 7.19
CA SER D 98 -15.18 17.21 8.57
C SER D 98 -16.31 16.39 9.17
N ASP D 99 -17.19 15.80 8.36
CA ASP D 99 -18.22 14.96 8.96
C ASP D 99 -17.57 13.82 9.71
N ALA D 100 -16.54 13.23 9.12
CA ALA D 100 -15.83 12.13 9.79
C ALA D 100 -15.11 12.66 11.03
N ASP D 101 -14.47 13.82 10.89
CA ASP D 101 -13.74 14.38 12.04
C ASP D 101 -14.69 14.56 13.21
N ILE D 102 -15.90 15.06 12.92
CA ILE D 102 -16.91 15.30 13.98
C ILE D 102 -17.36 13.98 14.60
N TRP D 103 -17.68 12.99 13.75
CA TRP D 103 -18.15 11.72 14.31
C TRP D 103 -17.06 11.03 15.14
N ILE D 104 -15.79 11.16 14.72
CA ILE D 104 -14.69 10.61 15.51
C ILE D 104 -14.58 11.34 16.85
N ALA D 105 -14.61 12.67 16.82
CA ALA D 105 -14.50 13.43 18.07
C ALA D 105 -15.62 13.08 19.03
N TRP D 106 -16.87 13.08 18.52
CA TRP D 106 -18.02 12.83 19.40
C TRP D 106 -17.97 11.39 19.91
N SER D 107 -17.59 10.44 19.04
CA SER D 107 -17.52 9.07 19.51
C SER D 107 -16.42 8.89 20.56
N LEU D 108 -15.28 9.59 20.41
CA LEU D 108 -14.24 9.52 21.42
C LEU D 108 -14.72 10.12 22.74
N LEU D 109 -15.39 11.28 22.69
CA LEU D 109 -15.85 11.93 23.92
C LEU D 109 -16.88 11.04 24.62
N GLU D 110 -17.78 10.42 23.84
CA GLU D 110 -18.80 9.56 24.45
C GLU D 110 -18.20 8.25 24.93
N ALA D 111 -17.22 7.68 24.21
CA ALA D 111 -16.54 6.50 24.70
C ALA D 111 -15.79 6.79 26.00
N GLY D 112 -15.13 7.94 26.08
CA GLY D 112 -14.42 8.30 27.31
C GLY D 112 -15.38 8.45 28.47
N ARG D 113 -16.54 9.05 28.22
CA ARG D 113 -17.51 9.21 29.31
C ARG D 113 -18.13 7.87 29.71
N LEU D 114 -18.59 7.08 28.73
CA LEU D 114 -19.32 5.88 29.08
C LEU D 114 -18.44 4.72 29.51
N TRP D 115 -17.24 4.61 28.95
CA TRP D 115 -16.30 3.59 29.38
C TRP D 115 -15.35 4.10 30.46
N LYS D 116 -15.49 5.36 30.87
CA LYS D 116 -14.67 5.94 31.92
C LYS D 116 -13.20 5.77 31.60
N GLU D 117 -12.83 6.27 30.44
CA GLU D 117 -11.49 6.14 29.92
C GLU D 117 -11.01 7.52 29.52
N ALA D 118 -10.22 8.14 30.40
CA ALA D 118 -9.75 9.51 30.17
C ALA D 118 -8.92 9.64 28.89
N ARG D 119 -8.23 8.57 28.47
CA ARG D 119 -7.46 8.62 27.23
C ARG D 119 -8.34 8.98 26.03
N TYR D 120 -9.55 8.43 25.98
CA TYR D 120 -10.45 8.77 24.89
C TYR D 120 -10.88 10.22 24.97
N THR D 121 -11.25 10.68 26.18
CA THR D 121 -11.67 12.07 26.37
C THR D 121 -10.57 13.04 25.95
N THR D 122 -9.33 12.77 26.37
CA THR D 122 -8.22 13.67 26.02
C THR D 122 -8.04 13.76 24.53
N LEU D 123 -8.09 12.61 23.83
CA LEU D 123 -7.96 12.66 22.38
C LEU D 123 -9.16 13.34 21.71
N GLY D 124 -10.38 13.04 22.16
CA GLY D 124 -11.54 13.67 21.57
C GLY D 124 -11.50 15.18 21.73
N ASN D 125 -11.07 15.66 22.90
CA ASN D 125 -10.96 17.10 23.14
C ASN D 125 -9.91 17.74 22.24
N ALA D 126 -8.73 17.08 22.07
CA ALA D 126 -7.70 17.62 21.20
C ALA D 126 -8.17 17.64 19.76
N LEU D 127 -8.88 16.60 19.31
CA LEU D 127 -9.37 16.57 17.93
C LEU D 127 -10.44 17.62 17.72
N LEU D 128 -11.35 17.76 18.67
CA LEU D 128 -12.38 18.79 18.56
C LEU D 128 -11.78 20.19 18.47
N ASN D 129 -10.77 20.46 19.30
CA ASN D 129 -10.14 21.77 19.25
C ASN D 129 -9.48 21.97 17.91
N ARG D 130 -8.89 20.91 17.35
CA ARG D 130 -8.27 21.01 16.02
C ARG D 130 -9.31 21.23 14.93
N ILE D 131 -10.49 20.59 15.07
CA ILE D 131 -11.56 20.86 14.13
C ILE D 131 -11.91 22.34 14.14
N ALA D 132 -12.13 22.90 15.35
CA ALA D 132 -12.45 24.33 15.45
C ALA D 132 -11.33 25.17 14.82
N LYS D 133 -10.07 24.75 15.00
CA LYS D 133 -8.96 25.57 14.54
C LYS D 133 -8.84 25.56 13.03
N GLU D 134 -9.08 24.39 12.40
CA GLU D 134 -8.71 24.19 11.00
C GLU D 134 -9.85 24.20 10.01
N GLU D 135 -11.08 23.91 10.44
CA GLU D 135 -12.17 23.80 9.48
C GLU D 135 -13.46 24.43 9.98
N VAL D 136 -13.38 25.35 10.94
CA VAL D 136 -14.49 26.23 11.30
C VAL D 136 -14.02 27.63 10.98
N VAL D 137 -14.83 28.39 10.24
CA VAL D 137 -14.46 29.76 9.89
C VAL D 137 -15.68 30.66 10.05
N THR D 138 -15.41 31.95 10.26
CA THR D 138 -16.48 32.93 10.37
C THR D 138 -16.87 33.45 8.99
N VAL D 139 -18.11 33.20 8.58
CA VAL D 139 -18.60 33.64 7.29
C VAL D 139 -19.45 34.89 7.48
N PRO D 140 -19.15 35.99 6.80
CA PRO D 140 -19.98 37.21 6.96
C PRO D 140 -21.43 36.95 6.54
N GLY D 141 -22.37 37.36 7.40
CA GLY D 141 -23.77 37.10 7.19
C GLY D 141 -24.28 35.87 7.91
N LEU D 142 -23.40 34.92 8.22
CA LEU D 142 -23.80 33.71 8.94
C LEU D 142 -23.21 33.63 10.34
N GLY D 143 -21.91 33.87 10.49
CA GLY D 143 -21.22 33.52 11.71
C GLY D 143 -20.34 32.31 11.49
N PRO D 144 -19.90 31.65 12.57
CA PRO D 144 -19.08 30.44 12.40
C PRO D 144 -19.82 29.39 11.59
N MET D 145 -19.09 28.72 10.69
CA MET D 145 -19.64 27.62 9.90
C MET D 145 -18.58 26.52 9.82
N LEU D 146 -19.05 25.28 9.73
CA LEU D 146 -18.19 24.11 9.56
C LEU D 146 -17.94 23.89 8.08
N LEU D 147 -16.69 24.04 7.65
CA LEU D 147 -16.34 23.72 6.27
C LEU D 147 -16.30 22.19 6.10
N PRO D 148 -16.59 21.68 4.89
CA PRO D 148 -16.53 20.23 4.67
C PRO D 148 -15.13 19.65 4.73
N GLY D 149 -14.09 20.47 4.70
CA GLY D 149 -12.73 19.98 4.77
C GLY D 149 -11.80 21.13 5.05
N LYS D 150 -10.57 20.80 5.46
CA LYS D 150 -9.68 21.88 5.89
C LYS D 150 -9.16 22.71 4.71
N VAL D 151 -9.19 22.18 3.49
CA VAL D 151 -8.92 22.96 2.28
C VAL D 151 -9.98 22.69 1.22
N GLY D 152 -10.19 23.66 0.33
CA GLY D 152 -10.95 23.45 -0.87
C GLY D 152 -12.41 23.87 -0.87
N PHE D 153 -12.90 24.44 0.23
CA PHE D 153 -14.32 24.78 0.35
C PHE D 153 -14.54 26.23 0.68
N ALA D 154 -13.49 27.03 0.76
CA ALA D 154 -13.65 28.43 1.11
C ALA D 154 -12.97 29.30 0.08
N GLU D 155 -13.71 30.25 -0.51
CA GLU D 155 -12.81 31.26 -1.01
C GLU D 155 -13.14 32.67 -0.59
N GLU D 156 -12.50 33.72 -1.14
CA GLU D 156 -12.70 34.92 -0.31
C GLU D 156 -14.17 35.32 -0.18
N THR D 157 -15.01 35.12 -1.22
CA THR D 157 -16.41 35.58 -1.20
C THR D 157 -17.44 34.46 -1.34
N VAL D 158 -17.01 33.21 -1.43
CA VAL D 158 -17.94 32.09 -1.60
C VAL D 158 -17.43 30.91 -0.80
N TRP D 159 -18.36 30.18 -0.18
CA TRP D 159 -18.08 29.01 0.64
C TRP D 159 -19.03 27.90 0.21
N ARG D 160 -18.59 26.66 0.37
CA ARG D 160 -19.42 25.50 0.02
C ARG D 160 -19.57 24.59 1.22
N LEU D 161 -20.81 24.20 1.56
CA LEU D 161 -21.15 23.47 2.76
C LEU D 161 -21.88 22.19 2.38
N ASN D 162 -21.93 21.28 3.34
CA ASN D 162 -22.60 19.99 3.16
C ASN D 162 -23.55 19.81 4.35
N PRO D 163 -24.86 20.03 4.14
CA PRO D 163 -25.84 19.94 5.24
C PRO D 163 -25.81 18.67 6.07
N SER D 164 -25.38 17.54 5.49
CA SER D 164 -25.32 16.30 6.22
C SER D 164 -24.18 16.21 7.22
N TYR D 165 -23.26 17.20 7.23
CA TYR D 165 -22.01 16.99 7.96
C TYR D 165 -22.09 17.21 9.47
N LEU D 166 -23.07 17.95 10.01
CA LEU D 166 -23.13 18.18 11.45
C LEU D 166 -24.50 17.73 11.93
N PRO D 167 -24.65 16.52 12.44
CA PRO D 167 -25.98 16.09 12.92
C PRO D 167 -26.43 17.03 14.02
N PRO D 168 -27.72 17.44 14.01
CA PRO D 168 -28.18 18.37 15.06
C PRO D 168 -27.94 17.87 16.47
N GLN D 169 -28.08 16.57 16.72
CA GLN D 169 -27.86 16.07 18.06
C GLN D 169 -26.41 16.19 18.47
N ILE D 170 -25.49 15.97 17.52
CA ILE D 170 -24.08 16.19 17.84
C ILE D 170 -23.78 17.65 18.05
N ALA D 171 -24.34 18.52 17.20
CA ALA D 171 -24.19 19.97 17.47
C ALA D 171 -24.61 20.33 18.88
N ARG D 172 -25.77 19.83 19.32
CA ARG D 172 -26.22 20.13 20.69
CA ARG D 172 -26.21 20.14 20.68
C ARG D 172 -25.22 19.63 21.70
N TYR D 173 -24.73 18.40 21.53
CA TYR D 173 -23.78 17.87 22.51
C TYR D 173 -22.56 18.78 22.60
N LEU D 174 -22.02 19.20 21.45
CA LEU D 174 -20.75 19.92 21.47
C LEU D 174 -20.87 21.30 22.06
N THR D 175 -22.09 21.88 22.15
CA THR D 175 -22.18 23.19 22.83
C THR D 175 -21.58 23.18 24.23
N ARG D 176 -21.47 22.03 24.89
CA ARG D 176 -20.88 22.03 26.22
C ARG D 176 -19.45 22.54 26.21
N PHE D 177 -18.77 22.55 25.07
CA PHE D 177 -17.39 23.01 24.97
C PHE D 177 -17.30 24.48 24.66
N GLY D 178 -18.42 25.20 24.65
CA GLY D 178 -18.41 26.64 24.43
C GLY D 178 -18.17 26.97 22.96
N GLU D 179 -17.78 28.21 22.72
CA GLU D 179 -17.62 28.67 21.34
C GLU D 179 -16.42 27.95 20.70
N PRO D 180 -16.49 27.69 19.39
CA PRO D 180 -17.52 28.13 18.44
C PRO D 180 -18.74 27.24 18.40
N TRP D 181 -18.71 26.16 19.19
CA TRP D 181 -19.78 25.17 19.11
C TRP D 181 -21.13 25.75 19.52
N THR D 182 -21.16 26.62 20.54
CA THR D 182 -22.45 27.17 20.95
C THR D 182 -23.13 27.83 19.76
N THR D 183 -22.38 28.66 19.05
CA THR D 183 -22.96 29.38 17.92
C THR D 183 -23.11 28.48 16.69
N LEU D 184 -22.20 27.52 16.52
CA LEU D 184 -22.30 26.60 15.37
C LEU D 184 -23.62 25.85 15.39
N GLN D 185 -24.11 25.55 16.58
CA GLN D 185 -25.38 24.85 16.65
C GLN D 185 -26.46 25.67 15.97
N GLU D 186 -26.42 26.99 16.16
CA GLU D 186 -27.44 27.88 15.60
C GLU D 186 -27.24 28.05 14.11
N THR D 187 -25.99 28.25 13.67
CA THR D 187 -25.82 28.45 12.23
C THR D 187 -26.08 27.17 11.46
N ASN D 188 -25.80 26.00 12.09
CA ASN D 188 -26.12 24.73 11.47
C ASN D 188 -27.63 24.60 11.29
N HIS D 189 -28.39 25.04 12.30
CA HIS D 189 -29.84 25.02 12.18
C HIS D 189 -30.31 25.90 11.02
N ARG D 190 -29.67 27.07 10.85
CA ARG D 190 -29.99 27.95 9.73
C ARG D 190 -29.67 27.27 8.40
N LEU D 191 -28.47 26.63 8.32
CA LEU D 191 -28.10 25.90 7.12
C LEU D 191 -29.17 24.88 6.75
N LEU D 192 -29.61 24.10 7.74
CA LEU D 192 -30.57 23.04 7.44
C LEU D 192 -31.91 23.61 6.99
N LEU D 193 -32.38 24.67 7.68
CA LEU D 193 -33.71 25.19 7.34
C LEU D 193 -33.68 25.95 6.03
N GLU D 194 -32.67 26.79 5.83
CA GLU D 194 -32.73 27.78 4.76
C GLU D 194 -32.37 27.21 3.39
N THR D 195 -31.75 26.05 3.34
CA THR D 195 -31.31 25.52 2.05
C THR D 195 -32.23 24.42 1.54
N ALA D 196 -33.41 24.26 2.15
CA ALA D 196 -34.39 23.27 1.71
C ALA D 196 -35.70 23.97 1.33
N PRO D 197 -35.67 24.83 0.29
CA PRO D 197 -36.83 25.68 0.00
C PRO D 197 -38.07 24.93 -0.44
N LYS D 198 -37.92 23.71 -0.95
CA LYS D 198 -39.05 22.87 -1.31
C LYS D 198 -39.14 21.63 -0.42
N GLY D 199 -38.45 21.65 0.73
CA GLY D 199 -38.51 20.53 1.65
C GLY D 199 -37.46 19.46 1.47
N PHE D 200 -36.51 19.66 0.55
CA PHE D 200 -35.44 18.72 0.25
C PHE D 200 -34.11 19.40 0.51
N SER D 201 -33.25 18.72 1.26
CA SER D 201 -31.95 19.29 1.63
C SER D 201 -30.93 18.93 0.56
N PRO D 202 -30.03 19.84 0.20
CA PRO D 202 -29.04 19.55 -0.85
C PRO D 202 -27.84 18.79 -0.30
N ASP D 203 -27.26 17.99 -1.20
CA ASP D 203 -25.98 17.34 -0.92
C ASP D 203 -24.91 18.38 -0.58
N TRP D 204 -24.84 19.44 -1.39
CA TRP D 204 -23.84 20.51 -1.29
C TRP D 204 -24.55 21.81 -1.62
N VAL D 205 -24.13 22.90 -0.97
CA VAL D 205 -24.74 24.19 -1.24
C VAL D 205 -23.71 25.27 -1.01
N ARG D 206 -23.76 26.29 -1.85
CA ARG D 206 -22.85 27.44 -1.76
C ARG D 206 -23.55 28.62 -1.11
N TYR D 207 -22.75 29.42 -0.40
CA TYR D 207 -23.15 30.70 0.17
C TYR D 207 -22.20 31.75 -0.37
N GLU D 208 -22.74 32.84 -0.87
CA GLU D 208 -21.91 33.92 -1.43
C GLU D 208 -22.14 35.17 -0.60
N LYS D 209 -21.06 35.88 -0.20
CA LYS D 209 -21.21 37.13 0.56
C LYS D 209 -22.17 37.98 -0.25
N SER D 210 -23.05 38.71 0.43
CA SER D 210 -23.92 39.72 -0.19
C SER D 210 -25.01 39.18 -1.12
N LYS D 211 -25.04 37.89 -1.41
CA LYS D 211 -26.11 37.31 -2.20
C LYS D 211 -26.81 36.16 -1.47
N GLY D 212 -26.15 35.56 -0.50
CA GLY D 212 -26.79 34.52 0.29
C GLY D 212 -26.66 33.15 -0.36
N TRP D 213 -27.60 32.29 0.03
CA TRP D 213 -27.57 30.90 -0.43
C TRP D 213 -27.78 30.81 -1.93
N GLN D 214 -27.00 29.95 -2.57
CA GLN D 214 -27.07 29.78 -4.01
C GLN D 214 -27.99 28.61 -4.28
N LEU D 215 -29.29 28.92 -4.42
CA LEU D 215 -30.32 27.89 -4.54
C LEU D 215 -30.93 27.78 -5.92
N ALA D 216 -30.32 28.39 -6.95
CA ALA D 216 -30.90 28.28 -8.28
C ALA D 216 -30.84 26.83 -8.78
N PRO D 217 -31.78 26.43 -9.65
CA PRO D 217 -31.81 25.05 -10.15
C PRO D 217 -30.49 24.61 -10.76
N ASP D 218 -30.12 23.36 -10.47
CA ASP D 218 -28.84 22.81 -10.88
C ASP D 218 -28.90 21.29 -10.84
N LYS D 219 -28.23 20.62 -11.79
CA LYS D 219 -28.14 19.16 -11.78
C LYS D 219 -27.48 18.68 -10.51
N THR D 220 -26.65 19.53 -9.91
CA THR D 220 -25.87 19.19 -8.73
C THR D 220 -26.45 19.72 -7.41
N LEU D 221 -27.52 20.52 -7.41
CA LEU D 221 -28.15 20.95 -6.14
C LEU D 221 -29.30 19.98 -5.92
N ILE D 222 -28.99 18.84 -5.32
CA ILE D 222 -29.93 17.72 -5.26
C ILE D 222 -29.84 17.08 -3.89
N SER D 223 -30.98 16.54 -3.44
CA SER D 223 -30.98 15.65 -2.30
C SER D 223 -30.63 14.26 -2.81
N GLY D 224 -29.40 13.82 -2.52
CA GLY D 224 -28.93 12.52 -3.01
C GLY D 224 -28.27 11.72 -1.91
N TYR D 225 -27.08 11.20 -2.20
CA TYR D 225 -26.34 10.27 -1.35
C TYR D 225 -25.69 10.94 -0.15
N ALA D 226 -25.49 12.27 -0.18
CA ALA D 226 -25.04 12.92 1.04
C ALA D 226 -26.24 13.31 1.88
N ALA D 227 -27.20 14.01 1.25
CA ALA D 227 -28.33 14.62 1.96
C ALA D 227 -29.30 13.60 2.52
N ILE D 228 -29.30 12.35 2.05
CA ILE D 228 -30.18 11.34 2.66
C ILE D 228 -29.91 11.28 4.16
N ARG D 229 -28.67 11.56 4.57
N ARG D 229 -28.66 11.54 4.57
CA ARG D 229 -28.36 11.47 5.99
CA ARG D 229 -28.34 11.47 5.98
C ARG D 229 -28.94 12.61 6.79
C ARG D 229 -28.95 12.60 6.79
N VAL D 230 -29.27 13.75 6.18
CA VAL D 230 -29.94 14.84 6.92
C VAL D 230 -31.23 14.33 7.53
N TYR D 231 -32.06 13.65 6.70
CA TYR D 231 -33.33 13.15 7.22
C TYR D 231 -33.10 12.14 8.33
N LEU D 232 -32.08 11.29 8.14
CA LEU D 232 -31.73 10.27 9.12
C LEU D 232 -31.35 10.92 10.43
N TRP D 233 -30.44 11.91 10.41
CA TRP D 233 -30.06 12.52 11.70
C TRP D 233 -31.28 13.14 12.37
N VAL D 234 -32.11 13.86 11.58
CA VAL D 234 -33.28 14.52 12.17
C VAL D 234 -34.21 13.49 12.81
N GLY D 235 -34.47 12.39 12.10
CA GLY D 235 -35.31 11.34 12.65
C GLY D 235 -34.81 10.76 13.96
N MET D 236 -33.48 10.68 14.12
CA MET D 236 -32.90 10.14 15.33
C MET D 236 -32.70 11.17 16.43
N MET D 237 -33.08 12.43 16.22
CA MET D 237 -33.06 13.37 17.36
C MET D 237 -34.06 12.90 18.41
N ASN D 238 -33.73 13.12 19.66
CA ASN D 238 -34.72 12.86 20.70
C ASN D 238 -35.94 13.79 20.56
N ASP D 239 -37.12 13.23 20.80
CA ASP D 239 -38.33 14.06 20.73
C ASP D 239 -38.29 15.23 21.70
N HIS D 240 -37.53 15.13 22.78
CA HIS D 240 -37.43 16.22 23.75
C HIS D 240 -36.38 17.26 23.38
N ASP D 241 -35.74 17.14 22.19
CA ASP D 241 -34.99 18.27 21.65
C ASP D 241 -36.00 19.23 21.04
N ALA D 242 -36.08 20.46 21.61
CA ALA D 242 -37.03 21.45 21.15
C ALA D 242 -36.91 21.83 19.69
N GLN D 243 -35.79 21.52 19.05
CA GLN D 243 -35.59 21.91 17.68
C GLN D 243 -35.96 20.82 16.68
N LYS D 244 -36.27 19.61 17.16
CA LYS D 244 -36.60 18.54 16.23
C LYS D 244 -37.82 18.85 15.39
N ALA D 245 -38.89 19.38 16.03
CA ALA D 245 -40.14 19.54 15.30
C ALA D 245 -39.98 20.48 14.09
N SER D 246 -39.21 21.57 14.23
CA SER D 246 -39.05 22.50 13.12
C SER D 246 -38.34 21.87 11.94
N LEU D 247 -37.38 20.99 12.23
CA LEU D 247 -36.65 20.32 11.15
C LEU D 247 -37.53 19.27 10.48
N LEU D 248 -38.33 18.51 11.27
CA LEU D 248 -39.27 17.60 10.63
C LEU D 248 -40.26 18.36 9.75
N GLU D 249 -40.75 19.49 10.21
CA GLU D 249 -41.73 20.22 9.42
C GLU D 249 -41.11 20.71 8.12
N ARG D 250 -39.91 21.28 8.20
CA ARG D 250 -39.27 21.77 6.98
CA ARG D 250 -39.27 21.77 6.98
C ARG D 250 -39.08 20.66 5.95
N LEU D 251 -38.73 19.46 6.41
CA LEU D 251 -38.35 18.36 5.52
C LEU D 251 -39.51 17.42 5.23
N LYS D 252 -40.71 17.77 5.69
CA LYS D 252 -41.85 16.90 5.52
C LYS D 252 -42.07 16.48 4.06
N PRO D 253 -41.81 17.32 3.05
CA PRO D 253 -42.05 16.84 1.68
C PRO D 253 -41.31 15.57 1.33
N MET D 254 -40.14 15.30 1.94
CA MET D 254 -39.45 14.04 1.65
C MET D 254 -40.23 12.85 2.22
N ALA D 255 -40.82 13.03 3.40
CA ALA D 255 -41.67 11.97 3.96
C ALA D 255 -42.92 11.79 3.12
N ALA D 256 -43.54 12.90 2.67
CA ALA D 256 -44.76 12.78 1.88
C ALA D 256 -44.47 12.10 0.54
N LEU D 257 -43.35 12.45 -0.11
CA LEU D 257 -43.02 11.89 -1.41
C LEU D 257 -42.68 10.41 -1.29
N THR D 258 -41.89 10.05 -0.26
CA THR D 258 -41.59 8.64 -0.02
C THR D 258 -42.87 7.86 0.23
N ALA D 259 -43.79 8.38 1.06
CA ALA D 259 -45.02 7.63 1.35
C ALA D 259 -45.87 7.48 0.11
N LYS D 260 -45.93 8.51 -0.73
CA LYS D 260 -46.77 8.50 -1.91
C LYS D 260 -46.32 7.42 -2.86
N LYS D 261 -45.01 7.35 -3.11
CA LYS D 261 -44.51 6.38 -4.07
C LYS D 261 -44.15 5.04 -3.45
N GLY D 262 -44.13 4.94 -2.11
CA GLY D 262 -43.64 3.77 -1.42
C GLY D 262 -42.15 3.53 -1.61
N VAL D 263 -41.42 4.48 -2.19
CA VAL D 263 -40.02 4.33 -2.52
C VAL D 263 -39.34 5.64 -2.23
N VAL D 264 -38.19 5.58 -1.56
CA VAL D 264 -37.39 6.80 -1.37
C VAL D 264 -36.76 7.18 -2.70
N PRO D 265 -36.91 8.42 -3.17
CA PRO D 265 -36.27 8.80 -4.43
C PRO D 265 -34.75 8.80 -4.31
N GLU D 266 -34.11 8.54 -5.46
CA GLU D 266 -32.64 8.55 -5.45
C GLU D 266 -32.10 9.96 -5.40
N LYS D 267 -32.65 10.85 -6.23
CA LYS D 267 -32.19 12.23 -6.30
C LYS D 267 -33.43 13.11 -6.37
N VAL D 268 -33.45 14.21 -5.61
CA VAL D 268 -34.54 15.17 -5.75
C VAL D 268 -33.93 16.52 -6.02
N ASP D 269 -34.39 17.17 -7.08
CA ASP D 269 -33.91 18.53 -7.38
C ASP D 269 -34.36 19.48 -6.26
N VAL D 270 -33.40 20.13 -5.59
CA VAL D 270 -33.73 20.95 -4.42
C VAL D 270 -34.56 22.17 -4.78
N ALA D 271 -34.35 22.72 -5.98
CA ALA D 271 -35.03 23.96 -6.35
C ALA D 271 -36.45 23.72 -6.86
N THR D 272 -36.71 22.56 -7.48
CA THR D 272 -38.00 22.26 -8.08
C THR D 272 -38.75 21.14 -7.39
N ALA D 273 -38.10 20.38 -6.50
CA ALA D 273 -38.68 19.19 -5.84
C ALA D 273 -38.92 18.02 -6.80
N GLN D 274 -38.38 18.07 -8.01
CA GLN D 274 -38.63 17.00 -8.97
C GLN D 274 -37.72 15.81 -8.69
N PRO D 275 -38.28 14.62 -8.47
CA PRO D 275 -37.46 13.44 -8.16
C PRO D 275 -37.04 12.65 -9.39
N ARG D 276 -35.96 11.90 -9.24
CA ARG D 276 -35.55 10.95 -10.26
C ARG D 276 -34.87 9.75 -9.63
N GLY D 277 -35.26 8.56 -10.11
CA GLY D 277 -34.63 7.34 -9.67
C GLY D 277 -35.20 6.82 -8.38
N ASP D 278 -34.87 5.57 -8.08
CA ASP D 278 -35.26 4.92 -6.83
C ASP D 278 -33.99 4.72 -6.01
N GLY D 279 -34.03 5.13 -4.74
CA GLY D 279 -32.85 4.96 -3.92
C GLY D 279 -32.58 3.51 -3.60
N PRO D 280 -31.34 3.21 -3.21
CA PRO D 280 -31.01 1.84 -2.77
C PRO D 280 -31.60 1.53 -1.41
N VAL D 281 -31.44 0.29 -0.95
CA VAL D 281 -32.06 -0.14 0.32
C VAL D 281 -31.58 0.71 1.48
N GLY D 282 -30.34 1.24 1.41
CA GLY D 282 -29.87 2.08 2.49
C GLY D 282 -30.71 3.33 2.67
N PHE D 283 -31.28 3.87 1.57
CA PHE D 283 -32.15 5.04 1.72
C PHE D 283 -33.44 4.69 2.44
N ALA D 284 -34.00 3.50 2.16
CA ALA D 284 -35.16 3.02 2.90
C ALA D 284 -34.85 2.95 4.39
N ALA D 285 -33.71 2.36 4.76
CA ALA D 285 -33.34 2.28 6.16
C ALA D 285 -33.10 3.66 6.74
N ALA D 286 -32.44 4.55 5.98
CA ALA D 286 -32.11 5.88 6.49
C ALA D 286 -33.35 6.64 6.88
N LEU D 287 -34.47 6.38 6.20
CA LEU D 287 -35.69 7.10 6.53
C LEU D 287 -36.52 6.42 7.61
N LEU D 288 -36.13 5.25 8.08
CA LEU D 288 -36.94 4.65 9.16
C LEU D 288 -37.07 5.59 10.36
N PRO D 289 -36.03 6.22 10.90
CA PRO D 289 -36.26 7.10 12.06
C PRO D 289 -37.02 8.34 11.65
N PHE D 290 -36.85 8.81 10.40
CA PHE D 290 -37.43 10.08 9.94
C PHE D 290 -38.94 9.97 9.75
N LEU D 291 -39.43 8.86 9.18
CA LEU D 291 -40.86 8.70 8.89
C LEU D 291 -41.63 8.52 10.19
N GLN D 292 -42.54 9.47 10.45
CA GLN D 292 -43.35 9.49 11.67
C GLN D 292 -44.63 8.66 11.52
N ASP D 293 -45.09 8.45 10.30
CA ASP D 293 -46.33 7.71 10.06
C ASP D 293 -46.03 6.21 10.14
N ARG D 294 -46.85 5.49 10.87
CA ARG D 294 -46.62 4.06 11.12
CA ARG D 294 -46.53 4.08 11.11
C ARG D 294 -46.61 3.25 9.83
N ASP D 295 -47.60 3.50 8.97
CA ASP D 295 -47.68 2.71 7.75
C ASP D 295 -46.52 3.02 6.80
N ALA D 296 -46.16 4.30 6.61
CA ALA D 296 -45.06 4.63 5.69
C ALA D 296 -43.76 4.02 6.18
N GLN D 297 -43.57 4.05 7.48
N GLN D 297 -43.53 4.11 7.49
CA GLN D 297 -42.36 3.47 8.01
CA GLN D 297 -42.37 3.43 8.10
C GLN D 297 -42.35 1.94 7.86
C GLN D 297 -42.39 1.96 7.74
N ALA D 298 -43.53 1.31 7.98
CA ALA D 298 -43.61 -0.15 7.83
C ALA D 298 -43.35 -0.60 6.39
N VAL D 299 -43.76 0.21 5.41
CA VAL D 299 -43.43 -0.09 4.01
C VAL D 299 -41.92 -0.10 3.81
N GLN D 300 -41.23 0.93 4.33
CA GLN D 300 -39.77 0.91 4.21
C GLN D 300 -39.14 -0.22 5.01
N ARG D 301 -39.72 -0.55 6.17
CA ARG D 301 -39.17 -1.62 7.01
C ARG D 301 -39.19 -2.95 6.27
N GLN D 302 -40.27 -3.18 5.51
CA GLN D 302 -40.36 -4.39 4.71
C GLN D 302 -39.25 -4.43 3.69
N LYS D 303 -38.94 -3.30 3.03
CA LYS D 303 -37.88 -3.31 2.01
C LYS D 303 -36.53 -3.66 2.65
N VAL D 304 -36.24 -3.08 3.81
CA VAL D 304 -34.98 -3.35 4.49
C VAL D 304 -34.91 -4.81 4.91
N ALA D 305 -36.03 -5.37 5.37
CA ALA D 305 -36.07 -6.77 5.78
C ALA D 305 -35.79 -7.70 4.59
N ASP D 306 -36.39 -7.43 3.44
CA ASP D 306 -36.32 -8.35 2.31
C ASP D 306 -35.15 -8.09 1.36
N HIS D 307 -34.51 -6.94 1.42
CA HIS D 307 -33.41 -6.59 0.54
C HIS D 307 -32.22 -6.12 1.38
N PHE D 308 -31.99 -6.78 2.51
CA PHE D 308 -30.94 -6.34 3.42
C PHE D 308 -29.61 -6.29 2.66
N PRO D 309 -28.79 -5.25 2.86
CA PRO D 309 -27.58 -5.08 2.04
C PRO D 309 -26.62 -6.26 2.17
N GLY D 310 -26.03 -6.59 1.03
CA GLY D 310 -25.02 -7.62 0.94
C GLY D 310 -23.66 -7.12 1.37
N ASP D 311 -22.65 -7.90 0.98
CA ASP D 311 -21.26 -7.61 1.32
C ASP D 311 -20.58 -6.75 0.27
N ASP D 312 -21.31 -6.34 -0.76
CA ASP D 312 -20.82 -5.53 -1.87
C ASP D 312 -21.49 -4.16 -1.87
N ALA D 313 -21.89 -3.67 -0.69
CA ALA D 313 -22.77 -2.51 -0.59
C ALA D 313 -22.44 -1.75 0.70
N TYR D 314 -21.23 -1.21 0.78
CA TYR D 314 -20.76 -0.51 1.98
C TYR D 314 -21.72 0.58 2.44
N PHE D 315 -22.12 1.46 1.51
CA PHE D 315 -22.86 2.64 1.91
C PHE D 315 -24.27 2.28 2.35
N SER D 316 -24.95 1.42 1.61
CA SER D 316 -26.26 0.99 2.13
C SER D 316 -26.10 0.26 3.44
N TYR D 317 -25.00 -0.49 3.64
CA TYR D 317 -24.85 -1.18 4.91
C TYR D 317 -24.72 -0.19 6.07
N VAL D 318 -23.89 0.85 5.94
CA VAL D 318 -23.78 1.76 7.09
C VAL D 318 -25.06 2.55 7.28
N LEU D 319 -25.73 2.94 6.19
CA LEU D 319 -27.05 3.58 6.38
C LEU D 319 -28.04 2.67 7.10
N THR D 320 -27.96 1.37 6.83
CA THR D 320 -28.83 0.41 7.48
C THR D 320 -28.46 0.22 8.95
N LEU D 321 -27.17 0.18 9.28
CA LEU D 321 -26.79 0.09 10.68
C LEU D 321 -27.36 1.28 11.45
N PHE D 322 -27.27 2.49 10.89
CA PHE D 322 -27.90 3.64 11.56
C PHE D 322 -29.43 3.48 11.62
N GLY D 323 -30.06 3.33 10.45
CA GLY D 323 -31.52 3.47 10.42
C GLY D 323 -32.27 2.27 10.96
N GLN D 324 -31.88 1.06 10.51
CA GLN D 324 -32.41 -0.14 11.14
C GLN D 324 -31.93 -0.28 12.58
N GLY D 325 -30.68 0.07 12.90
CA GLY D 325 -30.28 0.02 14.28
C GLY D 325 -31.14 0.90 15.16
N TRP D 326 -31.44 2.12 14.73
CA TRP D 326 -32.31 2.96 15.53
C TRP D 326 -33.72 2.38 15.60
N ASP D 327 -34.23 1.87 14.45
CA ASP D 327 -35.56 1.25 14.43
C ASP D 327 -35.65 0.08 15.40
N GLU D 328 -34.53 -0.56 15.73
CA GLU D 328 -34.46 -1.67 16.66
C GLU D 328 -33.93 -1.27 18.02
N HIS D 329 -33.93 0.03 18.34
CA HIS D 329 -33.50 0.48 19.67
C HIS D 329 -32.08 0.02 19.98
N ARG D 330 -31.21 -0.03 18.98
CA ARG D 330 -29.83 -0.42 19.24
C ARG D 330 -29.06 0.69 19.92
N PHE D 331 -29.55 1.93 19.85
CA PHE D 331 -28.99 3.13 20.48
C PHE D 331 -30.06 4.20 20.41
N ARG D 332 -29.89 5.21 21.25
CA ARG D 332 -30.71 6.43 21.21
C ARG D 332 -29.79 7.61 21.49
N PHE D 333 -30.28 8.81 21.19
CA PHE D 333 -29.63 10.04 21.61
C PHE D 333 -30.49 10.72 22.67
N THR D 334 -29.88 11.31 23.70
CA THR D 334 -30.63 12.12 24.65
C THR D 334 -30.93 13.48 24.01
N PRO D 335 -31.80 14.29 24.59
CA PRO D 335 -32.00 15.63 24.03
C PRO D 335 -30.78 16.53 24.15
N ARG D 336 -29.88 16.20 25.07
CA ARG D 336 -28.65 16.94 25.21
C ARG D 336 -27.58 16.45 24.22
N GLY D 337 -27.90 15.46 23.40
CA GLY D 337 -27.01 14.99 22.36
C GLY D 337 -26.06 13.89 22.78
N GLU D 338 -26.21 13.31 23.97
CA GLU D 338 -25.42 12.15 24.39
C GLU D 338 -25.91 10.86 23.77
N LEU D 339 -25.03 9.88 23.65
CA LEU D 339 -25.48 8.53 23.39
C LEU D 339 -26.18 8.00 24.65
N GLN D 340 -27.36 7.44 24.45
CA GLN D 340 -28.09 6.73 25.50
C GLN D 340 -28.00 5.28 25.08
N PRO D 341 -27.06 4.52 25.62
CA PRO D 341 -26.79 3.18 25.08
C PRO D 341 -27.83 2.16 25.48
N ASP D 342 -27.97 1.15 24.63
CA ASP D 342 -28.80 -0.02 24.91
C ASP D 342 -27.81 -1.16 25.08
N TRP D 343 -27.19 -1.21 26.26
CA TRP D 343 -26.15 -2.21 26.52
C TRP D 343 -26.66 -3.41 27.32
#